data_7QE2
#
_entry.id   7QE2
#
_cell.length_a   63.230
_cell.length_b   82.180
_cell.length_c   93.180
_cell.angle_alpha   66.740
_cell.angle_beta   89.260
_cell.angle_gamma   89.340
#
_symmetry.space_group_name_H-M   'P 1'
#
loop_
_entity.id
_entity.type
_entity.pdbx_description
1 polymer SN243
2 non-polymer 'beta-D-glucopyranuronic acid'
3 non-polymer 'ACETATE ION'
4 non-polymer 'ZINC ION'
5 non-polymer 'SULFATE ION'
6 water water
#
_entity_poly.entity_id   1
_entity_poly.type   'polypeptide(L)'
_entity_poly.pdbx_seq_one_letter_code
;SATTPPGDLEQPELEARVKEIIEVDGYQFRDLNDNGELDPYEDWRLPTPERVADLVGQMSLVEKSGLMLINTLNAACDPQ
TGEFGVLPAQADNYINTQHMHRFVFRNVVDVRAEGVECTGTGTPVVSPAEAATFTNAVQEMSEATRLGIPSLFKSNARNH
IDPDARVGINEAAGAFSAFPKEAGIAAAALGEQARRTGEATTGDMSVVADFADVMGEEWASIGLRGMYGYMADLSTEPRW
YRTHETFTEDAYLAAEIMETLVQTLQGEELTDNGLALSPQTRVALTLKHFPGGGPQELGLDPHYAFGKAQVYPAGRFEEH
FLPFQAAIDAGVSSIMPYYGVPVDVPVVGGEPGETYPHTGFAFSDSIVNGLLRDQLGFTGYVNSDTGIINDRAWGLEGNT
VPERVAAAINGGTDTLSGFSDVSVITDLYEADLISEERIDLAAERLLEPLFDMGLFENPYVDPDVATATVGADDHRAVGL
DLQRKSLVLLQNEETDEGPVLPLKEGGDVYILGDFTEETVESYGYEVTNGNVAEGEERPSAAGSDYVLISMTAKTNAGDY
VSDDPSLGLNPDHGTNPSVIIGDDGEPLPGLDGQSLWGAADVCVHKEGHEENPSCTDNRLRFGGAYPWESSILDFTGMEA
AESWEVVPSLETIQEVMAEVEDPSKVILHVYFRQPYVLDEESGLRDAGAILAGFGMTDTALMDVLTGAYAPQGKLPFALA
GTREAIIEQDSDRPGYDETEDGALYPFGYGLTYEDDTEE
;
_entity_poly.pdbx_strand_id   A,B
#
# COMPACT_ATOMS: atom_id res chain seq x y z
N GLU A 10 21.11 20.73 24.42
CA GLU A 10 21.25 22.18 24.44
C GLU A 10 21.19 22.78 23.04
N GLN A 11 22.17 22.43 22.19
CA GLN A 11 22.37 23.14 20.93
C GLN A 11 21.43 22.63 19.85
N PRO A 12 20.53 23.46 19.34
CA PRO A 12 19.62 23.00 18.27
C PRO A 12 20.32 23.02 16.92
N GLU A 13 19.89 22.11 16.05
CA GLU A 13 20.48 22.07 14.72
C GLU A 13 20.15 23.33 13.95
N LEU A 14 21.09 23.81 13.15
CA LEU A 14 20.86 24.97 12.32
C LEU A 14 21.14 24.63 10.86
N GLU A 15 20.51 25.37 9.96
CA GLU A 15 20.86 25.26 8.55
C GLU A 15 20.71 26.65 7.94
N ALA A 16 21.70 27.03 7.13
CA ALA A 16 21.73 28.31 6.46
C ALA A 16 22.23 28.11 5.04
N ARG A 17 21.50 28.65 4.08
CA ARG A 17 21.92 28.61 2.69
C ARG A 17 22.35 29.96 2.16
N VAL A 18 22.13 31.04 2.92
CA VAL A 18 22.46 32.38 2.45
C VAL A 18 23.31 33.08 3.51
N LYS A 19 22.81 33.12 4.75
CA LYS A 19 23.50 33.76 5.84
C LYS A 19 24.52 32.81 6.45
N GLU A 20 25.47 33.38 7.20
CA GLU A 20 26.55 32.60 7.80
C GLU A 20 26.23 32.20 9.24
N ILE A 21 26.90 31.15 9.70
CA ILE A 21 26.83 30.69 11.08
C ILE A 21 27.99 31.30 11.86
N ILE A 22 27.68 31.80 13.06
CA ILE A 22 28.68 32.33 13.98
C ILE A 22 28.58 31.46 15.22
N GLU A 23 29.66 31.37 15.97
CA GLU A 23 29.59 30.79 17.30
C GLU A 23 30.23 31.62 18.37
N VAL A 24 29.55 31.60 19.51
CA VAL A 24 29.73 32.46 20.67
C VAL A 24 29.45 31.65 21.92
N ASP A 25 30.37 31.73 22.90
CA ASP A 25 30.29 30.96 24.13
C ASP A 25 30.19 29.46 23.85
N GLY A 26 30.89 29.01 22.81
CA GLY A 26 30.88 27.60 22.49
C GLY A 26 29.60 27.08 21.86
N TYR A 27 28.70 27.97 21.46
CA TYR A 27 27.44 27.62 20.82
C TYR A 27 27.35 28.29 19.46
N GLN A 28 26.54 27.74 18.55
CA GLN A 28 26.43 28.30 17.20
C GLN A 28 25.04 28.89 16.95
N PHE A 29 25.01 29.90 16.09
CA PHE A 29 23.86 30.76 15.87
C PHE A 29 23.86 31.21 14.41
N ARG A 30 22.69 31.55 13.89
CA ARG A 30 22.57 32.04 12.52
C ARG A 30 22.64 33.56 12.53
N ASP A 31 23.60 34.13 11.78
CA ASP A 31 23.78 35.58 11.72
C ASP A 31 22.85 36.16 10.65
N LEU A 32 21.58 36.30 11.04
CA LEU A 32 20.52 36.52 10.06
C LEU A 32 20.47 37.94 9.52
N ASN A 33 21.01 38.93 10.25
CA ASN A 33 21.11 40.30 9.73
C ASN A 33 22.44 40.59 9.06
N ASP A 34 23.36 39.63 9.03
CA ASP A 34 24.63 39.75 8.32
C ASP A 34 25.45 40.92 8.83
N ASN A 35 25.48 41.08 10.15
CA ASN A 35 26.30 42.12 10.74
C ASN A 35 27.59 41.56 11.31
N GLY A 36 27.68 40.25 11.50
CA GLY A 36 28.84 39.60 12.07
C GLY A 36 28.81 39.41 13.57
N GLU A 37 27.71 39.72 14.24
CA GLU A 37 27.63 39.66 15.71
C GLU A 37 26.37 38.92 16.10
N LEU A 38 26.23 38.62 17.38
CA LEU A 38 25.12 37.84 17.90
C LEU A 38 24.09 38.82 18.43
N ASP A 39 23.03 39.12 17.62
CA ASP A 39 21.93 39.89 18.15
C ASP A 39 21.04 39.00 19.00
N PRO A 40 20.32 39.59 19.96
CA PRO A 40 19.44 38.78 20.81
C PRO A 40 18.37 38.00 20.04
N TYR A 41 17.85 38.51 18.91
CA TYR A 41 16.81 37.76 18.23
C TYR A 41 17.36 36.51 17.55
N GLU A 42 18.65 36.50 17.22
CA GLU A 42 19.33 35.30 16.74
C GLU A 42 19.81 34.41 17.88
N ASP A 43 19.61 34.83 19.12
CA ASP A 43 20.19 34.15 20.28
C ASP A 43 19.11 33.25 20.87
N TRP A 44 19.16 31.97 20.47
CA TRP A 44 18.14 31.00 20.88
C TRP A 44 18.18 30.66 22.36
N ARG A 45 19.22 31.09 23.08
CA ARG A 45 19.22 30.87 24.52
C ARG A 45 18.19 31.76 25.22
N LEU A 46 17.84 32.91 24.62
CA LEU A 46 16.96 33.87 25.26
C LEU A 46 15.49 33.44 25.15
N PRO A 47 14.69 33.78 26.14
CA PRO A 47 13.24 33.58 26.01
C PRO A 47 12.68 34.34 24.81
N THR A 48 11.64 33.75 24.22
CA THR A 48 11.04 34.31 23.00
C THR A 48 10.67 35.78 23.13
N PRO A 49 10.04 36.27 24.21
CA PRO A 49 9.73 37.70 24.27
C PRO A 49 10.94 38.60 24.09
N GLU A 50 12.12 38.19 24.58
CA GLU A 50 13.32 39.00 24.39
C GLU A 50 13.81 38.92 22.94
N ARG A 51 13.68 37.74 22.32
CA ARG A 51 14.06 37.64 20.90
C ARG A 51 13.13 38.48 20.04
N VAL A 52 11.83 38.47 20.35
CA VAL A 52 10.87 39.24 19.56
C VAL A 52 11.12 40.74 19.75
N ALA A 53 11.17 41.20 21.00
CA ALA A 53 11.47 42.61 21.28
C ALA A 53 12.68 43.11 20.49
N ASP A 54 13.76 42.33 20.50
CA ASP A 54 14.95 42.70 19.75
C ASP A 54 14.69 42.73 18.24
N LEU A 55 13.94 41.74 17.72
CA LEU A 55 13.65 41.74 16.29
C LEU A 55 12.73 42.88 15.90
N VAL A 56 11.65 43.08 16.64
CA VAL A 56 10.72 44.15 16.32
C VAL A 56 11.43 45.50 16.46
N GLY A 57 12.43 45.59 17.33
CA GLY A 57 13.17 46.84 17.47
C GLY A 57 13.92 47.25 16.22
N GLN A 58 14.39 46.30 15.42
CA GLN A 58 15.18 46.61 14.24
C GLN A 58 14.40 46.63 12.93
N MET A 59 13.09 46.41 12.94
CA MET A 59 12.36 46.36 11.67
C MET A 59 11.86 47.74 11.27
N SER A 60 12.05 48.07 9.99
CA SER A 60 11.36 49.20 9.41
C SER A 60 9.84 49.01 9.52
N LEU A 61 9.11 50.10 9.27
CA LEU A 61 7.66 50.04 9.35
C LEU A 61 7.09 49.08 8.31
N VAL A 62 7.62 49.11 7.09
CA VAL A 62 7.10 48.28 6.01
C VAL A 62 7.43 46.81 6.25
N GLU A 63 8.59 46.51 6.84
CA GLU A 63 8.89 45.12 7.19
C GLU A 63 7.94 44.62 8.26
N LYS A 64 7.57 45.47 9.22
CA LYS A 64 6.56 45.10 10.20
C LYS A 64 5.18 44.95 9.56
N SER A 65 4.86 45.79 8.58
CA SER A 65 3.53 45.72 7.97
C SER A 65 3.39 44.54 7.01
N GLY A 66 4.50 44.05 6.44
CA GLY A 66 4.45 42.88 5.58
C GLY A 66 4.05 41.61 6.32
N LEU A 67 4.37 41.53 7.62
CA LEU A 67 3.92 40.39 8.41
C LEU A 67 2.39 40.27 8.48
N MET A 68 1.66 41.34 8.20
CA MET A 68 0.22 41.37 8.37
C MET A 68 -0.52 40.95 7.10
N LEU A 69 0.17 40.27 6.20
CA LEU A 69 -0.39 39.80 4.94
C LEU A 69 -0.12 38.30 4.82
N ILE A 70 -1.09 37.57 4.28
CA ILE A 70 -0.90 36.16 3.94
C ILE A 70 -1.64 35.87 2.65
N ASN A 71 -0.94 35.26 1.69
CA ASN A 71 -1.49 35.11 0.36
C ASN A 71 -1.04 33.81 -0.26
N THR A 72 -1.79 33.37 -1.27
CA THR A 72 -1.46 32.16 -2.00
C THR A 72 -0.08 32.24 -2.63
N LEU A 73 0.74 31.23 -2.39
CA LEU A 73 2.02 31.10 -3.08
C LEU A 73 2.21 29.62 -3.43
N ASN A 74 1.86 29.26 -4.66
CA ASN A 74 1.85 27.89 -5.12
C ASN A 74 3.15 27.58 -5.85
N ALA A 75 3.58 26.33 -5.77
CA ALA A 75 4.68 25.89 -6.62
C ALA A 75 4.24 25.96 -8.09
N ALA A 76 5.21 26.21 -8.94
CA ALA A 76 5.06 26.30 -10.38
C ALA A 76 5.98 25.26 -11.04
N CYS A 77 5.91 25.20 -12.37
CA CYS A 77 6.73 24.30 -13.17
C CYS A 77 7.44 25.09 -14.26
N ASP A 78 8.60 24.61 -14.68
CA ASP A 78 9.34 25.25 -15.74
C ASP A 78 9.12 24.52 -17.05
N PRO A 79 8.57 25.18 -18.07
CA PRO A 79 8.32 24.48 -19.35
C PRO A 79 9.59 24.10 -20.10
N GLN A 80 10.73 24.72 -19.79
CA GLN A 80 11.98 24.46 -20.50
C GLN A 80 12.91 23.46 -19.80
N THR A 81 12.90 23.36 -18.47
CA THR A 81 13.74 22.39 -17.76
C THR A 81 13.03 21.06 -17.54
N GLY A 82 11.70 21.05 -17.45
CA GLY A 82 10.96 19.90 -16.97
C GLY A 82 10.89 19.77 -15.47
N GLU A 83 11.43 20.72 -14.71
CA GLU A 83 11.38 20.64 -13.25
C GLU A 83 10.05 21.17 -12.72
N PHE A 84 9.46 20.41 -11.81
CA PHE A 84 8.28 20.82 -11.06
C PHE A 84 8.73 21.21 -9.66
N GLY A 85 8.11 22.24 -9.11
CA GLY A 85 8.47 22.72 -7.80
C GLY A 85 9.38 23.92 -7.84
N VAL A 86 9.21 24.79 -8.81
CA VAL A 86 9.95 26.02 -8.91
C VAL A 86 9.08 27.16 -8.39
N LEU A 87 9.71 28.30 -8.14
CA LEU A 87 9.02 29.45 -7.57
C LEU A 87 8.11 30.12 -8.59
N PRO A 88 6.93 30.57 -8.20
CA PRO A 88 6.08 31.32 -9.13
C PRO A 88 6.58 32.74 -9.32
N ALA A 89 5.93 33.45 -10.24
CA ALA A 89 6.35 34.81 -10.60
C ALA A 89 6.23 35.78 -9.42
N GLN A 90 5.12 35.72 -8.68
CA GLN A 90 4.85 36.66 -7.60
C GLN A 90 5.74 36.45 -6.37
N ALA A 91 6.60 35.42 -6.36
CA ALA A 91 7.43 35.15 -5.18
C ALA A 91 8.38 36.31 -4.88
N ASP A 92 8.98 36.89 -5.91
CA ASP A 92 9.92 38.00 -5.71
C ASP A 92 9.17 39.21 -5.17
N ASN A 93 8.04 39.53 -5.79
CA ASN A 93 7.22 40.65 -5.32
C ASN A 93 6.79 40.46 -3.87
N TYR A 94 6.19 39.31 -3.56
CA TYR A 94 5.63 39.12 -2.22
C TYR A 94 6.71 39.20 -1.15
N ILE A 95 7.85 38.57 -1.39
CA ILE A 95 8.88 38.48 -0.36
C ILE A 95 9.71 39.77 -0.30
N ASN A 96 10.07 40.32 -1.45
CA ASN A 96 11.06 41.38 -1.48
C ASN A 96 10.46 42.77 -1.60
N THR A 97 9.28 42.89 -2.20
CA THR A 97 8.58 44.16 -2.30
C THR A 97 7.51 44.34 -1.23
N GLN A 98 6.70 43.30 -0.96
CA GLN A 98 5.67 43.37 0.07
C GLN A 98 6.14 42.89 1.44
N HIS A 99 7.29 42.23 1.51
CA HIS A 99 7.88 41.76 2.77
C HIS A 99 6.99 40.76 3.51
N MET A 100 6.36 39.85 2.77
CA MET A 100 5.50 38.84 3.37
C MET A 100 6.32 37.64 3.85
N HIS A 101 5.89 37.06 4.97
CA HIS A 101 6.45 35.80 5.42
C HIS A 101 5.40 34.73 5.70
N ARG A 102 4.15 34.94 5.30
CA ARG A 102 3.11 33.94 5.48
C ARG A 102 2.43 33.68 4.14
N PHE A 103 2.18 32.38 3.84
CA PHE A 103 1.71 31.94 2.54
C PHE A 103 0.76 30.76 2.67
N VAL A 104 -0.08 30.58 1.64
CA VAL A 104 -1.02 29.47 1.53
C VAL A 104 -0.59 28.61 0.35
N PHE A 105 -0.30 27.35 0.63
CA PHE A 105 0.19 26.40 -0.37
C PHE A 105 -0.98 25.53 -0.81
N ARG A 106 -1.39 25.64 -2.07
CA ARG A 106 -2.64 25.00 -2.51
C ARG A 106 -2.47 23.90 -3.54
N ASN A 107 -1.23 23.58 -3.95
CA ASN A 107 -1.05 22.51 -4.93
C ASN A 107 -1.52 21.16 -4.39
N VAL A 108 -2.07 20.35 -5.29
CA VAL A 108 -2.21 18.93 -4.99
C VAL A 108 -0.82 18.30 -4.92
N VAL A 109 -0.55 17.55 -3.85
CA VAL A 109 0.68 16.77 -3.74
C VAL A 109 0.35 15.32 -4.08
N ASP A 110 0.93 14.84 -5.18
CA ASP A 110 0.69 13.51 -5.72
C ASP A 110 1.77 13.26 -6.75
N VAL A 111 1.81 12.04 -7.28
CA VAL A 111 2.68 11.73 -8.40
C VAL A 111 1.88 11.94 -9.68
N ARG A 112 2.45 12.68 -10.62
CA ARG A 112 1.80 12.95 -11.89
C ARG A 112 1.85 11.72 -12.77
N ALA A 113 0.83 11.53 -13.59
CA ALA A 113 0.90 10.43 -14.54
C ALA A 113 2.02 10.66 -15.56
N GLU A 114 2.69 9.56 -16.00
CA GLU A 114 2.79 9.29 -17.45
C GLU A 114 2.24 10.33 -18.39
N GLY A 115 3.17 11.06 -19.02
CA GLY A 115 2.91 11.98 -20.10
C GLY A 115 2.67 13.40 -19.70
N VAL A 116 2.44 13.68 -18.42
CA VAL A 116 2.11 15.02 -17.99
C VAL A 116 3.33 15.91 -18.14
N GLU A 117 3.19 16.97 -18.92
CA GLU A 117 4.26 17.95 -19.07
C GLU A 117 3.76 19.30 -18.57
N CYS A 118 4.70 20.16 -18.22
CA CYS A 118 4.31 21.49 -17.75
C CYS A 118 3.74 22.32 -18.88
N THR A 119 2.49 22.77 -18.69
CA THR A 119 1.66 23.56 -19.60
C THR A 119 0.32 23.93 -18.98
N GLY A 120 -0.17 25.13 -19.28
CA GLY A 120 -1.45 25.59 -18.81
C GLY A 120 -1.33 26.61 -17.69
N THR A 121 -2.39 27.42 -17.57
CA THR A 121 -2.51 28.39 -16.50
C THR A 121 -2.50 27.73 -15.13
N GLY A 122 -2.82 26.44 -15.06
CA GLY A 122 -3.11 25.79 -13.81
C GLY A 122 -2.02 25.73 -12.76
N THR A 123 -2.39 25.10 -11.65
CA THR A 123 -1.54 24.84 -10.51
C THR A 123 -1.03 23.42 -10.68
N PRO A 124 0.24 23.23 -11.00
CA PRO A 124 0.71 21.87 -11.27
C PRO A 124 0.59 20.99 -10.04
N VAL A 125 0.43 19.69 -10.28
CA VAL A 125 0.55 18.67 -9.24
C VAL A 125 2.04 18.46 -8.97
N VAL A 126 2.40 18.32 -7.70
CA VAL A 126 3.80 18.19 -7.32
C VAL A 126 3.99 17.00 -6.38
N SER A 127 5.06 16.28 -6.57
CA SER A 127 5.41 15.20 -5.70
C SER A 127 5.81 15.73 -4.32
N PRO A 128 5.82 14.86 -3.30
CA PRO A 128 6.30 15.29 -1.97
C PRO A 128 7.69 15.91 -2.01
N ALA A 129 8.65 15.27 -2.70
CA ALA A 129 9.99 15.86 -2.80
C ALA A 129 9.97 17.21 -3.51
N GLU A 130 9.17 17.33 -4.58
CA GLU A 130 9.08 18.61 -5.27
C GLU A 130 8.41 19.68 -4.40
N ALA A 131 7.43 19.28 -3.60
CA ALA A 131 6.81 20.21 -2.65
C ALA A 131 7.83 20.72 -1.64
N ALA A 132 8.65 19.82 -1.10
CA ALA A 132 9.66 20.21 -0.12
C ALA A 132 10.71 21.12 -0.75
N THR A 133 11.09 20.82 -1.99
CA THR A 133 12.04 21.66 -2.73
C THR A 133 11.48 23.07 -2.93
N PHE A 134 10.20 23.17 -3.29
CA PHE A 134 9.56 24.47 -3.44
C PHE A 134 9.55 25.25 -2.13
N THR A 135 9.08 24.64 -1.04
CA THR A 135 8.98 25.39 0.21
C THR A 135 10.37 25.75 0.76
N ASN A 136 11.37 24.87 0.58
CA ASN A 136 12.75 25.21 0.90
C ASN A 136 13.21 26.44 0.11
N ALA A 137 12.89 26.49 -1.17
CA ALA A 137 13.30 27.62 -1.99
C ALA A 137 12.71 28.92 -1.48
N VAL A 138 11.44 28.89 -1.04
CA VAL A 138 10.86 30.08 -0.45
C VAL A 138 11.56 30.42 0.85
N GLN A 139 11.89 29.40 1.65
CA GLN A 139 12.65 29.65 2.87
C GLN A 139 14.01 30.23 2.53
N GLU A 140 14.60 29.77 1.43
CA GLU A 140 15.90 30.29 1.00
C GLU A 140 15.78 31.76 0.64
N MET A 141 14.73 32.11 -0.13
CA MET A 141 14.48 33.51 -0.45
C MET A 141 14.17 34.33 0.81
N SER A 142 13.52 33.72 1.81
CA SER A 142 13.24 34.43 3.06
C SER A 142 14.52 34.71 3.85
N GLU A 143 15.38 33.71 3.99
CA GLU A 143 16.65 33.90 4.68
C GLU A 143 17.48 34.99 4.00
N ALA A 144 17.36 35.09 2.67
CA ALA A 144 18.11 36.09 1.93
C ALA A 144 17.64 37.52 2.17
N THR A 145 16.50 37.72 2.85
CA THR A 145 16.10 39.09 3.14
C THR A 145 17.01 39.70 4.21
N ARG A 146 16.84 41.01 4.40
CA ARG A 146 17.77 41.79 5.24
C ARG A 146 17.96 41.17 6.61
N LEU A 147 16.86 40.85 7.31
CA LEU A 147 16.92 40.19 8.62
C LEU A 147 16.68 38.68 8.54
N GLY A 148 16.54 38.15 7.33
CA GLY A 148 16.39 36.69 7.15
C GLY A 148 15.31 36.04 8.00
N ILE A 149 14.19 36.73 8.21
CA ILE A 149 13.07 36.10 8.93
C ILE A 149 12.56 34.93 8.09
N PRO A 150 12.26 33.77 8.67
CA PRO A 150 11.77 32.64 7.90
C PRO A 150 10.29 32.81 7.58
N SER A 151 9.75 31.89 6.79
CA SER A 151 8.37 31.90 6.32
C SER A 151 7.59 30.72 6.89
N LEU A 152 6.27 30.86 6.87
CA LEU A 152 5.34 29.83 7.32
C LEU A 152 4.30 29.60 6.24
N PHE A 153 4.11 28.34 5.86
CA PHE A 153 3.09 27.94 4.89
C PHE A 153 1.90 27.35 5.63
N LYS A 154 0.70 27.78 5.25
CA LYS A 154 -0.57 27.20 5.69
C LYS A 154 -1.24 26.49 4.52
N SER A 155 -2.23 25.66 4.83
CA SER A 155 -2.99 24.94 3.80
C SER A 155 -4.29 24.46 4.40
N ASN A 156 -5.29 24.29 3.54
CA ASN A 156 -6.50 23.58 3.91
C ASN A 156 -6.19 22.08 4.01
N ALA A 157 -7.19 21.32 4.45
CA ALA A 157 -7.00 19.91 4.75
C ALA A 157 -6.63 19.14 3.48
N ARG A 158 -5.87 18.06 3.69
CA ARG A 158 -5.30 17.29 2.59
C ARG A 158 -5.44 15.77 2.71
N ASN A 159 -5.86 15.25 3.86
CA ASN A 159 -5.77 13.82 4.13
C ASN A 159 -7.11 13.11 4.03
N HIS A 160 -8.07 13.67 3.29
CA HIS A 160 -9.41 13.14 3.24
C HIS A 160 -9.77 12.69 1.82
N ILE A 161 -10.36 11.50 1.74
CA ILE A 161 -10.96 11.04 0.49
C ILE A 161 -12.08 11.97 0.07
N ASP A 162 -12.09 12.38 -1.21
CA ASP A 162 -13.23 13.07 -1.82
C ASP A 162 -14.20 12.06 -2.42
N PRO A 163 -15.38 11.84 -1.83
CA PRO A 163 -16.32 10.87 -2.44
C PRO A 163 -17.02 11.38 -3.70
N ALA A 173 -5.72 12.25 0.14
CA ALA A 173 -5.85 12.88 -1.18
C ALA A 173 -4.50 12.98 -1.84
N GLY A 174 -4.39 12.40 -3.03
CA GLY A 174 -3.10 12.39 -3.69
C GLY A 174 -2.16 11.42 -3.01
N ALA A 175 -0.94 11.88 -2.73
CA ALA A 175 0.04 11.06 -2.03
C ALA A 175 -0.13 11.08 -0.51
N PHE A 176 -0.77 12.11 0.07
CA PHE A 176 -1.04 12.06 1.50
C PHE A 176 -1.92 10.86 1.80
N SER A 177 -1.80 10.34 3.03
CA SER A 177 -2.59 9.17 3.40
C SER A 177 -4.06 9.53 3.56
N ALA A 178 -4.92 8.66 3.04
CA ALA A 178 -6.34 8.94 2.82
C ALA A 178 -7.16 8.47 4.02
N PHE A 179 -7.92 9.39 4.58
CA PHE A 179 -8.83 9.14 5.68
C PHE A 179 -10.23 9.52 5.22
N PRO A 180 -11.27 9.06 5.92
CA PRO A 180 -12.61 9.57 5.67
C PRO A 180 -12.70 11.07 5.94
N LYS A 181 -13.80 11.64 5.48
CA LYS A 181 -14.10 13.03 5.78
C LYS A 181 -14.22 13.24 7.28
N GLU A 182 -14.17 14.52 7.69
CA GLU A 182 -14.15 14.90 9.09
C GLU A 182 -15.26 14.23 9.90
N ALA A 183 -16.48 14.25 9.38
CA ALA A 183 -17.60 13.61 10.05
C ALA A 183 -17.42 12.10 10.13
N GLY A 184 -16.71 11.52 9.16
CA GLY A 184 -16.39 10.11 9.28
C GLY A 184 -15.44 9.82 10.42
N ILE A 185 -14.49 10.72 10.67
CA ILE A 185 -13.60 10.52 11.81
C ILE A 185 -14.38 10.60 13.11
N ALA A 186 -15.31 11.55 13.21
CA ALA A 186 -16.16 11.64 14.40
C ALA A 186 -17.07 10.42 14.52
N ALA A 187 -17.65 9.97 13.41
CA ALA A 187 -18.43 8.75 13.46
C ALA A 187 -17.59 7.58 13.97
N ALA A 188 -16.33 7.50 13.55
CA ALA A 188 -15.49 6.40 14.02
C ALA A 188 -15.20 6.53 15.50
N ALA A 189 -14.93 7.76 15.97
CA ALA A 189 -14.63 7.98 17.37
C ALA A 189 -15.82 7.63 18.25
N LEU A 190 -17.03 8.08 17.88
CA LEU A 190 -18.23 7.71 18.64
C LEU A 190 -18.47 6.20 18.62
N GLY A 191 -18.19 5.56 17.49
CA GLY A 191 -18.46 4.12 17.38
C GLY A 191 -17.53 3.30 18.25
N GLU A 192 -16.30 3.77 18.45
CA GLU A 192 -15.33 3.04 19.25
C GLU A 192 -15.53 3.31 20.73
N GLN A 193 -16.12 4.46 21.08
CA GLN A 193 -16.60 4.66 22.44
C GLN A 193 -17.73 3.71 22.75
N ALA A 194 -18.72 3.63 21.86
CA ALA A 194 -19.83 2.71 22.09
C ALA A 194 -19.36 1.26 22.12
N ARG A 195 -18.35 0.90 21.31
CA ARG A 195 -17.83 -0.47 21.31
C ARG A 195 -17.10 -0.82 22.61
N ARG A 196 -16.66 0.18 23.37
CA ARG A 196 -15.96 -0.04 24.63
C ARG A 196 -16.80 0.23 25.85
N THR A 197 -17.69 1.22 25.76
CA THR A 197 -18.50 1.70 26.88
C THR A 197 -19.99 1.37 26.80
N GLY A 198 -20.54 1.22 25.60
CA GLY A 198 -21.97 1.21 25.39
C GLY A 198 -22.61 2.57 25.14
N GLU A 199 -21.83 3.67 25.18
CA GLU A 199 -22.38 5.01 25.03
C GLU A 199 -21.69 5.73 23.87
N ALA A 200 -22.39 6.69 23.27
CA ALA A 200 -21.84 7.54 22.21
C ALA A 200 -22.17 8.98 22.57
N THR A 201 -21.24 9.62 23.30
CA THR A 201 -21.36 11.01 23.71
C THR A 201 -20.25 11.89 23.17
N THR A 202 -19.05 11.82 23.77
CA THR A 202 -17.94 12.68 23.38
C THR A 202 -16.83 11.95 22.63
N GLY A 203 -16.95 10.63 22.47
CA GLY A 203 -16.10 9.89 21.56
C GLY A 203 -14.85 9.33 22.22
N ASP A 204 -14.22 8.39 21.50
CA ASP A 204 -12.92 7.81 21.85
C ASP A 204 -11.86 8.59 21.07
N MET A 205 -11.14 9.47 21.77
CA MET A 205 -10.21 10.38 21.12
C MET A 205 -8.90 9.73 20.71
N SER A 206 -8.71 8.44 20.97
CA SER A 206 -7.57 7.74 20.38
C SER A 206 -7.71 7.64 18.86
N VAL A 207 -8.94 7.65 18.35
CA VAL A 207 -9.15 7.67 16.91
C VAL A 207 -8.67 8.99 16.30
N VAL A 208 -9.01 10.11 16.94
CA VAL A 208 -8.62 11.42 16.44
C VAL A 208 -7.12 11.61 16.54
N ALA A 209 -6.53 11.17 17.66
CA ALA A 209 -5.08 11.26 17.84
C ALA A 209 -4.33 10.45 16.80
N ASP A 210 -4.86 9.27 16.45
CA ASP A 210 -4.21 8.44 15.43
C ASP A 210 -4.20 9.13 14.07
N PHE A 211 -5.33 9.72 13.68
CA PHE A 211 -5.38 10.49 12.44
C PHE A 211 -4.41 11.67 12.49
N ALA A 212 -4.52 12.49 13.54
CA ALA A 212 -3.71 13.70 13.63
C ALA A 212 -2.22 13.40 13.64
N ASP A 213 -1.85 12.24 14.21
CA ASP A 213 -0.46 11.84 14.24
C ASP A 213 0.11 11.63 12.84
N VAL A 214 -0.68 10.99 11.96
CA VAL A 214 -0.24 10.74 10.58
C VAL A 214 -0.15 12.04 9.82
N MET A 215 -1.16 12.90 9.97
CA MET A 215 -1.17 14.18 9.27
C MET A 215 0.03 15.04 9.66
N GLY A 216 0.24 15.20 10.98
CA GLY A 216 1.33 16.05 11.45
C GLY A 216 2.67 15.62 10.87
N GLU A 217 2.94 14.30 10.90
CA GLU A 217 4.20 13.80 10.35
C GLU A 217 4.33 14.08 8.86
N GLU A 218 3.27 13.85 8.09
CA GLU A 218 3.35 14.02 6.65
C GLU A 218 3.41 15.49 6.27
N TRP A 219 2.61 16.35 6.91
CA TRP A 219 2.65 17.78 6.60
C TRP A 219 4.03 18.37 6.92
N ALA A 220 4.56 18.09 8.10
CA ALA A 220 5.84 18.71 8.47
C ALA A 220 6.97 18.29 7.54
N SER A 221 6.91 17.05 7.02
CA SER A 221 7.99 16.55 6.16
C SER A 221 8.08 17.30 4.85
N ILE A 222 7.03 18.01 4.42
CA ILE A 222 7.13 18.83 3.22
C ILE A 222 7.32 20.31 3.56
N GLY A 223 7.54 20.62 4.84
CA GLY A 223 7.72 22.01 5.22
C GLY A 223 6.43 22.80 5.25
N LEU A 224 5.32 22.12 5.58
CA LEU A 224 3.98 22.70 5.72
C LEU A 224 3.65 22.68 7.21
N ARG A 225 3.93 23.79 7.90
CA ARG A 225 3.90 23.84 9.35
C ARG A 225 2.69 24.58 9.92
N GLY A 226 1.76 25.04 9.06
CA GLY A 226 0.55 25.66 9.55
C GLY A 226 -0.65 25.15 8.78
N MET A 227 -1.84 25.46 9.31
CA MET A 227 -3.08 25.01 8.69
C MET A 227 -4.14 26.09 8.81
N TYR A 228 -4.90 26.26 7.73
CA TYR A 228 -6.18 26.95 7.74
C TYR A 228 -7.22 25.91 8.15
N GLY A 229 -7.36 25.73 9.46
CA GLY A 229 -8.22 24.71 10.04
C GLY A 229 -7.62 24.15 11.30
N TYR A 230 -8.22 23.08 11.83
CA TYR A 230 -9.43 22.47 11.31
C TYR A 230 -10.64 23.35 11.59
N MET A 231 -11.80 22.89 11.13
CA MET A 231 -13.06 23.58 11.37
C MET A 231 -13.70 23.07 12.66
N ALA A 232 -13.93 23.97 13.60
CA ALA A 232 -14.70 23.68 14.79
C ALA A 232 -16.18 24.05 14.63
N ASP A 233 -16.56 24.53 13.44
CA ASP A 233 -17.96 24.83 13.16
C ASP A 233 -18.85 23.61 13.39
N LEU A 234 -20.10 23.86 13.81
CA LEU A 234 -21.07 22.80 14.09
C LEU A 234 -22.12 22.73 13.00
N SER A 235 -22.51 21.51 12.64
CA SER A 235 -23.50 21.30 11.58
C SER A 235 -24.92 21.35 12.11
N THR A 236 -25.22 22.38 12.91
CA THR A 236 -26.55 22.53 13.47
C THR A 236 -27.55 23.05 12.45
N GLU A 237 -27.09 23.59 11.32
CA GLU A 237 -27.98 24.04 10.25
C GLU A 237 -27.73 23.17 9.02
N PRO A 238 -28.60 22.19 8.74
CA PRO A 238 -28.31 21.21 7.68
C PRO A 238 -28.29 21.78 6.28
N ARG A 239 -28.86 22.98 6.11
CA ARG A 239 -28.88 23.64 4.82
C ARG A 239 -27.57 24.31 4.46
N TRP A 240 -26.61 24.35 5.39
CA TRP A 240 -25.29 24.95 5.14
C TRP A 240 -24.45 24.01 4.31
N TYR A 241 -23.99 24.47 3.13
CA TYR A 241 -23.25 23.56 2.26
C TYR A 241 -21.95 23.07 2.90
N ARG A 242 -21.38 23.80 3.85
CA ARG A 242 -20.11 23.41 4.46
C ARG A 242 -20.27 22.38 5.57
N THR A 243 -21.46 21.83 5.78
CA THR A 243 -21.55 20.67 6.68
C THR A 243 -20.63 19.55 6.24
N HIS A 244 -20.25 19.51 4.95
CA HIS A 244 -19.40 18.44 4.45
C HIS A 244 -18.00 18.45 5.09
N GLU A 245 -17.56 19.54 5.70
CA GLU A 245 -16.23 19.57 6.32
C GLU A 245 -16.33 19.79 7.83
N THR A 246 -17.51 19.62 8.43
CA THR A 246 -17.65 19.70 9.87
C THR A 246 -17.51 18.31 10.47
N PHE A 247 -17.13 18.25 11.73
CA PHE A 247 -17.10 16.95 12.37
C PHE A 247 -18.47 16.52 12.85
N THR A 248 -19.22 17.42 13.45
CA THR A 248 -20.40 17.01 14.19
C THR A 248 -21.27 18.24 14.39
N GLU A 249 -22.53 17.99 14.77
CA GLU A 249 -23.46 19.03 15.20
C GLU A 249 -23.40 19.29 16.70
N ASP A 250 -22.70 18.44 17.44
CA ASP A 250 -22.71 18.42 18.89
C ASP A 250 -21.49 19.16 19.44
N ALA A 251 -21.73 20.21 20.24
CA ALA A 251 -20.63 21.08 20.66
C ALA A 251 -19.62 20.37 21.56
N TYR A 252 -20.08 19.44 22.39
CA TYR A 252 -19.16 18.79 23.33
C TYR A 252 -18.26 17.76 22.65
N LEU A 253 -18.79 17.04 21.66
CA LEU A 253 -17.93 16.17 20.87
C LEU A 253 -16.94 17.01 20.07
N ALA A 254 -17.42 18.09 19.46
CA ALA A 254 -16.52 18.98 18.72
C ALA A 254 -15.41 19.52 19.62
N ALA A 255 -15.77 19.95 20.84
CA ALA A 255 -14.76 20.44 21.77
C ALA A 255 -13.73 19.37 22.09
N GLU A 256 -14.18 18.12 22.29
CA GLU A 256 -13.23 17.06 22.60
C GLU A 256 -12.32 16.76 21.41
N ILE A 257 -12.85 16.93 20.19
CA ILE A 257 -12.04 16.71 18.99
C ILE A 257 -11.02 17.83 18.82
N MET A 258 -11.44 19.10 18.97
CA MET A 258 -10.48 20.19 18.79
C MET A 258 -9.34 20.11 19.78
N GLU A 259 -9.66 19.83 21.04
CA GLU A 259 -8.66 19.58 22.08
C GLU A 259 -7.62 18.57 21.61
N THR A 260 -8.09 17.41 21.12
CA THR A 260 -7.17 16.35 20.71
C THR A 260 -6.33 16.76 19.49
N LEU A 261 -6.95 17.44 18.53
CA LEU A 261 -6.19 17.92 17.36
C LEU A 261 -5.08 18.89 17.77
N VAL A 262 -5.36 19.83 18.67
CA VAL A 262 -4.32 20.78 19.09
C VAL A 262 -3.19 20.04 19.78
N GLN A 263 -3.54 19.21 20.79
CA GLN A 263 -2.52 18.49 21.57
C GLN A 263 -1.65 17.62 20.66
N THR A 264 -2.26 16.99 19.66
CA THR A 264 -1.49 16.08 18.80
C THR A 264 -0.71 16.84 17.74
N LEU A 265 -1.34 17.83 17.10
CA LEU A 265 -0.67 18.53 16.01
C LEU A 265 0.32 19.58 16.54
N GLN A 266 -0.01 20.24 17.65
CA GLN A 266 0.85 21.30 18.17
C GLN A 266 1.76 20.83 19.29
N GLY A 267 1.40 19.76 19.99
CA GLY A 267 2.10 19.31 21.17
C GLY A 267 1.34 19.72 22.42
N GLU A 268 1.67 19.03 23.51
CA GLU A 268 1.18 19.38 24.85
C GLU A 268 2.09 20.35 25.60
N GLU A 269 3.30 20.60 25.10
CA GLU A 269 4.22 21.56 25.69
C GLU A 269 3.71 22.98 25.50
N LEU A 270 3.43 23.67 26.61
CA LEU A 270 2.89 25.02 26.60
C LEU A 270 4.00 26.02 26.89
N THR A 271 3.89 27.19 26.26
CA THR A 271 4.76 28.31 26.61
C THR A 271 4.19 29.03 27.83
N ASP A 272 4.94 30.00 28.35
CA ASP A 272 4.45 30.79 29.48
C ASP A 272 3.23 31.63 29.10
N ASN A 273 3.13 32.00 27.83
CA ASN A 273 1.92 32.61 27.31
C ASN A 273 0.75 31.63 27.17
N GLY A 274 0.97 30.34 27.36
CA GLY A 274 -0.12 29.39 27.28
C GLY A 274 -0.40 28.85 25.88
N LEU A 275 0.58 28.90 24.99
CA LEU A 275 0.44 28.46 23.62
C LEU A 275 1.21 27.16 23.45
N ALA A 276 0.58 26.16 22.81
CA ALA A 276 1.24 24.86 22.57
C ALA A 276 2.13 25.00 21.35
N LEU A 277 3.29 25.64 21.54
CA LEU A 277 4.25 25.89 20.46
C LEU A 277 5.65 25.54 20.94
N SER A 278 6.24 24.54 20.34
CA SER A 278 7.59 24.12 20.65
C SER A 278 8.23 23.73 19.33
N PRO A 279 9.52 23.44 19.28
CA PRO A 279 10.05 22.73 18.10
C PRO A 279 9.40 21.37 17.86
N GLN A 280 8.65 20.82 18.81
CA GLN A 280 7.86 19.60 18.59
C GLN A 280 6.56 19.86 17.83
N THR A 281 6.16 21.11 17.66
CA THR A 281 4.95 21.48 16.92
C THR A 281 5.11 21.10 15.46
N ARG A 282 4.37 20.08 15.03
CA ARG A 282 4.43 19.67 13.62
C ARG A 282 3.59 20.61 12.75
N VAL A 283 2.36 20.91 13.18
CA VAL A 283 1.49 21.81 12.42
C VAL A 283 0.80 22.73 13.42
N ALA A 284 1.01 24.04 13.26
CA ALA A 284 0.32 25.05 14.03
C ALA A 284 -1.05 25.27 13.41
N LEU A 285 -2.11 25.15 14.21
CA LEU A 285 -3.47 25.27 13.74
C LEU A 285 -3.96 26.72 13.76
N THR A 286 -4.69 27.10 12.73
CA THR A 286 -5.47 28.34 12.72
C THR A 286 -6.91 27.89 12.71
N LEU A 287 -7.52 27.81 13.90
CA LEU A 287 -8.85 27.23 13.97
C LEU A 287 -9.87 28.16 13.35
N LYS A 288 -10.88 27.58 12.72
CA LYS A 288 -11.86 28.33 11.97
C LYS A 288 -13.23 27.72 12.15
N HIS A 289 -14.29 28.49 11.90
CA HIS A 289 -14.26 29.94 11.73
C HIS A 289 -14.96 30.63 12.92
N PHE A 290 -14.14 31.26 13.75
CA PHE A 290 -14.60 31.84 15.01
C PHE A 290 -15.66 32.93 14.78
N PRO A 291 -16.66 33.05 15.66
CA PRO A 291 -16.91 32.19 16.82
C PRO A 291 -17.74 30.94 16.47
N GLY A 292 -17.83 30.61 15.18
CA GLY A 292 -18.55 29.41 14.77
C GLY A 292 -19.41 29.68 13.56
N GLY A 293 -19.04 29.11 12.39
CA GLY A 293 -19.74 29.38 11.16
C GLY A 293 -21.02 28.58 10.98
N GLY A 294 -21.34 27.68 11.89
CA GLY A 294 -22.44 26.75 11.72
C GLY A 294 -23.83 27.34 11.50
N PRO A 295 -24.27 28.30 12.34
CA PRO A 295 -25.71 28.67 12.33
C PRO A 295 -26.07 29.74 11.30
N GLN A 296 -26.08 29.37 10.02
CA GLN A 296 -26.35 30.32 8.95
C GLN A 296 -27.85 30.45 8.71
N GLU A 297 -28.31 31.67 8.49
CA GLU A 297 -29.74 31.86 8.29
C GLU A 297 -30.14 31.23 6.98
N LEU A 298 -31.14 30.34 7.04
CA LEU A 298 -31.58 29.55 5.89
C LEU A 298 -30.43 28.72 5.30
N GLY A 299 -29.34 28.53 6.03
CA GLY A 299 -28.16 27.85 5.55
C GLY A 299 -27.36 28.59 4.50
N LEU A 300 -27.72 29.82 4.18
CA LEU A 300 -26.99 30.57 3.15
C LEU A 300 -25.65 31.02 3.69
N ASP A 301 -24.63 31.02 2.83
CA ASP A 301 -23.29 31.08 3.41
C ASP A 301 -22.68 32.47 3.23
N PRO A 302 -21.94 32.97 4.20
CA PRO A 302 -21.46 34.37 4.07
C PRO A 302 -20.31 34.59 3.10
N HIS A 303 -19.90 33.59 2.30
CA HIS A 303 -19.12 33.89 1.10
C HIS A 303 -19.90 34.75 0.14
N TYR A 304 -21.23 34.71 0.23
CA TYR A 304 -22.16 35.33 -0.70
C TYR A 304 -22.92 36.48 -0.05
N ALA A 305 -23.20 37.50 -0.85
CA ALA A 305 -23.87 38.68 -0.33
C ALA A 305 -25.24 38.34 0.26
N PHE A 306 -26.01 37.44 -0.38
CA PHE A 306 -27.32 37.14 0.17
C PHE A 306 -27.25 36.38 1.49
N GLY A 307 -26.08 35.85 1.87
CA GLY A 307 -25.99 35.04 3.07
C GLY A 307 -25.12 35.60 4.18
N LYS A 308 -25.12 36.92 4.37
CA LYS A 308 -24.29 37.55 5.40
C LYS A 308 -24.66 37.13 6.84
N ALA A 309 -25.90 36.71 7.07
CA ALA A 309 -26.46 36.64 8.41
C ALA A 309 -26.24 35.30 9.10
N GLN A 310 -25.85 35.38 10.38
CA GLN A 310 -25.90 34.24 11.27
C GLN A 310 -26.94 34.53 12.35
N VAL A 311 -27.84 33.57 12.58
CA VAL A 311 -28.98 33.77 13.48
C VAL A 311 -28.96 32.68 14.56
N TYR A 312 -29.51 33.02 15.72
CA TYR A 312 -29.40 32.17 16.92
C TYR A 312 -30.76 32.06 17.60
N PRO A 313 -31.76 31.49 16.91
CA PRO A 313 -33.13 31.48 17.49
C PRO A 313 -33.23 30.70 18.78
N ALA A 314 -32.37 29.72 19.01
CA ALA A 314 -32.41 28.95 20.24
C ALA A 314 -31.45 29.50 21.29
N GLY A 315 -30.86 30.66 21.02
CA GLY A 315 -29.88 31.27 21.89
C GLY A 315 -28.66 30.45 22.23
N ARG A 316 -28.01 29.84 21.22
CA ARG A 316 -26.89 28.94 21.47
C ARG A 316 -25.54 29.52 21.05
N PHE A 317 -25.43 30.86 20.98
CA PHE A 317 -24.16 31.48 20.58
C PHE A 317 -22.98 30.93 21.37
N GLU A 318 -23.17 30.70 22.67
CA GLU A 318 -22.07 30.25 23.53
C GLU A 318 -21.73 28.77 23.30
N GLU A 319 -22.73 27.95 22.98
CA GLU A 319 -22.42 26.55 22.64
C GLU A 319 -21.53 26.51 21.41
N HIS A 320 -21.73 27.44 20.47
CA HIS A 320 -20.97 27.40 19.22
C HIS A 320 -19.51 27.81 19.40
N PHE A 321 -19.18 28.71 20.34
CA PHE A 321 -17.75 28.97 20.53
C PHE A 321 -17.12 28.05 21.57
N LEU A 322 -17.89 27.10 22.13
CA LEU A 322 -17.32 26.14 23.06
C LEU A 322 -16.20 25.30 22.47
N PRO A 323 -16.28 24.76 21.24
CA PRO A 323 -15.11 24.06 20.69
C PRO A 323 -13.89 24.94 20.58
N PHE A 324 -14.10 26.21 20.24
CA PHE A 324 -12.99 27.16 20.18
C PHE A 324 -12.39 27.37 21.56
N GLN A 325 -13.24 27.53 22.59
N GLN A 325 -13.25 27.60 22.57
CA GLN A 325 -12.69 27.70 23.95
CA GLN A 325 -12.85 27.64 23.97
C GLN A 325 -11.86 26.49 24.36
C GLN A 325 -11.90 26.50 24.31
N ALA A 326 -12.27 25.28 23.94
CA ALA A 326 -11.47 24.10 24.25
C ALA A 326 -10.15 24.13 23.53
N ALA A 327 -10.12 24.59 22.28
CA ALA A 327 -8.86 24.65 21.56
C ALA A 327 -7.98 25.78 22.07
N ILE A 328 -8.60 26.90 22.45
CA ILE A 328 -7.85 28.02 23.04
C ILE A 328 -7.14 27.57 24.31
N ASP A 329 -7.83 26.82 25.18
CA ASP A 329 -7.20 26.30 26.40
C ASP A 329 -6.12 25.27 26.09
N ALA A 330 -6.28 24.46 25.05
CA ALA A 330 -5.23 23.52 24.72
C ALA A 330 -4.00 24.21 24.13
N GLY A 331 -4.09 25.51 23.83
CA GLY A 331 -2.96 26.28 23.37
C GLY A 331 -2.89 26.60 21.88
N VAL A 332 -4.04 26.62 21.17
CA VAL A 332 -4.02 26.73 19.73
C VAL A 332 -3.35 28.04 19.30
N SER A 333 -2.66 27.97 18.16
CA SER A 333 -1.77 29.04 17.76
C SER A 333 -2.54 30.25 17.25
N SER A 334 -3.62 30.03 16.52
CA SER A 334 -4.16 31.08 15.67
C SER A 334 -5.67 30.86 15.50
N ILE A 335 -6.39 31.97 15.24
CA ILE A 335 -7.84 31.94 15.13
C ILE A 335 -8.25 32.71 13.88
N MET A 336 -9.19 32.13 13.11
CA MET A 336 -9.75 32.77 11.93
C MET A 336 -11.23 33.08 12.12
N PRO A 337 -11.62 34.36 12.16
CA PRO A 337 -13.05 34.69 12.22
C PRO A 337 -13.74 34.43 10.90
N TYR A 338 -15.05 34.18 10.97
CA TYR A 338 -15.78 33.93 9.74
C TYR A 338 -16.27 35.25 9.13
N TYR A 339 -16.74 35.15 7.88
CA TYR A 339 -17.31 36.28 7.17
C TYR A 339 -18.63 36.75 7.79
N GLY A 340 -19.31 35.87 8.51
CA GLY A 340 -20.69 36.12 8.88
C GLY A 340 -20.89 37.36 9.75
N VAL A 341 -22.13 37.79 9.80
CA VAL A 341 -22.61 38.88 10.63
C VAL A 341 -23.51 38.29 11.71
N PRO A 342 -23.20 38.48 12.99
CA PRO A 342 -24.04 37.91 14.06
C PRO A 342 -25.25 38.81 14.31
N VAL A 343 -26.46 38.28 14.12
CA VAL A 343 -27.65 39.12 14.15
C VAL A 343 -28.25 39.10 15.56
N ASP A 344 -28.13 40.24 16.27
CA ASP A 344 -28.81 40.50 17.54
C ASP A 344 -28.32 39.60 18.66
N VAL A 345 -27.02 39.41 18.76
CA VAL A 345 -26.45 38.47 19.71
C VAL A 345 -26.03 39.23 20.96
N PRO A 346 -26.56 38.91 22.13
CA PRO A 346 -26.15 39.56 23.37
C PRO A 346 -24.65 39.41 23.60
N VAL A 347 -24.02 40.51 24.03
CA VAL A 347 -22.57 40.52 24.25
C VAL A 347 -22.26 39.69 25.49
N VAL A 348 -21.39 38.69 25.33
CA VAL A 348 -21.01 37.86 26.46
C VAL A 348 -20.19 38.71 27.43
N GLY A 349 -20.60 38.74 28.69
CA GLY A 349 -19.90 39.54 29.67
C GLY A 349 -20.04 41.04 29.50
N GLY A 350 -21.14 41.53 28.92
CA GLY A 350 -21.31 42.93 28.66
C GLY A 350 -22.48 43.51 29.42
N GLU A 351 -22.69 44.82 29.24
CA GLU A 351 -23.82 45.49 29.88
C GLU A 351 -25.15 44.95 29.34
N PRO A 352 -26.20 44.98 30.16
CA PRO A 352 -27.53 44.57 29.68
C PRO A 352 -27.95 45.33 28.44
N GLY A 353 -28.52 44.59 27.49
CA GLY A 353 -29.03 45.11 26.25
C GLY A 353 -27.99 45.33 25.18
N GLU A 354 -26.73 45.06 25.48
CA GLU A 354 -25.66 45.16 24.51
C GLU A 354 -25.76 43.97 23.53
N THR A 355 -25.58 44.25 22.24
CA THR A 355 -25.50 43.23 21.19
C THR A 355 -24.24 43.51 20.38
N TYR A 356 -23.73 42.46 19.74
CA TYR A 356 -22.53 42.60 18.93
C TYR A 356 -22.84 43.40 17.67
N PRO A 357 -21.84 44.07 17.09
CA PRO A 357 -22.08 44.86 15.88
C PRO A 357 -22.58 44.00 14.73
N HIS A 358 -23.42 44.61 13.89
CA HIS A 358 -23.84 43.95 12.66
C HIS A 358 -22.84 44.22 11.53
N THR A 359 -21.61 43.74 11.73
CA THR A 359 -20.57 43.70 10.71
C THR A 359 -19.95 42.30 10.73
N GLY A 360 -19.19 41.96 9.69
CA GLY A 360 -18.41 40.73 9.70
C GLY A 360 -17.55 40.58 10.95
N PHE A 361 -17.26 39.34 11.35
CA PHE A 361 -16.65 39.09 12.66
C PHE A 361 -15.27 39.76 12.81
N ALA A 362 -14.46 39.74 11.75
CA ALA A 362 -13.09 40.24 11.83
C ALA A 362 -13.01 41.77 11.98
N PHE A 363 -14.10 42.50 11.77
CA PHE A 363 -14.09 43.94 11.94
C PHE A 363 -14.57 44.39 13.31
N SER A 364 -15.10 43.47 14.13
CA SER A 364 -15.75 43.81 15.39
C SER A 364 -14.77 43.66 16.55
N ASP A 365 -14.35 44.80 17.12
CA ASP A 365 -13.53 44.78 18.32
C ASP A 365 -14.20 43.97 19.43
N SER A 366 -15.53 44.03 19.50
CA SER A 366 -16.28 43.27 20.50
C SER A 366 -16.06 41.77 20.36
N ILE A 367 -15.83 41.29 19.15
CA ILE A 367 -15.69 39.85 18.90
C ILE A 367 -14.24 39.41 19.02
N VAL A 368 -13.36 40.07 18.28
CA VAL A 368 -11.96 39.65 18.24
C VAL A 368 -11.22 40.04 19.53
N ASN A 369 -11.36 41.29 19.99
CA ASN A 369 -10.65 41.63 21.23
C ASN A 369 -11.50 41.34 22.46
N GLY A 370 -12.77 41.74 22.47
CA GLY A 370 -13.60 41.49 23.63
C GLY A 370 -13.86 40.02 23.92
N LEU A 371 -14.61 39.34 23.05
CA LEU A 371 -14.96 37.95 23.30
C LEU A 371 -13.73 37.05 23.24
N LEU A 372 -13.00 37.11 22.12
CA LEU A 372 -11.93 36.14 21.89
C LEU A 372 -10.78 36.31 22.87
N ARG A 373 -10.33 37.55 23.09
CA ARG A 373 -9.18 37.75 23.96
C ARG A 373 -9.59 37.98 25.41
N ASP A 374 -10.51 38.92 25.66
CA ASP A 374 -10.86 39.29 27.02
C ASP A 374 -11.72 38.22 27.69
N GLN A 375 -12.74 37.71 27.00
CA GLN A 375 -13.64 36.74 27.64
C GLN A 375 -13.09 35.31 27.60
N LEU A 376 -12.47 34.91 26.48
CA LEU A 376 -12.00 33.53 26.37
C LEU A 376 -10.50 33.37 26.66
N GLY A 377 -9.77 34.48 26.78
CA GLY A 377 -8.38 34.42 27.19
C GLY A 377 -7.39 34.08 26.09
N PHE A 378 -7.78 34.23 24.82
CA PHE A 378 -6.88 33.86 23.73
C PHE A 378 -5.68 34.80 23.69
N THR A 379 -4.48 34.21 23.61
CA THR A 379 -3.25 34.98 23.61
C THR A 379 -2.48 34.91 22.30
N GLY A 380 -3.04 34.27 21.25
CA GLY A 380 -2.35 34.11 19.98
C GLY A 380 -2.68 35.23 19.02
N TYR A 381 -2.51 34.97 17.73
CA TYR A 381 -2.86 35.95 16.73
C TYR A 381 -4.10 35.56 15.92
N VAL A 382 -4.66 36.57 15.25
CA VAL A 382 -5.93 36.48 14.55
C VAL A 382 -5.65 36.65 13.06
N ASN A 383 -6.15 35.70 12.26
CA ASN A 383 -5.93 35.59 10.82
C ASN A 383 -7.29 35.73 10.12
N SER A 384 -7.49 36.81 9.36
CA SER A 384 -8.73 36.99 8.62
C SER A 384 -9.01 35.80 7.69
N ASP A 385 -10.30 35.60 7.38
CA ASP A 385 -10.58 34.73 6.26
C ASP A 385 -10.31 35.48 4.95
N THR A 386 -10.22 34.73 3.86
CA THR A 386 -9.64 35.25 2.64
C THR A 386 -10.62 36.20 1.93
N GLY A 387 -10.15 37.41 1.62
CA GLY A 387 -10.93 38.35 0.85
C GLY A 387 -11.95 39.17 1.61
N ILE A 388 -11.77 39.35 2.93
CA ILE A 388 -12.70 40.22 3.64
C ILE A 388 -12.54 41.66 3.18
N ILE A 389 -11.37 42.05 2.68
CA ILE A 389 -11.17 43.49 2.44
C ILE A 389 -11.82 43.90 1.14
N ASN A 390 -11.53 43.20 0.06
CA ASN A 390 -12.08 43.60 -1.24
C ASN A 390 -13.47 43.03 -1.48
N ASP A 391 -13.71 41.79 -1.06
CA ASP A 391 -14.88 41.04 -1.49
C ASP A 391 -15.98 40.90 -0.44
N ARG A 392 -15.65 40.73 0.85
CA ARG A 392 -16.65 40.34 1.85
C ARG A 392 -16.55 41.22 3.08
N ALA A 393 -16.52 42.53 2.86
CA ALA A 393 -16.47 43.50 3.95
C ALA A 393 -17.90 43.80 4.43
N TRP A 394 -18.50 42.75 5.00
CA TRP A 394 -19.92 42.81 5.35
C TRP A 394 -20.14 43.82 6.46
N GLY A 395 -21.17 44.68 6.26
CA GLY A 395 -21.41 45.77 7.17
C GLY A 395 -20.55 47.00 6.93
N LEU A 396 -19.69 46.98 5.91
CA LEU A 396 -18.77 48.05 5.55
C LEU A 396 -18.86 48.34 4.05
N GLU A 397 -20.07 48.22 3.48
CA GLU A 397 -20.25 48.30 2.03
C GLU A 397 -19.89 49.69 1.51
N GLY A 398 -20.19 50.74 2.26
CA GLY A 398 -19.86 52.07 1.80
C GLY A 398 -18.43 52.49 2.06
N ASN A 399 -17.69 51.72 2.83
CA ASN A 399 -16.33 52.10 3.20
C ASN A 399 -15.33 51.81 2.07
N THR A 400 -14.23 52.55 2.07
CA THR A 400 -13.12 52.30 1.16
C THR A 400 -12.28 51.11 1.62
N VAL A 401 -11.46 50.60 0.69
CA VAL A 401 -10.52 49.54 1.03
C VAL A 401 -9.59 49.95 2.17
N PRO A 402 -8.92 51.13 2.11
CA PRO A 402 -8.11 51.54 3.28
C PRO A 402 -8.91 51.59 4.56
N GLU A 403 -10.17 52.07 4.51
CA GLU A 403 -11.01 52.10 5.69
C GLU A 403 -11.29 50.69 6.21
N ARG A 404 -11.47 49.74 5.30
CA ARG A 404 -11.72 48.36 5.72
C ARG A 404 -10.47 47.74 6.34
N VAL A 405 -9.31 47.98 5.74
CA VAL A 405 -8.06 47.49 6.34
C VAL A 405 -7.92 47.99 7.77
N ALA A 406 -8.13 49.30 7.99
CA ALA A 406 -7.95 49.86 9.32
C ALA A 406 -8.95 49.26 10.30
N ALA A 407 -10.18 49.03 9.85
CA ALA A 407 -11.21 48.53 10.75
C ALA A 407 -10.93 47.09 11.20
N ALA A 408 -10.44 46.25 10.30
CA ALA A 408 -10.11 44.88 10.70
C ALA A 408 -8.89 44.85 11.61
N ILE A 409 -7.85 45.59 11.23
CA ILE A 409 -6.63 45.62 12.05
C ILE A 409 -6.91 46.22 13.42
N ASN A 410 -7.59 47.37 13.47
CA ASN A 410 -7.97 47.96 14.76
C ASN A 410 -9.00 47.15 15.53
N GLY A 411 -9.80 46.33 14.85
CA GLY A 411 -10.72 45.42 15.53
C GLY A 411 -10.06 44.25 16.23
N GLY A 412 -8.78 44.00 15.98
CA GLY A 412 -8.07 42.89 16.59
C GLY A 412 -7.50 41.91 15.59
N THR A 413 -7.72 42.11 14.30
CA THR A 413 -7.20 41.19 13.30
C THR A 413 -5.76 41.56 13.00
N ASP A 414 -4.86 40.57 13.09
CA ASP A 414 -3.41 40.76 12.98
C ASP A 414 -2.86 40.50 11.59
N THR A 415 -3.50 39.66 10.77
CA THR A 415 -2.98 39.34 9.44
C THR A 415 -4.17 39.14 8.51
N LEU A 416 -4.06 39.66 7.28
CA LEU A 416 -5.15 39.69 6.31
C LEU A 416 -4.89 38.68 5.19
N SER A 417 -5.75 37.66 5.09
CA SER A 417 -5.64 36.66 4.02
C SER A 417 -6.18 37.24 2.71
N GLY A 418 -5.40 37.12 1.63
CA GLY A 418 -5.88 37.59 0.34
C GLY A 418 -5.59 39.04 0.01
N PHE A 419 -4.96 39.76 0.93
CA PHE A 419 -4.56 41.16 0.70
C PHE A 419 -3.04 41.18 0.55
N SER A 420 -2.59 41.90 -0.50
CA SER A 420 -1.29 41.80 -1.15
C SER A 420 -0.46 43.07 -0.92
N ASP A 421 -1.12 44.15 -0.54
CA ASP A 421 -0.57 45.46 -0.81
C ASP A 421 -0.17 46.09 0.49
N VAL A 422 1.10 45.92 0.83
CA VAL A 422 1.61 46.41 2.09
C VAL A 422 1.56 47.94 2.14
N SER A 423 1.66 48.60 0.98
CA SER A 423 1.66 50.06 0.94
C SER A 423 0.38 50.66 1.52
N VAL A 424 -0.74 49.93 1.45
CA VAL A 424 -1.97 50.46 2.01
C VAL A 424 -1.87 50.53 3.53
N ILE A 425 -1.17 49.60 4.15
CA ILE A 425 -1.00 49.64 5.59
C ILE A 425 -0.02 50.74 5.99
N THR A 426 1.08 50.91 5.24
CA THR A 426 1.99 52.01 5.52
C THR A 426 1.28 53.36 5.34
N ASP A 427 0.52 53.52 4.25
CA ASP A 427 -0.27 54.72 4.04
C ASP A 427 -1.23 54.98 5.19
N LEU A 428 -1.89 53.93 5.70
CA LEU A 428 -2.80 54.15 6.82
C LEU A 428 -2.05 54.57 8.07
N TYR A 429 -0.79 54.14 8.21
CA TYR A 429 0.03 54.61 9.33
C TYR A 429 0.32 56.10 9.20
N GLU A 430 0.77 56.53 8.00
CA GLU A 430 1.08 57.93 7.79
C GLU A 430 -0.15 58.81 7.91
N ALA A 431 -1.34 58.27 7.66
CA ALA A 431 -2.57 59.01 7.88
C ALA A 431 -3.11 58.85 9.29
N ASP A 432 -2.38 58.17 10.18
CA ASP A 432 -2.76 58.01 11.59
C ASP A 432 -4.09 57.27 11.76
N LEU A 433 -4.40 56.41 10.79
CA LEU A 433 -5.55 55.51 10.91
C LEU A 433 -5.21 54.19 11.56
N ILE A 434 -3.95 53.79 11.53
CA ILE A 434 -3.44 52.66 12.31
C ILE A 434 -2.22 53.17 13.06
N SER A 435 -2.18 52.92 14.36
CA SER A 435 -1.04 53.36 15.15
C SER A 435 0.13 52.40 14.96
N GLU A 436 1.36 52.92 15.11
CA GLU A 436 2.54 52.05 15.11
C GLU A 436 2.53 51.11 16.29
N GLU A 437 1.72 51.40 17.34
CA GLU A 437 1.80 50.60 18.54
C GLU A 437 1.01 49.33 18.25
N ARG A 438 0.00 49.48 17.42
CA ARG A 438 -0.86 48.37 16.97
C ARG A 438 -0.13 47.45 16.01
N ILE A 439 0.65 48.04 15.10
CA ILE A 439 1.46 47.25 14.18
C ILE A 439 2.52 46.48 14.95
N ASP A 440 3.10 47.10 15.97
CA ASP A 440 4.08 46.41 16.82
C ASP A 440 3.42 45.24 17.53
N LEU A 441 2.18 45.44 17.97
CA LEU A 441 1.46 44.38 18.65
C LEU A 441 1.19 43.22 17.69
N ALA A 442 0.79 43.52 16.46
CA ALA A 442 0.59 42.45 15.47
C ALA A 442 1.90 41.76 15.16
N ALA A 443 2.98 42.55 15.02
CA ALA A 443 4.30 41.96 14.78
C ALA A 443 4.69 41.00 15.88
N GLU A 444 4.42 41.36 17.14
CA GLU A 444 4.82 40.48 18.23
C GLU A 444 4.08 39.16 18.17
N ARG A 445 2.75 39.22 17.98
CA ARG A 445 1.95 38.02 17.96
C ARG A 445 2.30 37.12 16.78
N LEU A 446 2.63 37.73 15.63
CA LEU A 446 2.91 36.95 14.44
C LEU A 446 4.28 36.31 14.50
N LEU A 447 5.24 36.98 15.12
CA LEU A 447 6.60 36.49 15.18
C LEU A 447 6.78 35.40 16.24
N GLU A 448 6.07 35.49 17.36
CA GLU A 448 6.34 34.54 18.44
C GLU A 448 6.21 33.07 18.03
N PRO A 449 5.19 32.62 17.28
CA PRO A 449 5.16 31.20 16.93
C PRO A 449 6.32 30.78 16.04
N LEU A 450 6.79 31.65 15.14
CA LEU A 450 7.95 31.30 14.33
C LEU A 450 9.18 31.07 15.22
N PHE A 451 9.36 31.88 16.27
CA PHE A 451 10.45 31.62 17.21
C PHE A 451 10.22 30.31 17.95
N ASP A 452 9.01 30.15 18.51
CA ASP A 452 8.75 29.02 19.39
C ASP A 452 8.80 27.69 18.64
N MET A 453 8.56 27.70 17.33
CA MET A 453 8.60 26.48 16.55
C MET A 453 9.98 26.15 16.01
N GLY A 454 11.01 26.96 16.32
CA GLY A 454 12.35 26.60 15.92
C GLY A 454 12.74 27.04 14.52
N LEU A 455 11.93 27.87 13.89
CA LEU A 455 12.14 28.21 12.49
C LEU A 455 13.26 29.21 12.27
N PHE A 456 13.55 30.07 13.26
CA PHE A 456 14.71 30.95 13.12
C PHE A 456 16.03 30.17 13.16
N GLU A 457 16.02 29.00 13.81
CA GLU A 457 17.20 28.12 13.87
C GLU A 457 17.32 27.27 12.62
N ASN A 458 16.23 26.65 12.17
CA ASN A 458 16.26 25.74 11.02
C ASN A 458 14.88 25.70 10.39
N PRO A 459 14.70 26.38 9.26
CA PRO A 459 13.41 26.35 8.55
C PRO A 459 13.36 25.45 7.34
N TYR A 460 14.39 24.63 7.11
CA TYR A 460 14.45 23.78 5.92
C TYR A 460 14.05 22.35 6.28
N VAL A 461 13.76 21.57 5.23
CA VAL A 461 13.39 20.17 5.36
C VAL A 461 14.13 19.38 4.29
N ASP A 462 14.16 18.06 4.45
CA ASP A 462 14.85 17.18 3.52
C ASP A 462 13.84 16.61 2.51
N PRO A 463 13.94 16.95 1.22
CA PRO A 463 12.92 16.50 0.26
C PRO A 463 12.81 14.99 0.13
N ASP A 464 13.91 14.28 0.33
CA ASP A 464 13.90 12.83 0.21
C ASP A 464 13.25 12.17 1.43
N VAL A 465 13.34 12.81 2.60
CA VAL A 465 12.59 12.32 3.75
C VAL A 465 11.09 12.53 3.54
N ALA A 466 10.72 13.56 2.77
CA ALA A 466 9.30 13.70 2.44
C ALA A 466 8.83 12.49 1.62
N THR A 467 9.62 12.05 0.62
CA THR A 467 9.25 10.90 -0.18
C THR A 467 9.05 9.65 0.68
N ALA A 468 9.90 9.45 1.68
CA ALA A 468 9.79 8.29 2.54
C ALA A 468 8.71 8.44 3.61
N THR A 469 8.13 9.63 3.78
CA THR A 469 7.17 9.89 4.85
C THR A 469 5.73 10.02 4.38
N VAL A 470 5.49 10.72 3.28
CA VAL A 470 4.14 11.03 2.82
C VAL A 470 3.52 9.79 2.17
N GLY A 471 2.54 9.18 2.84
CA GLY A 471 1.90 7.99 2.33
C GLY A 471 2.58 6.71 2.73
N ALA A 472 3.39 6.73 3.79
CA ALA A 472 4.02 5.50 4.26
C ALA A 472 2.97 4.40 4.47
N ASP A 473 3.40 3.14 4.28
CA ASP A 473 2.50 1.98 4.37
C ASP A 473 1.73 1.97 5.68
N ASP A 474 2.43 2.18 6.80
CA ASP A 474 1.76 2.18 8.10
C ASP A 474 0.81 3.36 8.23
N HIS A 475 1.11 4.50 7.59
CA HIS A 475 0.20 5.63 7.63
C HIS A 475 -1.08 5.28 6.88
N ARG A 476 -0.92 4.69 5.68
CA ARG A 476 -2.08 4.30 4.89
C ARG A 476 -2.93 3.26 5.62
N ALA A 477 -2.29 2.41 6.43
CA ALA A 477 -3.04 1.41 7.18
C ALA A 477 -3.94 2.07 8.22
N VAL A 478 -3.43 3.08 8.93
CA VAL A 478 -4.24 3.82 9.88
C VAL A 478 -5.46 4.43 9.20
N GLY A 479 -5.27 5.04 8.03
CA GLY A 479 -6.41 5.62 7.32
C GLY A 479 -7.44 4.58 6.94
N LEU A 480 -6.98 3.40 6.48
CA LEU A 480 -7.89 2.33 6.10
C LEU A 480 -8.73 1.88 7.29
N ASP A 481 -8.10 1.75 8.44
CA ASP A 481 -8.83 1.37 9.65
C ASP A 481 -9.92 2.37 9.96
N LEU A 482 -9.62 3.66 9.84
CA LEU A 482 -10.63 4.67 10.18
C LEU A 482 -11.71 4.73 9.11
N GLN A 483 -11.35 4.50 7.84
CA GLN A 483 -12.36 4.36 6.80
C GLN A 483 -13.38 3.30 7.17
N ARG A 484 -12.90 2.11 7.57
CA ARG A 484 -13.83 1.02 7.90
C ARG A 484 -14.65 1.35 9.13
N LYS A 485 -14.05 2.05 10.11
CA LYS A 485 -14.75 2.39 11.35
C LYS A 485 -15.65 3.61 11.23
N SER A 486 -15.55 4.37 10.13
CA SER A 486 -16.43 5.53 9.93
C SER A 486 -17.82 5.12 9.40
N LEU A 487 -17.89 4.01 8.67
CA LEU A 487 -19.11 3.62 8.00
C LEU A 487 -20.22 3.34 9.02
N VAL A 488 -21.38 3.92 8.78
CA VAL A 488 -22.52 3.84 9.70
C VAL A 488 -23.62 3.01 9.06
N LEU A 489 -24.04 1.95 9.74
CA LEU A 489 -25.16 1.13 9.27
C LEU A 489 -26.47 1.68 9.87
N LEU A 490 -27.34 2.18 9.01
CA LEU A 490 -28.57 2.82 9.46
C LEU A 490 -29.80 1.91 9.39
N GLN A 491 -29.78 0.89 8.53
CA GLN A 491 -30.92 0.00 8.33
C GLN A 491 -30.39 -1.29 7.72
N ASN A 492 -30.85 -2.43 8.25
CA ASN A 492 -30.40 -3.74 7.79
C ASN A 492 -31.57 -4.72 8.03
N GLU A 493 -32.46 -4.79 7.05
CA GLU A 493 -33.73 -5.43 7.31
C GLU A 493 -33.58 -6.95 7.38
N GLU A 494 -34.41 -7.56 8.21
CA GLU A 494 -34.43 -9.00 8.40
C GLU A 494 -35.30 -9.59 7.31
N THR A 495 -34.78 -10.57 6.59
CA THR A 495 -35.52 -11.28 5.57
C THR A 495 -35.75 -12.72 6.02
N ASP A 496 -36.37 -13.53 5.14
CA ASP A 496 -36.58 -14.94 5.47
C ASP A 496 -35.28 -15.68 5.69
N GLU A 497 -34.22 -15.29 4.98
CA GLU A 497 -32.89 -15.88 5.13
C GLU A 497 -31.98 -15.11 6.09
N GLY A 498 -32.50 -14.15 6.85
CA GLY A 498 -31.71 -13.41 7.80
C GLY A 498 -31.49 -11.97 7.37
N PRO A 499 -30.57 -11.27 8.04
CA PRO A 499 -30.31 -9.88 7.67
C PRO A 499 -29.68 -9.78 6.28
N VAL A 500 -30.02 -8.70 5.60
CA VAL A 500 -29.53 -8.46 4.25
C VAL A 500 -28.00 -8.43 4.22
N LEU A 501 -27.37 -7.82 5.26
CA LEU A 501 -25.95 -7.67 5.47
C LEU A 501 -25.50 -8.43 6.73
N PRO A 502 -24.33 -9.10 6.70
CA PRO A 502 -23.39 -9.09 5.57
C PRO A 502 -23.86 -9.91 4.36
N LEU A 503 -23.28 -9.63 3.19
CA LEU A 503 -23.60 -10.39 1.99
C LEU A 503 -23.16 -11.84 2.12
N LYS A 504 -23.95 -12.74 1.52
CA LYS A 504 -23.54 -14.12 1.37
C LYS A 504 -22.46 -14.25 0.28
N GLU A 505 -21.78 -15.39 0.28
CA GLU A 505 -20.75 -15.65 -0.71
C GLU A 505 -21.38 -15.92 -2.06
N GLY A 506 -20.85 -15.30 -3.11
CA GLY A 506 -21.36 -15.55 -4.45
C GLY A 506 -22.70 -14.94 -4.76
N GLY A 507 -23.03 -14.86 -6.04
CA GLY A 507 -24.30 -14.32 -6.48
C GLY A 507 -24.14 -13.35 -7.64
N ASP A 508 -25.29 -12.96 -8.18
CA ASP A 508 -25.36 -11.94 -9.22
C ASP A 508 -25.62 -10.60 -8.55
N VAL A 509 -24.74 -9.65 -8.79
CA VAL A 509 -24.77 -8.34 -8.16
C VAL A 509 -24.96 -7.30 -9.25
N TYR A 510 -25.95 -6.46 -9.09
CA TYR A 510 -26.13 -5.27 -9.91
C TYR A 510 -25.51 -4.08 -9.18
N ILE A 511 -24.72 -3.27 -9.90
CA ILE A 511 -24.10 -2.10 -9.28
C ILE A 511 -24.56 -0.84 -10.00
N LEU A 512 -24.75 0.22 -9.21
CA LEU A 512 -25.11 1.52 -9.74
C LEU A 512 -24.41 2.58 -8.90
N GLY A 513 -23.84 3.58 -9.56
CA GLY A 513 -23.02 4.56 -8.86
C GLY A 513 -21.55 4.19 -8.91
N ASP A 514 -20.75 4.81 -8.04
CA ASP A 514 -19.28 4.70 -8.10
C ASP A 514 -18.75 3.44 -7.39
N PHE A 515 -19.15 2.29 -7.92
CA PHE A 515 -18.57 1.01 -7.54
C PHE A 515 -17.64 0.57 -8.66
N THR A 516 -16.46 0.05 -8.33
CA THR A 516 -15.58 -0.49 -9.35
C THR A 516 -15.96 -1.94 -9.63
N GLU A 517 -16.32 -2.22 -10.89
CA GLU A 517 -16.88 -3.52 -11.23
C GLU A 517 -15.92 -4.66 -10.88
N GLU A 518 -14.65 -4.54 -11.33
CA GLU A 518 -13.70 -5.63 -11.14
C GLU A 518 -13.36 -5.83 -9.66
N THR A 519 -13.44 -4.77 -8.86
CA THR A 519 -13.21 -4.93 -7.42
C THR A 519 -14.32 -5.72 -6.78
N VAL A 520 -15.58 -5.48 -7.19
CA VAL A 520 -16.70 -6.27 -6.69
C VAL A 520 -16.63 -7.69 -7.21
N GLU A 521 -16.29 -7.85 -8.50
CA GLU A 521 -16.07 -9.18 -9.06
C GLU A 521 -15.03 -9.95 -8.27
N SER A 522 -13.96 -9.26 -7.87
CA SER A 522 -12.85 -9.94 -7.19
C SER A 522 -13.30 -10.63 -5.91
N TYR A 523 -14.39 -10.17 -5.28
CA TYR A 523 -14.92 -10.85 -4.09
C TYR A 523 -15.77 -12.08 -4.44
N GLY A 524 -15.78 -12.49 -5.71
CA GLY A 524 -16.48 -13.72 -6.06
C GLY A 524 -17.91 -13.55 -6.49
N TYR A 525 -18.27 -12.40 -7.05
CA TYR A 525 -19.60 -12.12 -7.55
C TYR A 525 -19.56 -11.92 -9.06
N GLU A 526 -20.67 -12.25 -9.71
CA GLU A 526 -20.88 -11.90 -11.11
C GLU A 526 -21.65 -10.60 -11.13
N VAL A 527 -21.11 -9.60 -11.82
CA VAL A 527 -21.59 -8.23 -11.66
C VAL A 527 -22.23 -7.77 -12.96
N THR A 528 -23.38 -7.14 -12.84
CA THR A 528 -24.02 -6.43 -13.94
C THR A 528 -23.89 -4.94 -13.63
N ASN A 529 -23.39 -4.18 -14.60
CA ASN A 529 -23.09 -2.77 -14.40
C ASN A 529 -24.22 -1.92 -14.98
N GLY A 530 -25.02 -1.34 -14.10
CA GLY A 530 -26.02 -0.38 -14.52
C GLY A 530 -25.47 0.98 -14.88
N ASN A 531 -24.18 1.23 -14.67
CA ASN A 531 -23.57 2.50 -15.06
C ASN A 531 -23.29 2.45 -16.57
N VAL A 532 -24.19 3.02 -17.36
CA VAL A 532 -24.00 3.14 -18.80
C VAL A 532 -23.93 4.60 -19.16
N ALA A 533 -23.40 4.89 -20.35
CA ALA A 533 -23.37 6.26 -20.82
C ALA A 533 -24.78 6.70 -21.21
N GLU A 534 -24.95 8.02 -21.34
CA GLU A 534 -26.26 8.61 -21.63
C GLU A 534 -26.91 8.08 -22.91
N GLY A 535 -26.14 7.61 -23.88
CA GLY A 535 -26.67 7.10 -25.12
C GLY A 535 -26.81 5.60 -25.27
N GLU A 536 -26.60 4.81 -24.20
CA GLU A 536 -26.71 3.36 -24.24
C GLU A 536 -27.83 2.86 -23.34
N GLU A 537 -28.40 1.69 -23.66
CA GLU A 537 -29.49 1.18 -22.85
C GLU A 537 -28.95 0.47 -21.61
N ARG A 538 -29.67 0.59 -20.53
CA ARG A 538 -29.20 0.12 -19.24
C ARG A 538 -29.77 -1.26 -18.97
N PRO A 539 -28.92 -2.25 -18.66
CA PRO A 539 -29.43 -3.61 -18.42
C PRO A 539 -30.35 -3.61 -17.21
N SER A 540 -31.41 -4.40 -17.30
CA SER A 540 -32.36 -4.47 -16.20
C SER A 540 -31.73 -5.12 -15.00
N ALA A 541 -32.18 -4.72 -13.81
CA ALA A 541 -31.72 -5.36 -12.59
C ALA A 541 -32.51 -6.61 -12.24
N ALA A 542 -33.46 -7.03 -13.09
CA ALA A 542 -34.26 -8.22 -12.79
C ALA A 542 -33.36 -9.44 -12.70
N GLY A 543 -33.57 -10.22 -11.64
CA GLY A 543 -32.82 -11.44 -11.41
C GLY A 543 -31.60 -11.31 -10.54
N SER A 544 -31.27 -10.09 -10.10
CA SER A 544 -30.10 -9.92 -9.26
C SER A 544 -30.38 -10.47 -7.86
N ASP A 545 -29.36 -11.08 -7.25
CA ASP A 545 -29.45 -11.40 -5.84
C ASP A 545 -29.20 -10.17 -4.96
N TYR A 546 -28.46 -9.19 -5.46
CA TYR A 546 -28.12 -7.97 -4.71
C TYR A 546 -27.99 -6.80 -5.66
N VAL A 547 -28.40 -5.63 -5.19
CA VAL A 547 -28.18 -4.37 -5.91
C VAL A 547 -27.39 -3.44 -4.98
N LEU A 548 -26.21 -3.05 -5.42
CA LEU A 548 -25.35 -2.13 -4.68
C LEU A 548 -25.47 -0.77 -5.34
N ILE A 549 -26.04 0.19 -4.63
CA ILE A 549 -26.18 1.56 -5.13
C ILE A 549 -25.34 2.48 -4.26
N SER A 550 -24.46 3.23 -4.88
CA SER A 550 -23.73 4.26 -4.17
C SER A 550 -24.21 5.59 -4.70
N MET A 551 -24.80 6.39 -3.83
CA MET A 551 -25.50 7.58 -4.27
C MET A 551 -25.17 8.75 -3.37
N THR A 552 -25.46 9.94 -3.88
CA THR A 552 -25.31 11.19 -3.14
C THR A 552 -26.12 12.24 -3.89
N ALA A 553 -26.01 13.49 -3.45
CA ALA A 553 -26.55 14.63 -4.17
C ALA A 553 -25.49 15.73 -4.24
N LYS A 554 -25.51 16.49 -5.32
CA LYS A 554 -24.55 17.55 -5.59
C LYS A 554 -25.32 18.80 -6.01
N THR A 555 -24.73 19.96 -5.79
CA THR A 555 -25.29 21.18 -6.34
C THR A 555 -24.76 21.38 -7.75
N ASN A 556 -25.57 22.01 -8.58
CA ASN A 556 -25.21 22.35 -9.95
C ASN A 556 -25.66 23.80 -10.20
N ALA A 557 -25.07 24.73 -9.44
CA ALA A 557 -25.51 26.12 -9.37
C ALA A 557 -24.56 27.07 -10.07
N GLY A 558 -23.76 26.56 -11.01
CA GLY A 558 -22.75 27.38 -11.67
C GLY A 558 -23.31 28.46 -12.57
N ASP A 559 -24.60 28.41 -12.89
CA ASP A 559 -25.24 29.41 -13.74
C ASP A 559 -25.74 30.62 -12.97
N TYR A 560 -25.72 30.58 -11.65
CA TYR A 560 -26.27 31.68 -10.88
C TYR A 560 -25.59 32.99 -11.26
N VAL A 561 -26.40 34.01 -11.49
CA VAL A 561 -25.93 35.37 -11.74
C VAL A 561 -26.80 36.29 -10.92
N SER A 562 -26.16 37.18 -10.15
CA SER A 562 -26.91 37.99 -9.18
C SER A 562 -27.79 39.04 -9.87
N ASP A 563 -27.28 39.70 -10.92
CA ASP A 563 -28.00 40.78 -11.58
C ASP A 563 -28.74 40.34 -12.85
N ASP A 564 -29.04 39.06 -12.98
CA ASP A 564 -29.73 38.54 -14.15
C ASP A 564 -31.20 38.44 -13.81
N PRO A 565 -32.10 39.09 -14.58
CA PRO A 565 -33.53 39.02 -14.25
C PRO A 565 -34.10 37.61 -14.33
N SER A 566 -33.45 36.69 -15.06
CA SER A 566 -33.85 35.28 -15.05
C SER A 566 -33.56 34.58 -13.72
N LEU A 567 -32.64 35.12 -12.91
CA LEU A 567 -32.20 34.36 -11.75
C LEU A 567 -32.21 35.16 -10.45
N GLY A 568 -31.10 35.85 -10.14
CA GLY A 568 -31.00 36.56 -8.88
C GLY A 568 -31.99 37.71 -8.75
N LEU A 569 -32.34 38.33 -9.88
CA LEU A 569 -33.32 39.42 -9.93
C LEU A 569 -34.64 38.95 -10.51
N ASN A 570 -34.95 37.66 -10.35
CA ASN A 570 -36.19 37.09 -10.87
C ASN A 570 -37.25 37.09 -9.79
N PRO A 571 -38.34 37.86 -9.95
CA PRO A 571 -39.36 37.90 -8.90
C PRO A 571 -39.98 36.54 -8.63
N ASP A 572 -39.97 35.64 -9.63
CA ASP A 572 -40.49 34.30 -9.42
C ASP A 572 -39.67 33.47 -8.46
N HIS A 573 -38.42 33.86 -8.17
CA HIS A 573 -37.63 33.16 -7.15
C HIS A 573 -37.88 33.72 -5.76
N GLY A 574 -38.80 34.66 -5.63
CA GLY A 574 -39.24 35.11 -4.33
C GLY A 574 -38.32 36.19 -3.79
N THR A 575 -38.38 36.38 -2.49
CA THR A 575 -37.53 37.36 -1.85
C THR A 575 -36.70 36.71 -0.76
N ASN A 576 -35.58 37.35 -0.48
CA ASN A 576 -34.68 36.95 0.59
C ASN A 576 -35.28 37.37 1.92
N PRO A 577 -35.69 36.42 2.76
CA PRO A 577 -36.29 36.79 4.07
C PRO A 577 -35.30 37.36 5.04
N SER A 578 -34.01 37.36 4.75
CA SER A 578 -33.06 37.69 5.79
C SER A 578 -33.01 39.21 5.99
N VAL A 579 -33.01 39.63 7.26
CA VAL A 579 -32.96 41.04 7.61
C VAL A 579 -31.70 41.29 8.44
N ILE A 580 -30.92 42.29 8.06
CA ILE A 580 -29.84 42.79 8.91
C ILE A 580 -29.94 44.30 8.95
N ILE A 581 -30.30 44.84 10.11
CA ILE A 581 -30.33 46.29 10.26
C ILE A 581 -28.92 46.73 10.63
N GLY A 582 -28.32 47.56 9.78
CA GLY A 582 -27.00 48.06 10.05
C GLY A 582 -26.93 48.82 11.36
N ASP A 583 -25.71 48.97 11.88
CA ASP A 583 -25.63 49.73 13.12
C ASP A 583 -25.91 51.22 12.92
N ASP A 584 -25.91 51.70 11.68
CA ASP A 584 -26.36 53.05 11.37
C ASP A 584 -27.89 53.18 11.34
N GLY A 585 -28.63 52.09 11.50
CA GLY A 585 -30.09 52.16 11.44
C GLY A 585 -30.71 51.82 10.11
N GLU A 586 -29.93 51.76 9.03
CA GLU A 586 -30.50 51.39 7.73
C GLU A 586 -30.21 49.92 7.43
N PRO A 587 -31.12 49.21 6.78
CA PRO A 587 -30.85 47.80 6.47
C PRO A 587 -29.68 47.68 5.51
N LEU A 588 -28.93 46.59 5.65
CA LEU A 588 -27.92 46.28 4.66
C LEU A 588 -28.58 46.11 3.30
N PRO A 589 -27.87 46.45 2.22
CA PRO A 589 -28.50 46.41 0.89
C PRO A 589 -29.03 45.01 0.57
N GLY A 590 -30.26 44.96 0.06
CA GLY A 590 -30.92 43.72 -0.29
C GLY A 590 -31.19 42.81 0.89
N LEU A 591 -31.06 43.33 2.11
CA LEU A 591 -31.22 42.52 3.31
C LEU A 591 -32.23 43.15 4.25
N ASP A 592 -33.35 43.61 3.69
CA ASP A 592 -34.47 44.11 4.46
C ASP A 592 -35.60 43.10 4.58
N GLY A 593 -35.42 41.87 4.09
CA GLY A 593 -36.49 40.90 4.17
C GLY A 593 -37.50 41.00 3.07
N GLN A 594 -37.37 41.94 2.16
N GLN A 594 -37.34 41.95 2.14
CA GLN A 594 -38.29 42.00 1.02
CA GLN A 594 -38.27 42.19 1.05
C GLN A 594 -37.55 42.40 -0.25
C GLN A 594 -37.59 42.21 -0.31
N SER A 595 -36.28 41.99 -0.38
CA SER A 595 -35.53 42.21 -1.60
C SER A 595 -35.40 40.93 -2.43
N LEU A 596 -35.17 41.12 -3.73
CA LEU A 596 -34.82 40.01 -4.61
C LEU A 596 -33.47 39.46 -4.20
N TRP A 597 -33.24 38.17 -4.48
CA TRP A 597 -32.08 37.48 -3.90
C TRP A 597 -30.78 38.17 -4.29
N GLY A 598 -30.66 38.59 -5.55
CA GLY A 598 -29.46 39.21 -6.05
C GLY A 598 -29.22 40.64 -5.60
N ALA A 599 -30.19 41.26 -4.91
CA ALA A 599 -30.06 42.68 -4.59
C ALA A 599 -29.01 42.95 -3.52
N ALA A 600 -28.50 41.91 -2.85
CA ALA A 600 -27.48 42.13 -1.85
C ALA A 600 -26.09 42.19 -2.46
N ASP A 601 -25.93 41.70 -3.69
CA ASP A 601 -24.63 41.70 -4.35
C ASP A 601 -24.24 43.12 -4.72
N VAL A 602 -22.94 43.43 -4.58
CA VAL A 602 -22.46 44.80 -4.82
C VAL A 602 -22.61 45.19 -6.29
N CYS A 603 -22.54 44.22 -7.23
CA CYS A 603 -22.88 44.54 -8.61
C CYS A 603 -24.28 45.18 -8.71
N VAL A 604 -25.22 44.85 -7.82
CA VAL A 604 -26.55 45.47 -7.88
C VAL A 604 -26.54 46.78 -7.09
N HIS A 605 -26.21 46.75 -5.79
CA HIS A 605 -26.36 47.95 -4.96
C HIS A 605 -25.26 48.99 -5.17
N LYS A 606 -24.03 48.58 -5.49
CA LYS A 606 -22.97 49.53 -5.86
C LYS A 606 -22.72 50.59 -4.77
N GLU A 607 -22.91 50.24 -3.50
CA GLU A 607 -22.80 51.21 -2.43
C GLU A 607 -21.36 51.63 -2.09
N GLY A 608 -20.36 51.08 -2.79
CA GLY A 608 -18.95 51.39 -2.58
C GLY A 608 -18.47 52.55 -3.45
N HIS A 609 -17.17 52.59 -3.70
CA HIS A 609 -16.51 53.75 -4.33
C HIS A 609 -16.05 53.56 -5.77
N GLU A 610 -16.82 52.93 -6.65
CA GLU A 610 -16.16 52.10 -7.67
C GLU A 610 -17.19 51.34 -8.57
N GLU A 611 -16.95 51.45 -9.88
CA GLU A 611 -18.11 51.82 -10.64
C GLU A 611 -18.94 50.75 -11.27
N ASN A 612 -18.47 49.97 -12.12
CA ASN A 612 -19.31 48.77 -12.08
C ASN A 612 -18.54 47.58 -11.56
N PRO A 613 -18.77 47.39 -10.26
CA PRO A 613 -18.18 46.30 -9.52
C PRO A 613 -18.67 44.99 -10.09
N SER A 614 -17.78 43.99 -10.07
CA SER A 614 -18.17 42.63 -10.40
C SER A 614 -19.13 42.09 -9.34
N CYS A 615 -19.95 41.13 -9.75
CA CYS A 615 -20.73 40.39 -8.78
C CYS A 615 -19.80 39.49 -7.98
N THR A 616 -20.02 39.43 -6.66
CA THR A 616 -19.31 38.49 -5.81
C THR A 616 -19.92 37.10 -5.82
N ASP A 617 -21.21 36.99 -6.11
CA ASP A 617 -21.93 35.73 -5.95
C ASP A 617 -22.05 34.93 -7.24
N ASN A 618 -21.68 35.49 -8.38
CA ASN A 618 -21.84 34.79 -9.66
C ASN A 618 -21.16 33.43 -9.63
N ARG A 619 -21.89 32.43 -10.16
CA ARG A 619 -21.48 31.04 -10.30
C ARG A 619 -21.42 30.31 -8.96
N LEU A 620 -21.68 30.96 -7.84
CA LEU A 620 -21.66 30.31 -6.52
C LEU A 620 -20.44 29.38 -6.41
N ARG A 621 -19.28 29.95 -6.76
CA ARG A 621 -18.11 29.13 -7.07
C ARG A 621 -17.59 28.37 -5.87
N PHE A 622 -17.97 28.74 -4.66
CA PHE A 622 -17.49 28.03 -3.49
C PHE A 622 -18.35 26.83 -3.10
N GLY A 623 -19.52 26.68 -3.70
CA GLY A 623 -20.47 25.67 -3.29
C GLY A 623 -21.82 26.29 -2.94
N GLY A 624 -22.78 25.41 -2.77
CA GLY A 624 -24.12 25.83 -2.39
C GLY A 624 -25.05 25.85 -3.57
N ALA A 625 -26.34 25.68 -3.29
CA ALA A 625 -27.39 25.69 -4.29
C ALA A 625 -27.86 27.12 -4.55
N TYR A 626 -28.75 27.28 -5.52
CA TYR A 626 -29.50 28.52 -5.64
C TYR A 626 -30.10 28.87 -4.27
N PRO A 627 -30.09 30.14 -3.86
CA PRO A 627 -30.56 30.46 -2.50
C PRO A 627 -32.03 30.12 -2.29
N TRP A 628 -32.89 30.32 -3.29
CA TRP A 628 -34.28 29.89 -3.16
C TRP A 628 -34.44 28.37 -3.06
N GLU A 629 -33.38 27.59 -3.27
CA GLU A 629 -33.48 26.14 -3.20
C GLU A 629 -32.70 25.55 -2.03
N SER A 630 -32.26 26.39 -1.11
CA SER A 630 -31.36 25.87 -0.06
C SER A 630 -32.07 24.93 0.90
N SER A 631 -33.42 24.94 0.97
CA SER A 631 -34.14 24.06 1.87
C SER A 631 -34.58 22.75 1.20
N ILE A 632 -34.20 22.52 -0.05
CA ILE A 632 -34.57 21.27 -0.75
C ILE A 632 -33.48 20.24 -0.46
N LEU A 633 -33.61 19.57 0.68
CA LEU A 633 -32.63 18.57 1.06
C LEU A 633 -33.17 17.15 0.94
N ASP A 634 -34.43 16.98 0.49
CA ASP A 634 -35.02 15.67 0.27
C ASP A 634 -34.73 15.17 -1.14
N PHE A 635 -34.47 13.88 -1.26
CA PHE A 635 -34.04 13.35 -2.56
C PHE A 635 -35.11 13.56 -3.62
N THR A 636 -36.39 13.45 -3.26
CA THR A 636 -37.43 13.71 -4.27
C THR A 636 -37.38 15.16 -4.73
N GLY A 637 -37.37 16.09 -3.79
CA GLY A 637 -37.23 17.50 -4.14
C GLY A 637 -35.97 17.79 -4.93
N MET A 638 -34.85 17.15 -4.56
CA MET A 638 -33.58 17.47 -5.21
C MET A 638 -33.58 17.04 -6.67
N GLU A 639 -34.21 15.89 -6.99
CA GLU A 639 -34.30 15.45 -8.37
C GLU A 639 -35.01 16.47 -9.26
N ALA A 640 -36.08 17.08 -8.75
CA ALA A 640 -36.84 18.09 -9.46
C ALA A 640 -36.22 19.50 -9.39
N ALA A 641 -35.31 19.77 -8.47
CA ALA A 641 -34.80 21.13 -8.29
C ALA A 641 -33.92 21.58 -9.44
N GLU A 642 -33.90 22.91 -9.66
CA GLU A 642 -33.05 23.50 -10.70
C GLU A 642 -31.57 23.30 -10.43
N SER A 643 -31.14 23.46 -9.17
CA SER A 643 -29.70 23.56 -8.89
C SER A 643 -29.19 22.42 -8.02
N TRP A 644 -30.01 21.39 -7.80
CA TRP A 644 -29.62 20.15 -7.13
C TRP A 644 -29.61 19.02 -8.14
N GLU A 645 -28.72 18.05 -7.92
CA GLU A 645 -28.66 16.87 -8.76
C GLU A 645 -28.42 15.62 -7.92
N VAL A 646 -29.26 14.62 -8.11
CA VAL A 646 -29.09 13.31 -7.47
C VAL A 646 -28.25 12.43 -8.39
N VAL A 647 -27.25 11.74 -7.81
CA VAL A 647 -26.32 10.92 -8.57
C VAL A 647 -26.17 9.58 -7.88
N PRO A 648 -26.53 8.45 -8.52
CA PRO A 648 -27.25 8.41 -9.80
C PRO A 648 -28.62 9.06 -9.66
N SER A 649 -29.21 9.49 -10.78
CA SER A 649 -30.56 10.04 -10.77
C SER A 649 -31.50 9.20 -9.92
N LEU A 650 -32.39 9.90 -9.21
CA LEU A 650 -33.40 9.20 -8.44
C LEU A 650 -34.36 8.43 -9.34
N GLU A 651 -34.50 8.86 -10.60
CA GLU A 651 -35.36 8.12 -11.51
C GLU A 651 -34.75 6.75 -11.83
N THR A 652 -33.45 6.71 -12.15
CA THR A 652 -32.78 5.42 -12.42
C THR A 652 -32.81 4.53 -11.18
N ILE A 653 -32.50 5.09 -10.02
CA ILE A 653 -32.56 4.31 -8.79
C ILE A 653 -33.94 3.69 -8.60
N GLN A 654 -35.00 4.45 -8.90
CA GLN A 654 -36.36 3.97 -8.68
C GLN A 654 -36.74 2.88 -9.67
N GLU A 655 -36.37 3.06 -10.95
CA GLU A 655 -36.50 1.99 -11.93
C GLU A 655 -35.80 0.73 -11.47
N VAL A 656 -34.53 0.87 -11.03
CA VAL A 656 -33.74 -0.29 -10.64
C VAL A 656 -34.38 -1.01 -9.46
N MET A 657 -34.88 -0.27 -8.48
CA MET A 657 -35.47 -0.90 -7.30
C MET A 657 -36.77 -1.61 -7.64
N ALA A 658 -37.48 -1.14 -8.68
CA ALA A 658 -38.66 -1.85 -9.16
C ALA A 658 -38.28 -3.09 -9.97
N GLU A 659 -37.22 -2.99 -10.78
CA GLU A 659 -36.80 -4.11 -11.63
C GLU A 659 -36.41 -5.34 -10.81
N VAL A 660 -35.72 -5.15 -9.69
CA VAL A 660 -35.40 -6.29 -8.84
C VAL A 660 -36.63 -6.83 -8.13
N GLU A 661 -37.72 -6.07 -8.14
CA GLU A 661 -38.99 -6.45 -7.53
C GLU A 661 -38.91 -6.44 -6.02
N ASP A 662 -38.02 -7.25 -5.42
CA ASP A 662 -37.93 -7.21 -3.96
C ASP A 662 -36.91 -6.17 -3.50
N PRO A 663 -37.36 -5.01 -2.99
CA PRO A 663 -36.40 -3.95 -2.65
C PRO A 663 -35.47 -4.31 -1.51
N SER A 664 -35.80 -5.32 -0.71
CA SER A 664 -34.89 -5.70 0.37
C SER A 664 -33.58 -6.29 -0.14
N LYS A 665 -33.44 -6.52 -1.45
CA LYS A 665 -32.16 -6.90 -2.03
C LYS A 665 -31.29 -5.70 -2.38
N VAL A 666 -31.75 -4.47 -2.12
CA VAL A 666 -31.03 -3.25 -2.46
C VAL A 666 -30.26 -2.76 -1.26
N ILE A 667 -28.98 -2.49 -1.46
CA ILE A 667 -28.12 -1.90 -0.44
C ILE A 667 -27.77 -0.48 -0.90
N LEU A 668 -28.19 0.52 -0.12
CA LEU A 668 -27.90 1.91 -0.43
C LEU A 668 -26.72 2.38 0.39
N HIS A 669 -25.67 2.78 -0.27
CA HIS A 669 -24.56 3.46 0.35
C HIS A 669 -24.69 4.93 -0.02
N VAL A 670 -24.97 5.78 0.96
CA VAL A 670 -25.31 7.19 0.75
C VAL A 670 -24.19 8.06 1.34
N TYR A 671 -23.69 9.00 0.53
CA TYR A 671 -22.76 10.02 1.00
C TYR A 671 -23.58 11.26 1.36
N PHE A 672 -23.82 11.42 2.66
CA PHE A 672 -24.55 12.57 3.21
C PHE A 672 -23.63 13.79 3.26
N ARG A 673 -23.35 14.33 2.07
CA ARG A 673 -22.54 15.54 1.93
C ARG A 673 -23.10 16.67 2.81
N GLN A 674 -24.41 16.86 2.75
CA GLN A 674 -25.22 17.53 3.75
C GLN A 674 -26.17 16.51 4.36
N PRO A 675 -26.84 16.85 5.47
CA PRO A 675 -27.77 15.86 6.05
C PRO A 675 -29.03 15.66 5.21
N TYR A 676 -28.90 14.98 4.08
CA TYR A 676 -30.01 14.79 3.15
C TYR A 676 -31.13 14.01 3.80
N VAL A 677 -32.33 14.23 3.28
CA VAL A 677 -33.55 13.67 3.84
C VAL A 677 -34.04 12.51 2.95
N LEU A 678 -34.08 11.30 3.52
CA LEU A 678 -34.65 10.12 2.84
C LEU A 678 -36.15 10.17 2.99
N ASP A 679 -36.80 10.93 2.11
CA ASP A 679 -38.24 11.15 2.24
C ASP A 679 -39.01 9.90 1.83
N GLU A 680 -40.14 9.65 2.49
CA GLU A 680 -40.85 8.40 2.20
C GLU A 680 -41.35 8.35 0.77
N GLU A 681 -41.68 9.50 0.17
CA GLU A 681 -42.13 9.48 -1.22
C GLU A 681 -41.06 8.92 -2.16
N SER A 682 -39.78 9.04 -1.80
CA SER A 682 -38.71 8.65 -2.71
C SER A 682 -38.57 7.14 -2.86
N GLY A 683 -39.05 6.36 -1.89
CA GLY A 683 -38.92 4.90 -1.93
C GLY A 683 -37.60 4.37 -1.42
N LEU A 684 -36.63 5.25 -1.13
CA LEU A 684 -35.31 4.77 -0.72
C LEU A 684 -35.35 4.03 0.61
N ARG A 685 -36.35 4.32 1.47
CA ARG A 685 -36.42 3.64 2.76
C ARG A 685 -36.86 2.20 2.60
N ASP A 686 -37.24 1.77 1.40
CA ASP A 686 -37.60 0.37 1.16
C ASP A 686 -36.39 -0.51 0.88
N ALA A 687 -35.20 0.07 0.74
CA ALA A 687 -34.00 -0.73 0.57
C ALA A 687 -33.81 -1.64 1.77
N GLY A 688 -33.28 -2.84 1.52
CA GLY A 688 -33.02 -3.78 2.60
C GLY A 688 -31.97 -3.28 3.57
N ALA A 689 -30.95 -2.56 3.06
CA ALA A 689 -29.88 -2.00 3.88
C ALA A 689 -29.56 -0.60 3.42
N ILE A 690 -29.28 0.27 4.38
CA ILE A 690 -28.90 1.65 4.12
C ILE A 690 -27.69 1.93 4.98
N LEU A 691 -26.65 2.49 4.37
CA LEU A 691 -25.46 2.91 5.10
C LEU A 691 -25.16 4.37 4.80
N ALA A 692 -24.53 5.03 5.77
CA ALA A 692 -23.96 6.36 5.58
C ALA A 692 -22.44 6.23 5.45
N GLY A 693 -21.89 6.67 4.33
CA GLY A 693 -20.46 6.61 4.09
C GLY A 693 -19.82 7.99 4.05
N PHE A 694 -18.58 8.06 4.52
CA PHE A 694 -17.86 9.34 4.63
C PHE A 694 -16.53 9.31 3.86
N GLY A 695 -16.43 8.45 2.86
CA GLY A 695 -15.22 8.36 2.05
C GLY A 695 -14.40 7.14 2.40
N MET A 696 -14.36 6.17 1.49
CA MET A 696 -13.62 4.91 1.68
C MET A 696 -13.18 4.37 0.34
N THR A 697 -12.14 3.55 0.37
CA THR A 697 -11.80 2.82 -0.84
C THR A 697 -12.86 1.73 -1.08
N ASP A 698 -12.90 1.23 -2.32
CA ASP A 698 -13.89 0.20 -2.62
C ASP A 698 -13.61 -1.10 -1.87
N THR A 699 -12.34 -1.41 -1.60
CA THR A 699 -12.08 -2.65 -0.85
C THR A 699 -12.41 -2.49 0.63
N ALA A 700 -12.33 -1.27 1.14
CA ALA A 700 -12.74 -1.03 2.53
C ALA A 700 -14.23 -1.22 2.69
N LEU A 701 -15.02 -0.71 1.74
CA LEU A 701 -16.46 -0.89 1.81
C LEU A 701 -16.85 -2.34 1.51
N MET A 702 -16.27 -2.97 0.47
CA MET A 702 -16.59 -4.38 0.23
C MET A 702 -16.19 -5.25 1.41
N ASP A 703 -15.11 -4.91 2.12
CA ASP A 703 -14.71 -5.68 3.30
C ASP A 703 -15.76 -5.57 4.41
N VAL A 704 -16.45 -4.44 4.52
CA VAL A 704 -17.50 -4.35 5.53
C VAL A 704 -18.79 -5.00 5.02
N LEU A 705 -19.10 -4.84 3.74
CA LEU A 705 -20.34 -5.40 3.23
C LEU A 705 -20.33 -6.91 3.29
N THR A 706 -19.18 -7.54 3.04
CA THR A 706 -19.08 -9.00 2.98
C THR A 706 -18.73 -9.62 4.32
N GLY A 707 -18.66 -8.84 5.39
CA GLY A 707 -18.53 -9.41 6.72
C GLY A 707 -17.13 -9.64 7.24
N ALA A 708 -16.09 -9.34 6.46
CA ALA A 708 -14.73 -9.42 7.03
C ALA A 708 -14.60 -8.50 8.23
N TYR A 709 -15.31 -7.37 8.23
CA TYR A 709 -15.43 -6.48 9.38
C TYR A 709 -16.88 -6.06 9.51
N ALA A 710 -17.31 -5.89 10.74
CA ALA A 710 -18.65 -5.43 11.07
C ALA A 710 -18.66 -3.90 11.20
N PRO A 711 -19.73 -3.23 10.75
CA PRO A 711 -19.80 -1.78 10.91
C PRO A 711 -20.00 -1.40 12.37
N GLN A 712 -19.41 -0.27 12.75
CA GLN A 712 -19.58 0.18 14.11
C GLN A 712 -19.71 1.68 14.25
N GLY A 713 -19.66 2.44 13.16
CA GLY A 713 -19.81 3.88 13.25
C GLY A 713 -21.17 4.27 13.79
N LYS A 714 -21.22 5.47 14.38
CA LYS A 714 -22.44 6.07 14.86
C LYS A 714 -22.54 7.48 14.30
N LEU A 715 -23.76 7.94 14.03
CA LEU A 715 -23.97 9.22 13.36
C LEU A 715 -23.52 10.35 14.28
N PRO A 716 -22.68 11.27 13.81
CA PRO A 716 -22.34 12.46 14.59
C PRO A 716 -23.24 13.67 14.34
N PHE A 717 -24.39 13.44 13.68
CA PHE A 717 -25.46 14.41 13.47
C PHE A 717 -26.73 13.61 13.23
N ALA A 718 -27.87 14.18 13.61
CA ALA A 718 -29.17 13.57 13.35
C ALA A 718 -29.55 13.74 11.89
N LEU A 719 -30.38 12.82 11.40
CA LEU A 719 -30.96 12.89 10.07
C LEU A 719 -32.47 13.04 10.18
N ALA A 720 -33.04 13.88 9.33
CA ALA A 720 -34.49 14.11 9.34
C ALA A 720 -35.17 13.28 8.28
N GLY A 721 -36.49 13.10 8.46
CA GLY A 721 -37.30 12.32 7.54
C GLY A 721 -38.16 13.15 6.60
N THR A 722 -38.30 14.46 6.87
CA THR A 722 -39.20 15.31 6.08
C THR A 722 -38.53 16.65 5.80
N ARG A 723 -38.95 17.28 4.70
CA ARG A 723 -38.51 18.64 4.42
C ARG A 723 -39.05 19.63 5.45
N GLU A 724 -40.24 19.36 6.01
CA GLU A 724 -40.78 20.24 7.04
C GLU A 724 -39.84 20.35 8.23
N ALA A 725 -39.29 19.22 8.69
CA ALA A 725 -38.31 19.25 9.77
C ALA A 725 -37.11 20.13 9.41
N ILE A 726 -36.67 20.07 8.15
CA ILE A 726 -35.58 20.92 7.66
C ILE A 726 -35.96 22.40 7.79
N ILE A 727 -37.18 22.74 7.37
CA ILE A 727 -37.64 24.14 7.35
C ILE A 727 -37.93 24.64 8.76
N GLU A 728 -38.27 23.76 9.69
CA GLU A 728 -38.70 24.17 11.03
C GLU A 728 -37.59 24.22 12.08
N GLN A 729 -36.53 23.43 11.93
CA GLN A 729 -35.50 23.35 12.97
C GLN A 729 -34.79 24.71 13.17
N ASP A 730 -34.18 24.87 14.35
CA ASP A 730 -33.44 26.10 14.70
C ASP A 730 -32.01 26.03 14.17
N SER A 731 -31.58 27.02 13.39
CA SER A 731 -30.28 26.92 12.72
C SER A 731 -29.09 26.81 13.67
N ASP A 732 -29.28 27.08 14.96
CA ASP A 732 -28.17 27.06 15.90
C ASP A 732 -28.29 25.91 16.91
N ARG A 733 -29.32 25.08 16.79
CA ARG A 733 -29.63 24.01 17.71
C ARG A 733 -29.39 22.67 17.02
N PRO A 734 -28.84 21.69 17.72
CA PRO A 734 -28.64 20.38 17.11
C PRO A 734 -29.94 19.58 17.11
N GLY A 735 -30.07 18.70 16.12
CA GLY A 735 -31.16 17.74 16.11
C GLY A 735 -32.44 18.30 15.53
N TYR A 736 -33.54 17.55 15.76
CA TYR A 736 -34.85 17.94 15.26
C TYR A 736 -35.94 17.77 16.33
N ASP A 737 -35.56 17.78 17.62
CA ASP A 737 -36.50 17.52 18.68
C ASP A 737 -37.58 18.60 18.81
N GLU A 738 -37.35 19.79 18.26
CA GLU A 738 -38.34 20.85 18.34
C GLU A 738 -39.23 20.91 17.11
N THR A 739 -39.06 20.00 16.17
CA THR A 739 -39.91 19.93 14.99
C THR A 739 -41.07 19.00 15.28
N GLU A 740 -42.13 19.11 14.46
CA GLU A 740 -43.29 18.23 14.60
C GLU A 740 -42.96 16.80 14.15
N ASP A 741 -42.22 16.66 13.06
CA ASP A 741 -41.93 15.34 12.54
C ASP A 741 -40.70 14.70 13.20
N GLY A 742 -39.79 15.50 13.77
CA GLY A 742 -38.66 14.93 14.49
C GLY A 742 -37.60 14.37 13.55
N ALA A 743 -36.76 13.49 14.11
CA ALA A 743 -35.64 12.89 13.40
C ALA A 743 -36.02 11.52 12.84
N LEU A 744 -35.49 11.20 11.65
CA LEU A 744 -35.50 9.83 11.15
C LEU A 744 -34.48 8.96 11.89
N TYR A 745 -33.26 9.46 12.04
CA TYR A 745 -32.20 8.82 12.81
C TYR A 745 -31.54 9.87 13.69
N PRO A 746 -31.33 9.59 14.97
CA PRO A 746 -30.72 10.57 15.87
C PRO A 746 -29.19 10.48 15.91
N PHE A 747 -28.59 11.54 16.44
CA PHE A 747 -27.18 11.52 16.81
C PHE A 747 -26.86 10.30 17.64
N GLY A 748 -25.68 9.72 17.39
CA GLY A 748 -25.23 8.57 18.15
C GLY A 748 -25.82 7.23 17.73
N TYR A 749 -26.65 7.19 16.70
CA TYR A 749 -27.29 5.96 16.26
C TYR A 749 -26.43 5.26 15.22
N GLY A 750 -26.47 3.92 15.26
CA GLY A 750 -25.79 3.07 14.30
C GLY A 750 -25.83 1.60 14.68
N LEU A 751 -26.21 0.72 13.74
CA LEU A 751 -26.33 -0.70 14.01
C LEU A 751 -24.99 -1.42 13.75
N THR A 752 -24.97 -2.72 14.02
CA THR A 752 -23.85 -3.58 13.66
C THR A 752 -24.45 -4.92 13.24
N TYR A 753 -23.59 -5.92 12.99
CA TYR A 753 -24.05 -7.27 12.72
C TYR A 753 -24.20 -8.00 14.05
N GLU A 754 -25.30 -8.69 14.33
CA GLU A 754 -25.19 -9.22 15.68
C GLU A 754 -25.10 -10.72 15.51
N ASP A 755 -24.04 -11.26 14.89
CA ASP A 755 -23.83 -12.75 14.94
C ASP A 755 -22.79 -13.13 16.01
N GLU B 10 -26.03 -26.60 -9.76
CA GLU B 10 -25.87 -27.74 -10.65
C GLU B 10 -24.93 -27.37 -11.81
N GLN B 11 -25.32 -26.36 -12.58
CA GLN B 11 -24.64 -26.04 -13.83
C GLN B 11 -23.39 -25.19 -13.59
N PRO B 12 -22.20 -25.67 -13.96
CA PRO B 12 -21.01 -24.84 -13.80
C PRO B 12 -20.93 -23.79 -14.90
N GLU B 13 -20.28 -22.68 -14.57
CA GLU B 13 -20.07 -21.61 -15.53
C GLU B 13 -19.25 -22.11 -16.70
N LEU B 14 -19.60 -21.65 -17.90
CA LEU B 14 -18.85 -21.98 -19.09
C LEU B 14 -18.36 -20.70 -19.75
N GLU B 15 -17.26 -20.84 -20.49
CA GLU B 15 -16.81 -19.77 -21.38
C GLU B 15 -16.17 -20.47 -22.57
N ALA B 16 -16.53 -20.00 -23.76
CA ALA B 16 -16.02 -20.53 -25.01
C ALA B 16 -15.75 -19.36 -25.94
N ARG B 17 -14.54 -19.26 -26.49
CA ARG B 17 -14.25 -18.21 -27.45
C ARG B 17 -14.09 -18.74 -28.86
N VAL B 18 -14.06 -20.06 -29.06
CA VAL B 18 -13.86 -20.62 -30.39
C VAL B 18 -14.94 -21.66 -30.67
N LYS B 19 -15.10 -22.61 -29.77
CA LYS B 19 -16.07 -23.68 -29.91
C LYS B 19 -17.43 -23.21 -29.40
N GLU B 20 -18.49 -23.94 -29.79
CA GLU B 20 -19.87 -23.58 -29.47
C GLU B 20 -20.35 -24.22 -28.18
N ILE B 21 -21.36 -23.61 -27.58
CA ILE B 21 -22.09 -24.17 -26.44
C ILE B 21 -23.33 -24.88 -27.00
N ILE B 22 -23.58 -26.10 -26.52
CA ILE B 22 -24.75 -26.90 -26.89
C ILE B 22 -25.58 -27.11 -25.63
N GLU B 23 -26.85 -27.49 -25.84
CA GLU B 23 -27.74 -27.76 -24.72
C GLU B 23 -28.25 -29.18 -24.83
N VAL B 24 -28.29 -29.86 -23.70
CA VAL B 24 -28.71 -31.26 -23.62
C VAL B 24 -29.37 -31.44 -22.26
N ASP B 25 -30.61 -31.91 -22.25
CA ASP B 25 -31.42 -32.06 -21.04
C ASP B 25 -31.53 -30.77 -20.24
N GLY B 26 -31.66 -29.65 -20.93
CA GLY B 26 -31.79 -28.39 -20.22
C GLY B 26 -30.52 -27.90 -19.57
N TYR B 27 -29.38 -28.52 -19.84
CA TYR B 27 -28.08 -28.15 -19.28
C TYR B 27 -27.15 -27.74 -20.42
N GLN B 28 -26.08 -27.05 -20.07
CA GLN B 28 -25.16 -26.56 -21.10
C GLN B 28 -23.77 -27.19 -20.95
N PHE B 29 -23.12 -27.33 -22.11
CA PHE B 29 -21.86 -28.04 -22.27
C PHE B 29 -21.10 -27.36 -23.40
N ARG B 30 -19.77 -27.51 -23.37
CA ARG B 30 -18.92 -26.98 -24.42
C ARG B 30 -18.69 -28.08 -25.46
N ASP B 31 -19.03 -27.80 -26.72
CA ASP B 31 -18.89 -28.78 -27.79
C ASP B 31 -17.46 -28.72 -28.32
N LEU B 32 -16.56 -29.36 -27.57
CA LEU B 32 -15.13 -29.10 -27.75
C LEU B 32 -14.52 -29.80 -28.97
N ASN B 33 -15.11 -30.90 -29.44
CA ASN B 33 -14.60 -31.50 -30.67
C ASN B 33 -15.35 -31.02 -31.90
N ASP B 34 -16.36 -30.16 -31.71
CA ASP B 34 -17.08 -29.48 -32.79
C ASP B 34 -17.77 -30.46 -33.75
N ASN B 35 -18.41 -31.48 -33.19
CA ASN B 35 -19.20 -32.42 -33.96
C ASN B 35 -20.69 -32.16 -33.84
N GLY B 36 -21.11 -31.24 -32.96
CA GLY B 36 -22.49 -30.84 -32.81
C GLY B 36 -23.31 -31.65 -31.83
N GLU B 37 -22.72 -32.64 -31.16
CA GLU B 37 -23.43 -33.47 -30.21
C GLU B 37 -22.57 -33.60 -28.96
N LEU B 38 -23.13 -34.15 -27.89
CA LEU B 38 -22.48 -34.15 -26.59
C LEU B 38 -21.69 -35.43 -26.40
N ASP B 39 -20.36 -35.35 -26.59
CA ASP B 39 -19.52 -36.48 -26.28
C ASP B 39 -19.39 -36.62 -24.76
N PRO B 40 -19.10 -37.83 -24.27
CA PRO B 40 -18.95 -38.01 -22.81
C PRO B 40 -17.86 -37.16 -22.18
N TYR B 41 -16.77 -36.86 -22.89
CA TYR B 41 -15.72 -36.07 -22.24
C TYR B 41 -16.12 -34.60 -22.10
N GLU B 42 -17.06 -34.12 -22.91
CA GLU B 42 -17.56 -32.78 -22.72
C GLU B 42 -18.67 -32.70 -21.70
N ASP B 43 -19.09 -33.86 -21.14
CA ASP B 43 -20.30 -33.97 -20.33
C ASP B 43 -19.86 -33.87 -18.87
N TRP B 44 -19.92 -32.67 -18.32
CA TRP B 44 -19.44 -32.47 -16.95
C TRP B 44 -20.27 -33.21 -15.92
N ARG B 45 -21.40 -33.80 -16.31
CA ARG B 45 -22.17 -34.60 -15.36
C ARG B 45 -21.52 -35.94 -15.05
N LEU B 46 -20.68 -36.47 -15.95
CA LEU B 46 -20.07 -37.76 -15.72
C LEU B 46 -18.87 -37.64 -14.79
N PRO B 47 -18.59 -38.67 -14.00
CA PRO B 47 -17.34 -38.69 -13.23
C PRO B 47 -16.12 -38.59 -14.16
N THR B 48 -15.08 -37.95 -13.64
CA THR B 48 -13.87 -37.66 -14.43
C THR B 48 -13.26 -38.89 -15.10
N PRO B 49 -13.10 -40.04 -14.44
CA PRO B 49 -12.54 -41.19 -15.16
C PRO B 49 -13.30 -41.51 -16.43
N GLU B 50 -14.63 -41.29 -16.46
CA GLU B 50 -15.42 -41.59 -17.65
C GLU B 50 -15.19 -40.55 -18.74
N ARG B 51 -15.04 -39.28 -18.35
CA ARG B 51 -14.69 -38.26 -19.35
C ARG B 51 -13.32 -38.55 -19.94
N VAL B 52 -12.37 -38.97 -19.09
CA VAL B 52 -11.00 -39.23 -19.55
C VAL B 52 -10.99 -40.38 -20.55
N ALA B 53 -11.60 -41.52 -20.17
CA ALA B 53 -11.74 -42.65 -21.09
C ALA B 53 -12.25 -42.21 -22.46
N ASP B 54 -13.31 -41.40 -22.49
CA ASP B 54 -13.86 -40.96 -23.77
C ASP B 54 -12.85 -40.14 -24.55
N LEU B 55 -12.20 -39.17 -23.88
CA LEU B 55 -11.24 -38.32 -24.57
C LEU B 55 -10.02 -39.12 -25.03
N VAL B 56 -9.46 -39.96 -24.17
CA VAL B 56 -8.27 -40.70 -24.59
C VAL B 56 -8.62 -41.61 -25.76
N GLY B 57 -9.86 -42.12 -25.81
CA GLY B 57 -10.29 -42.93 -26.94
C GLY B 57 -10.31 -42.17 -28.26
N GLN B 58 -10.52 -40.85 -28.21
CA GLN B 58 -10.63 -40.04 -29.43
C GLN B 58 -9.33 -39.39 -29.85
N MET B 59 -8.25 -39.53 -29.09
CA MET B 59 -7.00 -38.86 -29.44
C MET B 59 -6.14 -39.74 -30.34
N SER B 60 -5.61 -39.16 -31.40
CA SER B 60 -4.52 -39.78 -32.13
C SER B 60 -3.28 -39.94 -31.22
N LEU B 61 -2.33 -40.73 -31.70
CA LEU B 61 -1.13 -41.02 -30.91
C LEU B 61 -0.30 -39.77 -30.66
N VAL B 62 -0.13 -38.91 -31.67
CA VAL B 62 0.67 -37.71 -31.50
C VAL B 62 -0.04 -36.74 -30.58
N GLU B 63 -1.38 -36.69 -30.64
CA GLU B 63 -2.11 -35.85 -29.70
C GLU B 63 -1.93 -36.35 -28.27
N LYS B 64 -1.95 -37.66 -28.05
CA LYS B 64 -1.64 -38.19 -26.72
C LYS B 64 -0.19 -37.94 -26.36
N SER B 65 0.71 -37.99 -27.34
CA SER B 65 2.12 -37.82 -27.01
C SER B 65 2.47 -36.36 -26.73
N GLY B 66 1.72 -35.40 -27.26
CA GLY B 66 1.98 -34.00 -26.96
C GLY B 66 1.75 -33.65 -25.51
N LEU B 67 0.88 -34.40 -24.84
CA LEU B 67 0.66 -34.21 -23.41
C LEU B 67 1.91 -34.45 -22.58
N MET B 68 2.88 -35.18 -23.11
CA MET B 68 4.03 -35.62 -22.35
C MET B 68 5.19 -34.66 -22.49
N LEU B 69 4.90 -33.43 -22.90
CA LEU B 69 5.86 -32.36 -23.09
C LEU B 69 5.40 -31.15 -22.30
N ILE B 70 6.34 -30.45 -21.68
CA ILE B 70 6.06 -29.18 -21.02
C ILE B 70 7.27 -28.28 -21.21
N ASN B 71 7.02 -27.05 -21.69
CA ASN B 71 8.11 -26.16 -22.08
C ASN B 71 7.78 -24.70 -21.79
N THR B 72 8.84 -23.90 -21.73
CA THR B 72 8.68 -22.45 -21.54
C THR B 72 7.79 -21.84 -22.63
N LEU B 73 6.78 -21.10 -22.21
CA LEU B 73 5.95 -20.33 -23.15
C LEU B 73 5.69 -18.96 -22.51
N ASN B 74 6.51 -17.98 -22.85
CA ASN B 74 6.50 -16.66 -22.21
C ASN B 74 5.66 -15.68 -23.03
N ALA B 75 5.08 -14.69 -22.35
CA ALA B 75 4.43 -13.60 -23.06
C ALA B 75 5.46 -12.78 -23.82
N ALA B 76 5.03 -12.23 -24.95
CA ALA B 76 5.87 -11.40 -25.82
C ALA B 76 5.25 -10.00 -25.92
N CYS B 77 5.89 -9.12 -26.68
CA CYS B 77 5.35 -7.79 -26.93
C CYS B 77 5.32 -7.49 -28.41
N ASP B 78 4.37 -6.65 -28.80
CA ASP B 78 4.23 -6.22 -30.18
C ASP B 78 4.81 -4.83 -30.37
N PRO B 79 5.80 -4.64 -31.24
CA PRO B 79 6.38 -3.29 -31.40
C PRO B 79 5.47 -2.30 -32.09
N GLN B 80 4.50 -2.75 -32.87
CA GLN B 80 3.71 -1.80 -33.67
C GLN B 80 2.51 -1.28 -32.90
N THR B 81 1.90 -2.11 -32.08
CA THR B 81 0.81 -1.67 -31.24
C THR B 81 1.29 -1.17 -29.89
N GLY B 82 2.47 -1.60 -29.44
CA GLY B 82 2.88 -1.38 -28.07
C GLY B 82 2.29 -2.35 -27.09
N GLU B 83 1.59 -3.39 -27.54
CA GLU B 83 0.94 -4.31 -26.61
C GLU B 83 1.97 -5.29 -26.04
N PHE B 84 1.92 -5.44 -24.73
CA PHE B 84 2.68 -6.43 -23.99
C PHE B 84 1.73 -7.54 -23.59
N GLY B 85 2.16 -8.78 -23.75
CA GLY B 85 1.32 -9.92 -23.47
C GLY B 85 0.69 -10.54 -24.69
N VAL B 86 1.37 -10.55 -25.84
CA VAL B 86 0.89 -11.24 -27.02
C VAL B 86 1.62 -12.57 -27.09
N LEU B 87 1.12 -13.46 -27.94
CA LEU B 87 1.69 -14.80 -28.02
C LEU B 87 3.09 -14.77 -28.62
N PRO B 88 4.01 -15.57 -28.09
CA PRO B 88 5.35 -15.63 -28.67
C PRO B 88 5.38 -16.38 -29.99
N ALA B 89 6.56 -16.36 -30.61
CA ALA B 89 6.73 -16.97 -31.92
C ALA B 89 6.44 -18.47 -31.89
N GLN B 90 6.93 -19.18 -30.86
CA GLN B 90 6.78 -20.64 -30.76
C GLN B 90 5.37 -21.11 -30.42
N ALA B 91 4.38 -20.23 -30.17
CA ALA B 91 3.06 -20.70 -29.71
C ALA B 91 2.39 -21.62 -30.72
N ASP B 92 2.44 -21.27 -32.00
CA ASP B 92 1.76 -22.07 -33.02
C ASP B 92 2.39 -23.44 -33.13
N ASN B 93 3.72 -23.50 -33.13
CA ASN B 93 4.43 -24.76 -33.16
C ASN B 93 4.05 -25.63 -31.97
N TYR B 94 4.15 -25.08 -30.76
CA TYR B 94 3.94 -25.90 -29.57
C TYR B 94 2.52 -26.44 -29.53
N ILE B 95 1.53 -25.60 -29.84
CA ILE B 95 0.15 -26.03 -29.65
C ILE B 95 -0.35 -26.88 -30.82
N ASN B 96 0.00 -26.51 -32.04
CA ASN B 96 -0.61 -27.11 -33.22
C ASN B 96 0.24 -28.17 -33.89
N THR B 97 1.58 -28.09 -33.76
CA THR B 97 2.48 -29.08 -34.31
C THR B 97 2.94 -30.08 -33.26
N GLN B 98 3.30 -29.61 -32.07
CA GLN B 98 3.72 -30.52 -31.00
C GLN B 98 2.55 -30.97 -30.14
N HIS B 99 1.39 -30.31 -30.24
CA HIS B 99 0.19 -30.68 -29.48
C HIS B 99 0.40 -30.57 -27.98
N MET B 100 1.13 -29.57 -27.54
CA MET B 100 1.42 -29.42 -26.12
C MET B 100 0.28 -28.70 -25.42
N HIS B 101 0.02 -29.08 -24.17
CA HIS B 101 -0.92 -28.32 -23.35
C HIS B 101 -0.38 -27.89 -21.98
N ARG B 102 0.90 -28.06 -21.73
CA ARG B 102 1.51 -27.63 -20.48
C ARG B 102 2.70 -26.75 -20.79
N PHE B 103 2.80 -25.64 -20.04
CA PHE B 103 3.76 -24.57 -20.30
C PHE B 103 4.25 -23.99 -19.00
N VAL B 104 5.42 -23.37 -19.06
CA VAL B 104 6.05 -22.69 -17.91
C VAL B 104 6.06 -21.20 -18.22
N PHE B 105 5.45 -20.41 -17.34
CA PHE B 105 5.30 -18.98 -17.54
C PHE B 105 6.37 -18.29 -16.72
N ARG B 106 7.34 -17.65 -17.37
CA ARG B 106 8.52 -17.13 -16.66
C ARG B 106 8.62 -15.62 -16.64
N ASN B 107 7.69 -14.89 -17.26
CA ASN B 107 7.76 -13.43 -17.23
C ASN B 107 7.65 -12.93 -15.81
N VAL B 108 8.42 -11.88 -15.50
CA VAL B 108 8.16 -11.10 -14.30
C VAL B 108 6.82 -10.37 -14.45
N VAL B 109 5.97 -10.46 -13.43
CA VAL B 109 4.73 -9.70 -13.39
C VAL B 109 4.95 -8.45 -12.52
N ASP B 110 4.88 -7.27 -13.16
CA ASP B 110 5.06 -5.98 -12.47
C ASP B 110 4.61 -4.86 -13.42
N VAL B 111 4.69 -3.63 -12.91
CA VAL B 111 4.48 -2.42 -13.71
C VAL B 111 5.82 -2.00 -14.26
N ARG B 112 5.88 -1.77 -15.56
CA ARG B 112 7.11 -1.32 -16.20
C ARG B 112 7.35 0.14 -15.89
N ALA B 113 8.63 0.51 -15.79
CA ALA B 113 9.01 1.91 -15.64
C ALA B 113 8.64 2.72 -16.88
N GLU B 114 8.53 4.04 -16.68
CA GLU B 114 8.29 4.95 -17.79
C GLU B 114 9.38 4.84 -18.85
N GLY B 115 8.97 4.86 -20.12
CA GLY B 115 9.94 4.84 -21.20
C GLY B 115 10.29 3.45 -21.70
N VAL B 116 9.88 2.40 -21.00
CA VAL B 116 10.17 1.02 -21.41
C VAL B 116 9.34 0.70 -22.64
N GLU B 117 10.01 0.37 -23.74
CA GLU B 117 9.39 -0.03 -24.98
C GLU B 117 9.75 -1.48 -25.27
N CYS B 118 9.06 -2.04 -26.25
CA CYS B 118 9.35 -3.38 -26.74
C CYS B 118 10.72 -3.43 -27.41
N THR B 119 11.61 -4.28 -26.91
CA THR B 119 12.95 -4.35 -27.49
C THR B 119 13.08 -5.43 -28.57
N GLY B 120 12.23 -6.46 -28.52
CA GLY B 120 12.22 -7.51 -29.53
C GLY B 120 12.95 -8.78 -29.13
N THR B 121 13.74 -8.73 -28.06
CA THR B 121 14.42 -9.89 -27.50
C THR B 121 14.17 -9.87 -25.99
N GLY B 122 14.67 -10.88 -25.28
CA GLY B 122 14.45 -10.95 -23.84
C GLY B 122 13.04 -11.37 -23.46
N THR B 123 12.79 -11.39 -22.15
CA THR B 123 11.49 -11.71 -21.58
C THR B 123 10.85 -10.47 -20.97
N PRO B 124 9.89 -9.84 -21.64
CA PRO B 124 9.37 -8.57 -21.13
C PRO B 124 8.62 -8.69 -19.81
N VAL B 125 8.63 -7.60 -19.04
CA VAL B 125 7.77 -7.49 -17.87
C VAL B 125 6.33 -7.25 -18.32
N VAL B 126 5.38 -7.90 -17.64
CA VAL B 126 3.97 -7.74 -17.97
C VAL B 126 3.20 -7.46 -16.69
N SER B 127 2.18 -6.61 -16.82
CA SER B 127 1.26 -6.35 -15.73
C SER B 127 0.36 -7.55 -15.49
N PRO B 128 -0.31 -7.62 -14.33
CA PRO B 128 -1.24 -8.75 -14.10
C PRO B 128 -2.32 -8.89 -15.18
N ALA B 129 -2.91 -7.76 -15.60
CA ALA B 129 -3.89 -7.81 -16.67
C ALA B 129 -3.28 -8.32 -17.97
N GLU B 130 -2.06 -7.89 -18.28
CA GLU B 130 -1.38 -8.38 -19.48
C GLU B 130 -1.01 -9.86 -19.35
N ALA B 131 -0.61 -10.30 -18.15
CA ALA B 131 -0.35 -11.72 -17.98
C ALA B 131 -1.63 -12.52 -18.24
N ALA B 132 -2.76 -12.05 -17.71
CA ALA B 132 -4.04 -12.73 -17.88
C ALA B 132 -4.49 -12.73 -19.33
N THR B 133 -4.28 -11.61 -20.03
CA THR B 133 -4.55 -11.57 -21.46
C THR B 133 -3.71 -12.60 -22.21
N PHE B 134 -2.43 -12.69 -21.86
CA PHE B 134 -1.55 -13.68 -22.47
C PHE B 134 -2.04 -15.10 -22.23
N THR B 135 -2.27 -15.48 -20.95
CA THR B 135 -2.66 -16.87 -20.70
C THR B 135 -4.03 -17.18 -21.30
N ASN B 136 -4.95 -16.20 -21.30
CA ASN B 136 -6.22 -16.36 -22.02
C ASN B 136 -5.98 -16.63 -23.50
N ALA B 137 -5.06 -15.88 -24.11
CA ALA B 137 -4.80 -16.07 -25.53
C ALA B 137 -4.31 -17.48 -25.81
N VAL B 138 -3.50 -18.05 -24.92
CA VAL B 138 -3.06 -19.43 -25.08
C VAL B 138 -4.23 -20.40 -24.90
N GLN B 139 -5.09 -20.14 -23.90
CA GLN B 139 -6.26 -21.00 -23.73
C GLN B 139 -7.16 -20.92 -24.96
N GLU B 140 -7.25 -19.75 -25.57
CA GLU B 140 -8.04 -19.58 -26.78
C GLU B 140 -7.46 -20.40 -27.93
N MET B 141 -6.14 -20.35 -28.10
CA MET B 141 -5.50 -21.18 -29.11
C MET B 141 -5.66 -22.67 -28.80
N SER B 142 -5.62 -23.04 -27.51
CA SER B 142 -5.81 -24.43 -27.12
C SER B 142 -7.24 -24.89 -27.42
N GLU B 143 -8.23 -24.06 -27.10
CA GLU B 143 -9.63 -24.38 -27.41
C GLU B 143 -9.83 -24.56 -28.91
N ALA B 144 -9.07 -23.84 -29.74
CA ALA B 144 -9.19 -23.98 -31.19
C ALA B 144 -8.62 -25.29 -31.73
N THR B 145 -7.93 -26.10 -30.93
CA THR B 145 -7.42 -27.35 -31.47
C THR B 145 -8.58 -28.33 -31.66
N ARG B 146 -8.28 -29.42 -32.36
CA ARG B 146 -9.31 -30.36 -32.80
C ARG B 146 -10.22 -30.78 -31.65
N LEU B 147 -9.65 -31.19 -30.54
CA LEU B 147 -10.46 -31.60 -29.40
C LEU B 147 -10.68 -30.49 -28.38
N GLY B 148 -10.17 -29.29 -28.63
CA GLY B 148 -10.31 -28.19 -27.68
C GLY B 148 -9.88 -28.49 -26.26
N ILE B 149 -8.82 -29.28 -26.07
CA ILE B 149 -8.31 -29.51 -24.71
C ILE B 149 -7.71 -28.21 -24.18
N PRO B 150 -7.95 -27.84 -22.92
CA PRO B 150 -7.36 -26.61 -22.39
C PRO B 150 -5.91 -26.87 -21.97
N SER B 151 -5.25 -25.78 -21.55
CA SER B 151 -3.84 -25.82 -21.18
C SER B 151 -3.65 -25.50 -19.71
N LEU B 152 -2.45 -25.80 -19.23
CA LEU B 152 -2.05 -25.51 -17.85
C LEU B 152 -0.69 -24.82 -17.86
N PHE B 153 -0.62 -23.68 -17.20
CA PHE B 153 0.64 -22.97 -17.01
C PHE B 153 1.20 -23.27 -15.63
N LYS B 154 2.48 -23.62 -15.57
CA LYS B 154 3.20 -23.69 -14.30
C LYS B 154 4.21 -22.55 -14.19
N SER B 155 4.72 -22.33 -12.99
CA SER B 155 5.72 -21.28 -12.77
C SER B 155 6.45 -21.56 -11.48
N ASN B 156 7.69 -21.07 -11.40
CA ASN B 156 8.41 -21.02 -10.14
C ASN B 156 7.80 -19.94 -9.24
N ALA B 157 8.25 -19.91 -7.99
CA ALA B 157 7.63 -19.05 -6.98
C ALA B 157 7.77 -17.58 -7.35
N ARG B 158 6.83 -16.77 -6.87
CA ARG B 158 6.80 -15.37 -7.28
C ARG B 158 6.57 -14.40 -6.13
N ASN B 159 6.21 -14.86 -4.94
CA ASN B 159 5.77 -13.97 -3.86
C ASN B 159 6.86 -13.69 -2.83
N HIS B 160 8.13 -13.85 -3.18
CA HIS B 160 9.21 -13.68 -2.21
C HIS B 160 10.09 -12.50 -2.61
N ILE B 161 10.43 -11.66 -1.63
CA ILE B 161 11.44 -10.63 -1.81
C ILE B 161 12.79 -11.27 -2.14
N ASP B 162 13.47 -10.72 -3.15
CA ASP B 162 14.87 -11.08 -3.42
C ASP B 162 15.79 -10.14 -2.63
N PRO B 163 16.47 -10.61 -1.58
CA PRO B 163 17.38 -9.73 -0.84
C PRO B 163 18.70 -9.49 -1.56
N ALA B 172 4.61 -2.44 -5.09
CA ALA B 172 3.42 -2.62 -4.25
C ALA B 172 2.30 -3.33 -5.02
N ALA B 173 1.30 -2.55 -5.45
CA ALA B 173 0.28 -3.08 -6.35
C ALA B 173 0.84 -3.19 -7.77
N GLY B 174 0.49 -4.27 -8.46
CA GLY B 174 1.08 -4.60 -9.74
C GLY B 174 1.96 -5.85 -9.67
N ALA B 175 2.96 -5.83 -8.81
CA ALA B 175 3.72 -7.06 -8.58
C ALA B 175 2.95 -7.92 -7.60
N PHE B 176 3.31 -9.19 -7.57
CA PHE B 176 2.75 -10.10 -6.58
C PHE B 176 3.07 -9.59 -5.18
N SER B 177 2.24 -9.97 -4.22
CA SER B 177 2.43 -9.49 -2.86
C SER B 177 3.67 -10.15 -2.24
N ALA B 178 4.46 -9.35 -1.53
CA ALA B 178 5.83 -9.70 -1.15
C ALA B 178 5.88 -10.32 0.25
N PHE B 179 6.49 -11.50 0.34
CA PHE B 179 6.74 -12.21 1.59
C PHE B 179 8.24 -12.46 1.73
N PRO B 180 8.73 -12.77 2.93
CA PRO B 180 10.11 -13.24 3.07
C PRO B 180 10.31 -14.52 2.27
N LYS B 181 11.58 -14.87 2.10
CA LYS B 181 11.95 -16.13 1.46
C LYS B 181 11.37 -17.31 2.24
N GLU B 182 11.40 -18.48 1.59
CA GLU B 182 10.74 -19.66 2.16
C GLU B 182 11.20 -19.91 3.59
N ALA B 183 12.52 -19.84 3.84
CA ALA B 183 13.04 -20.09 5.18
C ALA B 183 12.55 -19.04 6.16
N GLY B 184 12.28 -17.83 5.68
CA GLY B 184 11.69 -16.83 6.55
C GLY B 184 10.28 -17.17 6.97
N ILE B 185 9.49 -17.73 6.05
CA ILE B 185 8.14 -18.14 6.42
C ILE B 185 8.20 -19.21 7.51
N ALA B 186 9.13 -20.16 7.38
CA ALA B 186 9.31 -21.17 8.42
C ALA B 186 9.74 -20.53 9.74
N ALA B 187 10.66 -19.57 9.68
CA ALA B 187 11.06 -18.84 10.89
C ALA B 187 9.86 -18.19 11.56
N ALA B 188 8.98 -17.58 10.78
CA ALA B 188 7.80 -16.94 11.35
C ALA B 188 6.84 -17.99 11.92
N ALA B 189 6.74 -19.15 11.29
CA ALA B 189 5.86 -20.18 11.80
C ALA B 189 6.34 -20.70 13.15
N LEU B 190 7.63 -21.08 13.23
CA LEU B 190 8.18 -21.53 14.50
C LEU B 190 8.11 -20.44 15.56
N GLY B 191 8.25 -19.18 15.16
CA GLY B 191 8.18 -18.11 16.13
C GLY B 191 6.82 -17.93 16.76
N GLU B 192 5.76 -18.25 16.02
CA GLU B 192 4.42 -18.08 16.58
C GLU B 192 3.99 -19.30 17.36
N GLN B 193 4.55 -20.45 17.06
CA GLN B 193 4.38 -21.59 17.94
C GLN B 193 5.09 -21.33 19.27
N ALA B 194 6.34 -20.90 19.20
CA ALA B 194 7.11 -20.57 20.40
C ALA B 194 6.50 -19.42 21.17
N ARG B 195 5.85 -18.50 20.47
CA ARG B 195 5.21 -17.39 21.18
C ARG B 195 3.99 -17.83 21.97
N ARG B 196 3.32 -18.93 21.56
CA ARG B 196 2.23 -19.47 22.35
C ARG B 196 2.50 -20.74 23.12
N THR B 197 3.31 -21.67 22.64
CA THR B 197 3.59 -22.86 23.45
C THR B 197 4.93 -22.77 24.12
N GLY B 198 5.87 -22.02 23.55
CA GLY B 198 7.26 -21.98 24.00
C GLY B 198 8.21 -22.95 23.32
N GLU B 199 7.74 -23.76 22.37
CA GLU B 199 8.48 -24.72 21.56
C GLU B 199 9.00 -24.01 20.35
N ALA B 200 9.97 -24.64 19.71
CA ALA B 200 10.00 -24.66 18.24
C ALA B 200 10.07 -26.10 17.70
N THR B 201 8.97 -26.79 17.36
CA THR B 201 9.12 -28.14 16.74
C THR B 201 8.53 -28.14 15.34
N THR B 202 7.21 -28.16 15.23
CA THR B 202 6.54 -28.29 13.94
C THR B 202 5.89 -27.00 13.46
N GLY B 203 5.81 -25.97 14.30
CA GLY B 203 5.41 -24.66 13.83
C GLY B 203 3.92 -24.40 13.95
N ASP B 204 3.58 -23.12 13.84
CA ASP B 204 2.21 -22.66 13.77
C ASP B 204 1.87 -22.49 12.31
N MET B 205 1.10 -23.45 11.77
CA MET B 205 0.79 -23.48 10.35
C MET B 205 -0.29 -22.49 9.94
N SER B 206 -0.82 -21.71 10.87
CA SER B 206 -1.70 -20.61 10.46
C SER B 206 -0.91 -19.56 9.67
N VAL B 207 0.38 -19.46 9.94
CA VAL B 207 1.26 -18.54 9.21
C VAL B 207 1.42 -18.99 7.77
N VAL B 208 1.69 -20.28 7.56
CA VAL B 208 1.87 -20.84 6.22
C VAL B 208 0.56 -20.80 5.44
N ALA B 209 -0.55 -21.13 6.10
CA ALA B 209 -1.85 -21.05 5.42
C ALA B 209 -2.18 -19.62 5.02
N ASP B 210 -1.88 -18.65 5.89
CA ASP B 210 -2.18 -17.26 5.55
C ASP B 210 -1.42 -16.81 4.30
N PHE B 211 -0.15 -17.19 4.20
CA PHE B 211 0.64 -16.90 2.99
C PHE B 211 0.06 -17.60 1.75
N ALA B 212 -0.16 -18.92 1.84
CA ALA B 212 -0.62 -19.69 0.69
C ALA B 212 -1.98 -19.20 0.19
N ASP B 213 -2.79 -18.64 1.08
CA ASP B 213 -4.08 -18.09 0.68
C ASP B 213 -3.92 -16.88 -0.23
N VAL B 214 -2.96 -16.01 0.08
CA VAL B 214 -2.70 -14.84 -0.77
C VAL B 214 -2.14 -15.29 -2.11
N MET B 215 -1.18 -16.21 -2.07
CA MET B 215 -0.58 -16.69 -3.31
C MET B 215 -1.62 -17.35 -4.20
N GLY B 216 -2.39 -18.28 -3.63
CA GLY B 216 -3.39 -18.99 -4.43
C GLY B 216 -4.34 -18.05 -5.12
N GLU B 217 -4.83 -17.05 -4.39
CA GLU B 217 -5.74 -16.05 -4.96
C GLU B 217 -5.09 -15.29 -6.11
N GLU B 218 -3.84 -14.83 -5.90
CA GLU B 218 -3.18 -13.98 -6.89
C GLU B 218 -2.78 -14.78 -8.13
N TRP B 219 -2.27 -15.99 -7.93
CA TRP B 219 -1.88 -16.84 -9.04
C TRP B 219 -3.08 -17.22 -9.90
N ALA B 220 -4.18 -17.63 -9.27
CA ALA B 220 -5.35 -18.08 -10.06
C ALA B 220 -5.95 -16.94 -10.87
N SER B 221 -5.90 -15.71 -10.36
CA SER B 221 -6.52 -14.59 -11.05
C SER B 221 -5.84 -14.25 -12.38
N ILE B 222 -4.59 -14.64 -12.58
CA ILE B 222 -3.93 -14.44 -13.88
C ILE B 222 -3.95 -15.71 -14.71
N GLY B 223 -4.66 -16.75 -14.27
CA GLY B 223 -4.72 -17.98 -15.00
C GLY B 223 -3.48 -18.82 -14.88
N LEU B 224 -2.80 -18.74 -13.74
CA LEU B 224 -1.58 -19.51 -13.44
C LEU B 224 -2.01 -20.51 -12.37
N ARG B 225 -2.40 -21.71 -12.82
CA ARG B 225 -3.06 -22.68 -11.97
C ARG B 225 -2.16 -23.84 -11.56
N GLY B 226 -0.86 -23.80 -11.92
CA GLY B 226 0.08 -24.81 -11.48
C GLY B 226 1.38 -24.17 -11.04
N MET B 227 2.20 -24.96 -10.36
CA MET B 227 3.48 -24.49 -9.84
C MET B 227 4.54 -25.57 -9.97
N TYR B 228 5.76 -25.14 -10.33
CA TYR B 228 6.98 -25.95 -10.15
C TYR B 228 7.46 -25.70 -8.72
N GLY B 229 6.93 -26.46 -7.78
CA GLY B 229 7.25 -26.25 -6.38
C GLY B 229 6.03 -26.50 -5.53
N TYR B 230 6.11 -26.15 -4.25
CA TYR B 230 7.31 -25.62 -3.64
C TYR B 230 8.38 -26.70 -3.48
N MET B 231 9.53 -26.30 -2.94
CA MET B 231 10.62 -27.23 -2.70
C MET B 231 10.42 -27.86 -1.33
N ALA B 232 10.36 -29.18 -1.31
CA ALA B 232 10.33 -29.92 -0.06
C ALA B 232 11.71 -30.33 0.40
N ASP B 233 12.74 -29.99 -0.36
CA ASP B 233 14.12 -30.32 -0.04
C ASP B 233 14.54 -29.79 1.32
N LEU B 234 15.41 -30.53 1.99
CA LEU B 234 15.89 -30.16 3.31
C LEU B 234 17.30 -29.61 3.17
N SER B 235 17.59 -28.56 3.93
CA SER B 235 18.89 -27.90 3.87
C SER B 235 19.90 -28.55 4.81
N THR B 236 20.01 -29.88 4.72
CA THR B 236 20.91 -30.64 5.56
C THR B 236 22.36 -30.51 5.12
N GLU B 237 22.61 -30.07 3.90
CA GLU B 237 23.96 -29.83 3.40
C GLU B 237 24.14 -28.33 3.17
N PRO B 238 24.82 -27.61 4.07
CA PRO B 238 24.85 -26.14 3.96
C PRO B 238 25.61 -25.63 2.76
N ARG B 239 26.43 -26.46 2.12
CA ARG B 239 27.19 -26.05 0.94
C ARG B 239 26.36 -26.08 -0.33
N TRP B 240 25.12 -26.55 -0.25
CA TRP B 240 24.22 -26.58 -1.41
C TRP B 240 23.72 -25.16 -1.65
N TYR B 241 23.98 -24.61 -2.84
CA TYR B 241 23.58 -23.24 -3.10
C TYR B 241 22.05 -23.07 -3.06
N ARG B 242 21.27 -24.14 -3.26
CA ARG B 242 19.81 -24.01 -3.29
C ARG B 242 19.17 -24.03 -1.90
N THR B 243 19.96 -24.03 -0.82
CA THR B 243 19.38 -23.80 0.50
C THR B 243 18.61 -22.49 0.56
N HIS B 244 18.90 -21.53 -0.33
CA HIS B 244 18.18 -20.26 -0.31
C HIS B 244 16.69 -20.43 -0.61
N GLU B 245 16.28 -21.55 -1.19
CA GLU B 245 14.87 -21.79 -1.49
C GLU B 245 14.29 -22.97 -0.73
N THR B 246 14.97 -23.46 0.30
CA THR B 246 14.40 -24.47 1.18
C THR B 246 13.73 -23.79 2.36
N PHE B 247 12.75 -24.46 2.95
CA PHE B 247 12.12 -23.93 4.15
C PHE B 247 12.95 -24.21 5.40
N THR B 248 13.54 -25.39 5.50
CA THR B 248 14.14 -25.84 6.75
C THR B 248 15.07 -27.02 6.48
N GLU B 249 15.87 -27.34 7.49
CA GLU B 249 16.66 -28.57 7.48
C GLU B 249 15.91 -29.73 8.13
N ASP B 250 14.80 -29.45 8.79
CA ASP B 250 14.12 -30.40 9.66
C ASP B 250 12.96 -31.06 8.90
N ALA B 251 13.01 -32.39 8.78
CA ALA B 251 12.05 -33.10 7.94
C ALA B 251 10.64 -33.02 8.48
N TYR B 252 10.47 -32.99 9.80
CA TYR B 252 9.11 -33.01 10.34
C TYR B 252 8.43 -31.64 10.24
N LEU B 253 9.19 -30.55 10.39
CA LEU B 253 8.63 -29.22 10.12
C LEU B 253 8.31 -29.06 8.63
N ALA B 254 9.19 -29.55 7.76
CA ALA B 254 8.94 -29.49 6.33
C ALA B 254 7.67 -30.25 5.99
N ALA B 255 7.52 -31.44 6.54
CA ALA B 255 6.31 -32.22 6.30
C ALA B 255 5.08 -31.45 6.73
N GLU B 256 5.13 -30.78 7.89
CA GLU B 256 3.95 -30.03 8.30
C GLU B 256 3.71 -28.81 7.42
N ILE B 257 4.77 -28.24 6.84
CA ILE B 257 4.59 -27.10 5.94
C ILE B 257 4.02 -27.57 4.60
N MET B 258 4.57 -28.63 4.04
CA MET B 258 4.08 -29.09 2.74
C MET B 258 2.63 -29.55 2.81
N GLU B 259 2.24 -30.22 3.91
CA GLU B 259 0.83 -30.54 4.14
C GLU B 259 -0.06 -29.30 4.01
N THR B 260 0.29 -28.23 4.73
CA THR B 260 -0.52 -27.02 4.77
C THR B 260 -0.56 -26.30 3.43
N LEU B 261 0.58 -26.26 2.71
CA LEU B 261 0.56 -25.67 1.39
C LEU B 261 -0.40 -26.41 0.45
N VAL B 262 -0.36 -27.74 0.47
CA VAL B 262 -1.22 -28.54 -0.40
C VAL B 262 -2.69 -28.27 -0.08
N GLN B 263 -3.06 -28.39 1.20
CA GLN B 263 -4.45 -28.19 1.60
C GLN B 263 -4.95 -26.80 1.22
N THR B 264 -4.07 -25.79 1.33
CA THR B 264 -4.47 -24.41 1.11
C THR B 264 -4.49 -24.05 -0.37
N LEU B 265 -3.47 -24.46 -1.12
CA LEU B 265 -3.38 -24.10 -2.53
C LEU B 265 -4.24 -25.03 -3.39
N GLN B 266 -4.32 -26.31 -3.03
CA GLN B 266 -5.08 -27.27 -3.82
C GLN B 266 -6.46 -27.57 -3.25
N GLY B 267 -6.62 -27.43 -1.94
CA GLY B 267 -7.85 -27.72 -1.22
C GLY B 267 -7.88 -29.07 -0.52
N GLU B 268 -8.82 -29.14 0.43
CA GLU B 268 -9.36 -30.31 1.14
C GLU B 268 -10.17 -31.30 0.32
N GLU B 269 -10.91 -30.83 -0.65
CA GLU B 269 -11.73 -31.69 -1.49
C GLU B 269 -10.90 -32.57 -2.44
N LEU B 270 -10.95 -33.87 -2.10
CA LEU B 270 -10.18 -35.00 -2.64
C LEU B 270 -11.04 -35.80 -3.62
N THR B 271 -10.41 -36.30 -4.66
CA THR B 271 -11.08 -37.23 -5.55
C THR B 271 -11.01 -38.64 -4.97
N ASP B 272 -11.72 -39.57 -5.63
CA ASP B 272 -11.65 -40.97 -5.21
C ASP B 272 -10.26 -41.55 -5.44
N ASN B 273 -9.54 -40.99 -6.43
CA ASN B 273 -8.13 -41.30 -6.62
C ASN B 273 -7.26 -40.75 -5.48
N GLY B 274 -7.81 -39.92 -4.61
CA GLY B 274 -7.05 -39.40 -3.50
C GLY B 274 -6.26 -38.15 -3.82
N LEU B 275 -6.66 -37.40 -4.84
CA LEU B 275 -5.96 -36.20 -5.25
C LEU B 275 -6.78 -34.98 -4.86
N ALA B 276 -6.11 -33.97 -4.32
CA ALA B 276 -6.75 -32.72 -3.92
C ALA B 276 -6.96 -31.85 -5.15
N LEU B 277 -7.98 -32.18 -5.93
CA LEU B 277 -8.30 -31.46 -7.16
C LEU B 277 -9.80 -31.19 -7.23
N SER B 278 -10.15 -29.91 -7.21
CA SER B 278 -11.51 -29.39 -7.24
C SER B 278 -11.54 -28.21 -8.19
N PRO B 279 -12.73 -27.71 -8.58
CA PRO B 279 -12.78 -26.36 -9.18
C PRO B 279 -12.34 -25.28 -8.23
N GLN B 280 -12.28 -25.58 -6.93
CA GLN B 280 -11.75 -24.69 -5.90
C GLN B 280 -10.22 -24.70 -5.87
N THR B 281 -9.56 -25.65 -6.53
CA THR B 281 -8.12 -25.72 -6.55
C THR B 281 -7.56 -24.46 -7.22
N ARG B 282 -6.91 -23.59 -6.45
CA ARG B 282 -6.36 -22.40 -7.06
C ARG B 282 -5.03 -22.70 -7.76
N VAL B 283 -4.14 -23.47 -7.14
CA VAL B 283 -2.86 -23.82 -7.73
C VAL B 283 -2.56 -25.28 -7.46
N ALA B 284 -2.37 -26.07 -8.53
CA ALA B 284 -1.93 -27.45 -8.41
C ALA B 284 -0.42 -27.51 -8.27
N LEU B 285 0.05 -28.17 -7.21
CA LEU B 285 1.49 -28.21 -6.93
C LEU B 285 2.16 -29.36 -7.65
N THR B 286 3.35 -29.09 -8.16
CA THR B 286 4.28 -30.11 -8.65
C THR B 286 5.45 -30.02 -7.67
N LEU B 287 5.43 -30.90 -6.67
CA LEU B 287 6.38 -30.81 -5.58
C LEU B 287 7.75 -31.28 -6.04
N LYS B 288 8.79 -30.64 -5.50
CA LYS B 288 10.16 -30.89 -5.94
C LYS B 288 11.11 -30.81 -4.75
N HIS B 289 12.29 -31.40 -4.90
CA HIS B 289 12.62 -32.29 -6.01
C HIS B 289 12.74 -33.74 -5.51
N PHE B 290 11.75 -34.58 -5.84
CA PHE B 290 11.66 -35.93 -5.28
C PHE B 290 12.90 -36.75 -5.61
N PRO B 291 13.37 -37.62 -4.70
CA PRO B 291 12.87 -37.88 -3.33
C PRO B 291 13.47 -36.99 -2.25
N GLY B 292 14.11 -35.91 -2.65
CA GLY B 292 14.76 -35.03 -1.72
C GLY B 292 16.08 -34.57 -2.31
N GLY B 293 16.17 -33.29 -2.65
CA GLY B 293 17.35 -32.73 -3.26
C GLY B 293 18.44 -32.27 -2.31
N GLY B 294 18.17 -32.29 -1.00
CA GLY B 294 19.06 -31.74 -0.01
C GLY B 294 20.47 -32.32 0.08
N PRO B 295 20.61 -33.67 0.13
CA PRO B 295 21.93 -34.22 0.52
C PRO B 295 22.91 -34.36 -0.65
N GLN B 296 23.45 -33.24 -1.11
CA GLN B 296 24.40 -33.22 -2.22
C GLN B 296 25.82 -33.45 -1.70
N GLU B 297 26.59 -34.24 -2.44
CA GLU B 297 27.95 -34.56 -1.99
C GLU B 297 28.83 -33.33 -2.13
N LEU B 298 29.48 -32.91 -1.04
CA LEU B 298 30.22 -31.66 -1.02
C LEU B 298 29.35 -30.46 -1.39
N GLY B 299 28.02 -30.61 -1.31
CA GLY B 299 27.09 -29.57 -1.67
C GLY B 299 27.04 -29.24 -3.15
N LEU B 300 27.76 -29.96 -4.00
CA LEU B 300 27.75 -29.64 -5.42
C LEU B 300 26.42 -30.06 -6.03
N ASP B 301 25.91 -29.27 -6.98
CA ASP B 301 24.52 -29.45 -7.34
C ASP B 301 24.41 -30.16 -8.67
N PRO B 302 23.42 -31.05 -8.84
CA PRO B 302 23.35 -31.87 -10.06
C PRO B 302 22.87 -31.14 -11.31
N HIS B 303 22.76 -29.81 -11.31
CA HIS B 303 22.68 -29.10 -12.57
C HIS B 303 23.98 -29.26 -13.34
N TYR B 304 25.04 -29.59 -12.63
CA TYR B 304 26.41 -29.63 -13.15
C TYR B 304 26.93 -31.05 -13.15
N ALA B 305 27.71 -31.38 -14.19
CA ALA B 305 28.23 -32.73 -14.32
C ALA B 305 29.12 -33.12 -13.13
N PHE B 306 29.88 -32.16 -12.57
CA PHE B 306 30.70 -32.52 -11.41
C PHE B 306 29.87 -32.78 -10.16
N GLY B 307 28.58 -32.45 -10.16
CA GLY B 307 27.80 -32.65 -8.95
C GLY B 307 26.64 -33.63 -9.07
N LYS B 308 26.78 -34.69 -9.87
CA LYS B 308 25.69 -35.64 -10.07
C LYS B 308 25.28 -36.38 -8.79
N ALA B 309 26.15 -36.50 -7.80
CA ALA B 309 25.99 -37.48 -6.73
C ALA B 309 25.20 -36.94 -5.54
N GLN B 310 24.27 -37.75 -5.02
CA GLN B 310 23.67 -37.47 -3.72
C GLN B 310 24.03 -38.58 -2.75
N VAL B 311 24.52 -38.22 -1.57
CA VAL B 311 25.08 -39.17 -0.63
C VAL B 311 24.32 -39.10 0.68
N TYR B 312 24.27 -40.23 1.38
CA TYR B 312 23.47 -40.37 2.60
C TYR B 312 24.32 -41.01 3.69
N PRO B 313 25.38 -40.33 4.12
CA PRO B 313 26.28 -40.94 5.12
C PRO B 313 25.62 -41.24 6.44
N ALA B 314 24.57 -40.51 6.82
CA ALA B 314 23.87 -40.74 8.06
C ALA B 314 22.65 -41.63 7.89
N GLY B 315 22.50 -42.25 6.71
CA GLY B 315 21.36 -43.11 6.43
C GLY B 315 20.00 -42.46 6.65
N ARG B 316 19.78 -41.27 6.09
CA ARG B 316 18.53 -40.54 6.30
C ARG B 316 17.69 -40.40 5.03
N PHE B 317 17.90 -41.26 4.03
CA PHE B 317 17.15 -41.21 2.77
C PHE B 317 15.64 -41.23 3.02
N GLU B 318 15.18 -42.02 3.97
CA GLU B 318 13.75 -42.10 4.22
C GLU B 318 13.24 -40.86 4.92
N GLU B 319 14.07 -40.23 5.75
CA GLU B 319 13.69 -38.95 6.34
C GLU B 319 13.55 -37.88 5.27
N HIS B 320 14.36 -37.95 4.22
CA HIS B 320 14.34 -36.91 3.21
C HIS B 320 13.07 -36.94 2.37
N PHE B 321 12.50 -38.13 2.11
CA PHE B 321 11.23 -38.17 1.39
C PHE B 321 10.02 -38.09 2.29
N LEU B 322 10.20 -37.91 3.61
CA LEU B 322 9.04 -37.72 4.47
C LEU B 322 8.21 -36.48 4.13
N PRO B 323 8.78 -35.29 3.86
CA PRO B 323 7.93 -34.16 3.45
C PRO B 323 7.09 -34.47 2.22
N PHE B 324 7.65 -35.23 1.28
CA PHE B 324 6.89 -35.66 0.10
C PHE B 324 5.77 -36.62 0.49
N GLN B 325 6.03 -37.56 1.41
N GLN B 325 6.06 -37.58 1.38
CA GLN B 325 4.96 -38.46 1.82
CA GLN B 325 5.02 -38.47 1.91
C GLN B 325 3.82 -37.70 2.49
C GLN B 325 3.85 -37.68 2.46
N ALA B 326 4.14 -36.66 3.25
CA ALA B 326 3.10 -35.83 3.84
C ALA B 326 2.30 -35.11 2.76
N ALA B 327 2.97 -34.65 1.69
CA ALA B 327 2.25 -33.95 0.63
C ALA B 327 1.45 -34.91 -0.25
N ILE B 328 2.00 -36.10 -0.52
CA ILE B 328 1.28 -37.11 -1.28
C ILE B 328 -0.04 -37.44 -0.60
N ASP B 329 -0.02 -37.65 0.72
CA ASP B 329 -1.23 -37.94 1.47
C ASP B 329 -2.20 -36.76 1.48
N ALA B 330 -1.70 -35.53 1.46
CA ALA B 330 -2.60 -34.39 1.38
C ALA B 330 -3.24 -34.24 0.00
N GLY B 331 -2.82 -35.03 -0.98
CA GLY B 331 -3.44 -35.05 -2.28
C GLY B 331 -2.67 -34.34 -3.37
N VAL B 332 -1.34 -34.24 -3.25
CA VAL B 332 -0.58 -33.42 -4.18
C VAL B 332 -0.76 -33.95 -5.60
N SER B 333 -0.83 -33.01 -6.54
CA SER B 333 -1.22 -33.32 -7.90
C SER B 333 -0.08 -33.99 -8.67
N SER B 334 1.15 -33.52 -8.44
CA SER B 334 2.24 -33.88 -9.33
C SER B 334 3.56 -33.83 -8.56
N ILE B 335 4.54 -34.60 -9.04
CA ILE B 335 5.82 -34.77 -8.39
C ILE B 335 6.93 -34.62 -9.42
N MET B 336 7.98 -33.87 -9.07
CA MET B 336 9.13 -33.68 -9.96
C MET B 336 10.38 -34.33 -9.36
N PRO B 337 10.94 -35.35 -10.01
CA PRO B 337 12.21 -35.92 -9.54
C PRO B 337 13.38 -35.00 -9.82
N TYR B 338 14.42 -35.11 -9.00
CA TYR B 338 15.60 -34.28 -9.20
C TYR B 338 16.57 -34.96 -10.16
N TYR B 339 17.58 -34.19 -10.60
CA TYR B 339 18.62 -34.69 -11.48
C TYR B 339 19.54 -35.69 -10.80
N GLY B 340 19.62 -35.66 -9.46
CA GLY B 340 20.69 -36.34 -8.76
C GLY B 340 20.72 -37.84 -9.02
N VAL B 341 21.88 -38.42 -8.71
CA VAL B 341 22.17 -39.85 -8.77
C VAL B 341 22.31 -40.37 -7.34
N PRO B 342 21.46 -41.28 -6.87
CA PRO B 342 21.58 -41.71 -5.47
C PRO B 342 22.63 -42.81 -5.35
N VAL B 343 23.67 -42.55 -4.58
CA VAL B 343 24.83 -43.45 -4.52
C VAL B 343 24.64 -44.42 -3.36
N ASP B 344 24.43 -45.71 -3.68
CA ASP B 344 24.43 -46.79 -2.68
C ASP B 344 23.26 -46.67 -1.70
N VAL B 345 22.06 -46.39 -2.19
CA VAL B 345 20.90 -46.18 -1.32
C VAL B 345 20.12 -47.49 -1.28
N PRO B 346 19.88 -48.06 -0.10
CA PRO B 346 19.05 -49.27 -0.02
C PRO B 346 17.64 -49.04 -0.55
N VAL B 347 17.17 -49.98 -1.37
CA VAL B 347 15.84 -49.89 -1.97
C VAL B 347 14.77 -50.14 -0.92
N VAL B 348 13.88 -49.18 -0.74
CA VAL B 348 12.87 -49.24 0.29
C VAL B 348 11.87 -50.35 -0.03
N GLY B 349 11.63 -51.24 0.94
CA GLY B 349 10.73 -52.36 0.74
C GLY B 349 11.25 -53.40 -0.22
N GLY B 350 12.57 -53.47 -0.39
CA GLY B 350 13.22 -54.32 -1.37
C GLY B 350 14.19 -55.37 -0.88
N GLU B 351 14.90 -56.00 -1.85
CA GLU B 351 16.08 -56.87 -1.78
C GLU B 351 16.94 -56.49 -0.55
N PRO B 352 17.37 -57.45 0.27
CA PRO B 352 18.51 -57.17 1.13
C PRO B 352 19.65 -56.89 0.16
N GLY B 353 20.34 -55.78 0.36
CA GLY B 353 21.35 -55.43 -0.64
C GLY B 353 20.82 -54.72 -1.84
N GLU B 354 19.53 -54.41 -1.88
CA GLU B 354 19.10 -53.60 -3.03
C GLU B 354 19.58 -52.17 -2.99
N THR B 355 20.07 -51.67 -4.08
CA THR B 355 20.38 -50.27 -4.23
C THR B 355 19.71 -49.75 -5.48
N TYR B 356 19.31 -48.47 -5.45
CA TYR B 356 18.68 -47.87 -6.60
C TYR B 356 19.73 -47.71 -7.69
N PRO B 357 19.32 -47.61 -8.94
CA PRO B 357 20.31 -47.45 -10.02
C PRO B 357 21.16 -46.20 -9.80
N HIS B 358 22.39 -46.26 -10.27
CA HIS B 358 23.24 -45.08 -10.29
C HIS B 358 23.00 -44.30 -11.58
N THR B 359 21.76 -43.82 -11.69
CA THR B 359 21.33 -42.92 -12.74
C THR B 359 20.52 -41.81 -12.10
N GLY B 360 20.24 -40.75 -12.87
CA GLY B 360 19.28 -39.75 -12.43
C GLY B 360 17.95 -40.32 -12.02
N PHE B 361 17.25 -39.66 -11.08
CA PHE B 361 16.06 -40.24 -10.48
C PHE B 361 14.95 -40.48 -11.50
N ALA B 362 14.77 -39.56 -12.46
CA ALA B 362 13.65 -39.65 -13.39
C ALA B 362 13.78 -40.83 -14.34
N PHE B 363 14.96 -41.44 -14.43
CA PHE B 363 15.22 -42.59 -15.28
C PHE B 363 15.09 -43.91 -14.54
N SER B 364 14.86 -43.87 -13.23
CA SER B 364 14.88 -45.05 -12.36
C SER B 364 13.46 -45.54 -12.10
N ASP B 365 13.09 -46.67 -12.70
CA ASP B 365 11.80 -47.28 -12.41
C ASP B 365 11.62 -47.57 -10.92
N SER B 366 12.68 -48.03 -10.24
CA SER B 366 12.59 -48.33 -8.82
C SER B 366 12.29 -47.10 -7.99
N ILE B 367 12.67 -45.90 -8.47
CA ILE B 367 12.40 -44.67 -7.74
C ILE B 367 11.02 -44.13 -8.09
N VAL B 368 10.73 -43.99 -9.39
CA VAL B 368 9.49 -43.37 -9.82
C VAL B 368 8.31 -44.31 -9.61
N ASN B 369 8.42 -45.55 -10.09
CA ASN B 369 7.33 -46.50 -9.90
C ASN B 369 7.45 -47.27 -8.60
N GLY B 370 8.64 -47.76 -8.26
CA GLY B 370 8.80 -48.52 -7.04
C GLY B 370 8.58 -47.69 -5.79
N LEU B 371 9.49 -46.75 -5.52
CA LEU B 371 9.36 -45.95 -4.30
C LEU B 371 8.12 -45.08 -4.35
N LEU B 372 7.98 -44.23 -5.38
CA LEU B 372 6.97 -43.18 -5.36
C LEU B 372 5.55 -43.74 -5.46
N ARG B 373 5.31 -44.67 -6.38
CA ARG B 373 3.96 -45.15 -6.58
C ARG B 373 3.65 -46.39 -5.71
N ASP B 374 4.48 -47.43 -5.78
CA ASP B 374 4.20 -48.65 -5.03
C ASP B 374 4.39 -48.45 -3.53
N GLN B 375 5.52 -47.83 -3.13
CA GLN B 375 5.81 -47.74 -1.70
C GLN B 375 5.08 -46.59 -1.01
N LEU B 376 5.00 -45.43 -1.65
CA LEU B 376 4.39 -44.27 -1.01
C LEU B 376 2.95 -44.02 -1.44
N GLY B 377 2.46 -44.73 -2.45
CA GLY B 377 1.05 -44.66 -2.80
C GLY B 377 0.62 -43.47 -3.61
N PHE B 378 1.55 -42.80 -4.30
CA PHE B 378 1.22 -41.63 -5.11
C PHE B 378 0.40 -42.02 -6.34
N THR B 379 -0.69 -41.27 -6.59
CA THR B 379 -1.62 -41.57 -7.67
C THR B 379 -1.60 -40.53 -8.80
N GLY B 380 -0.71 -39.54 -8.76
CA GLY B 380 -0.72 -38.45 -9.72
C GLY B 380 0.18 -38.73 -10.91
N TYR B 381 0.62 -37.66 -11.55
CA TYR B 381 1.59 -37.73 -12.63
C TYR B 381 2.95 -37.17 -12.20
N VAL B 382 3.96 -37.53 -12.99
CA VAL B 382 5.34 -37.23 -12.69
C VAL B 382 5.88 -36.36 -13.80
N ASN B 383 6.47 -35.22 -13.41
CA ASN B 383 6.94 -34.15 -14.29
C ASN B 383 8.45 -34.13 -14.12
N SER B 384 9.20 -34.49 -15.18
CA SER B 384 10.66 -34.40 -15.12
C SER B 384 11.10 -32.98 -14.76
N ASP B 385 12.31 -32.88 -14.20
CA ASP B 385 12.95 -31.58 -14.13
C ASP B 385 13.54 -31.23 -15.49
N THR B 386 13.87 -29.96 -15.67
CA THR B 386 14.05 -29.41 -17.01
C THR B 386 15.38 -29.81 -17.61
N GLY B 387 15.35 -30.36 -18.81
CA GLY B 387 16.57 -30.66 -19.54
C GLY B 387 17.25 -31.97 -19.20
N ILE B 388 16.53 -32.94 -18.63
CA ILE B 388 17.17 -34.24 -18.36
C ILE B 388 17.55 -34.96 -19.65
N ILE B 389 16.86 -34.70 -20.76
CA ILE B 389 17.06 -35.52 -21.95
C ILE B 389 18.34 -35.13 -22.68
N ASN B 390 18.50 -33.85 -22.97
CA ASN B 390 19.68 -33.38 -23.70
C ASN B 390 20.86 -33.05 -22.78
N ASP B 391 20.60 -32.49 -21.61
CA ASP B 391 21.65 -31.86 -20.83
C ASP B 391 22.08 -32.62 -19.58
N ARG B 392 21.15 -33.26 -18.86
CA ARG B 392 21.47 -33.84 -17.56
C ARG B 392 20.98 -35.30 -17.47
N ALA B 393 21.30 -36.10 -18.48
CA ALA B 393 20.91 -37.52 -18.47
C ALA B 393 21.96 -38.31 -17.69
N TRP B 394 21.97 -38.08 -16.38
CA TRP B 394 23.03 -38.62 -15.54
C TRP B 394 22.90 -40.14 -15.43
N GLY B 395 24.01 -40.84 -15.66
CA GLY B 395 24.00 -42.27 -15.78
C GLY B 395 23.63 -42.79 -17.15
N LEU B 396 23.40 -41.90 -18.11
CA LEU B 396 23.00 -42.29 -19.46
C LEU B 396 23.85 -41.57 -20.49
N GLU B 397 25.13 -41.34 -20.15
CA GLU B 397 25.99 -40.46 -20.95
C GLU B 397 26.20 -40.99 -22.36
N GLY B 398 26.28 -42.29 -22.54
CA GLY B 398 26.46 -42.83 -23.87
C GLY B 398 25.20 -43.01 -24.69
N ASN B 399 24.04 -42.88 -24.08
CA ASN B 399 22.79 -43.16 -24.78
C ASN B 399 22.40 -42.00 -25.70
N THR B 400 21.64 -42.33 -26.73
CA THR B 400 21.07 -41.34 -27.63
C THR B 400 19.92 -40.61 -26.93
N VAL B 401 19.47 -39.52 -27.55
CA VAL B 401 18.27 -38.82 -27.04
C VAL B 401 17.03 -39.73 -27.04
N PRO B 402 16.68 -40.41 -28.13
CA PRO B 402 15.51 -41.32 -28.07
C PRO B 402 15.62 -42.35 -26.97
N GLU B 403 16.83 -42.88 -26.74
CA GLU B 403 17.01 -43.86 -25.67
C GLU B 403 16.74 -43.24 -24.30
N ARG B 404 17.15 -41.98 -24.09
CA ARG B 404 16.89 -41.36 -22.79
C ARG B 404 15.41 -41.04 -22.62
N VAL B 405 14.78 -40.51 -23.66
CA VAL B 405 13.32 -40.31 -23.58
C VAL B 405 12.63 -41.61 -23.19
N ALA B 406 12.99 -42.72 -23.86
CA ALA B 406 12.35 -44.00 -23.56
C ALA B 406 12.61 -44.42 -22.13
N ALA B 407 13.85 -44.21 -21.65
CA ALA B 407 14.20 -44.68 -20.32
C ALA B 407 13.43 -43.91 -19.24
N ALA B 408 13.24 -42.60 -19.42
CA ALA B 408 12.51 -41.81 -18.43
C ALA B 408 11.01 -42.12 -18.48
N ILE B 409 10.45 -42.18 -19.68
CA ILE B 409 9.02 -42.48 -19.79
C ILE B 409 8.73 -43.87 -19.23
N ASN B 410 9.46 -44.89 -19.71
CA ASN B 410 9.27 -46.25 -19.19
C ASN B 410 9.66 -46.37 -17.72
N GLY B 411 10.55 -45.51 -17.23
CA GLY B 411 10.81 -45.49 -15.81
C GLY B 411 9.66 -44.95 -14.98
N GLY B 412 8.66 -44.34 -15.61
CA GLY B 412 7.53 -43.79 -14.88
C GLY B 412 7.33 -42.29 -15.03
N THR B 413 8.16 -41.59 -15.81
CA THR B 413 7.98 -40.15 -15.94
C THR B 413 6.95 -39.89 -17.02
N ASP B 414 5.95 -39.06 -16.70
CA ASP B 414 4.80 -38.86 -17.57
C ASP B 414 4.93 -37.65 -18.50
N THR B 415 5.70 -36.63 -18.13
CA THR B 415 5.82 -35.46 -19.00
C THR B 415 7.24 -34.93 -18.81
N LEU B 416 7.88 -34.52 -19.92
CA LEU B 416 9.28 -34.13 -19.95
C LEU B 416 9.42 -32.59 -20.05
N SER B 417 10.00 -31.99 -19.02
CA SER B 417 10.21 -30.54 -19.00
C SER B 417 11.42 -30.13 -19.85
N GLY B 418 11.21 -29.17 -20.73
CA GLY B 418 12.30 -28.69 -21.55
C GLY B 418 12.51 -29.44 -22.84
N PHE B 419 11.72 -30.47 -23.09
CA PHE B 419 11.78 -31.27 -24.30
C PHE B 419 10.55 -30.99 -25.15
N SER B 420 10.76 -30.63 -26.42
CA SER B 420 9.66 -30.11 -27.23
C SER B 420 9.39 -30.85 -28.54
N ASP B 421 10.05 -31.98 -28.84
CA ASP B 421 9.93 -32.66 -30.14
C ASP B 421 9.05 -33.89 -29.96
N VAL B 422 7.75 -33.75 -30.24
CA VAL B 422 6.82 -34.86 -30.02
C VAL B 422 7.13 -36.03 -30.96
N SER B 423 7.72 -35.74 -32.11
CA SER B 423 8.04 -36.76 -33.10
C SER B 423 9.01 -37.80 -32.53
N VAL B 424 9.80 -37.45 -31.51
CA VAL B 424 10.72 -38.45 -30.95
C VAL B 424 9.93 -39.50 -30.18
N ILE B 425 8.87 -39.09 -29.48
CA ILE B 425 8.00 -40.05 -28.79
C ILE B 425 7.22 -40.87 -29.82
N THR B 426 6.81 -40.22 -30.91
CA THR B 426 6.16 -40.93 -32.02
C THR B 426 7.07 -42.00 -32.61
N ASP B 427 8.33 -41.65 -32.88
CA ASP B 427 9.30 -42.61 -33.37
C ASP B 427 9.51 -43.76 -32.39
N LEU B 428 9.58 -43.45 -31.10
CA LEU B 428 9.78 -44.53 -30.13
C LEU B 428 8.59 -45.47 -30.12
N TYR B 429 7.40 -44.97 -30.46
CA TYR B 429 6.26 -45.86 -30.59
C TYR B 429 6.43 -46.79 -31.79
N GLU B 430 6.71 -46.21 -32.97
CA GLU B 430 6.89 -46.98 -34.19
C GLU B 430 8.08 -47.91 -34.15
N ALA B 431 9.05 -47.67 -33.29
CA ALA B 431 10.15 -48.58 -33.06
C ALA B 431 9.88 -49.56 -31.92
N ASP B 432 8.66 -49.56 -31.36
CA ASP B 432 8.28 -50.47 -30.29
C ASP B 432 9.09 -50.25 -29.02
N LEU B 433 9.60 -49.04 -28.80
CA LEU B 433 10.30 -48.77 -27.54
C LEU B 433 9.39 -48.23 -26.45
N ILE B 434 8.25 -47.65 -26.82
CA ILE B 434 7.22 -47.26 -25.87
C ILE B 434 5.90 -47.77 -26.40
N SER B 435 5.11 -48.40 -25.54
CA SER B 435 3.82 -48.93 -25.91
C SER B 435 2.75 -47.84 -25.90
N GLU B 436 1.71 -48.03 -26.75
CA GLU B 436 0.58 -47.11 -26.65
C GLU B 436 -0.13 -47.23 -25.32
N GLU B 437 0.06 -48.34 -24.61
CA GLU B 437 -0.56 -48.47 -23.30
C GLU B 437 0.20 -47.65 -22.26
N ARG B 438 1.51 -47.47 -22.44
CA ARG B 438 2.23 -46.57 -21.55
C ARG B 438 1.83 -45.12 -21.81
N ILE B 439 1.71 -44.76 -23.10
CA ILE B 439 1.30 -43.42 -23.46
C ILE B 439 -0.13 -43.13 -23.00
N ASP B 440 -1.04 -44.10 -23.17
CA ASP B 440 -2.43 -43.92 -22.71
C ASP B 440 -2.46 -43.73 -21.21
N LEU B 441 -1.59 -44.44 -20.49
CA LEU B 441 -1.53 -44.29 -19.04
C LEU B 441 -1.04 -42.89 -18.68
N ALA B 442 -0.06 -42.36 -19.42
CA ALA B 442 0.40 -40.99 -19.16
C ALA B 442 -0.68 -39.98 -19.45
N ALA B 443 -1.38 -40.16 -20.58
CA ALA B 443 -2.49 -39.27 -20.93
C ALA B 443 -3.55 -39.26 -19.85
N GLU B 444 -3.84 -40.42 -19.26
CA GLU B 444 -4.89 -40.48 -18.24
C GLU B 444 -4.49 -39.67 -17.01
N ARG B 445 -3.26 -39.84 -16.53
CA ARG B 445 -2.79 -39.11 -15.36
C ARG B 445 -2.70 -37.61 -15.62
N LEU B 446 -2.34 -37.23 -16.85
CA LEU B 446 -2.15 -35.84 -17.20
C LEU B 446 -3.47 -35.11 -17.40
N LEU B 447 -4.48 -35.82 -17.93
CA LEU B 447 -5.77 -35.20 -18.19
C LEU B 447 -6.60 -35.06 -16.93
N GLU B 448 -6.46 -35.96 -15.95
CA GLU B 448 -7.33 -35.91 -14.77
C GLU B 448 -7.36 -34.54 -14.09
N PRO B 449 -6.24 -33.88 -13.80
CA PRO B 449 -6.33 -32.59 -13.09
C PRO B 449 -7.04 -31.52 -13.89
N LEU B 450 -6.88 -31.52 -15.21
CA LEU B 450 -7.55 -30.51 -16.03
C LEU B 450 -9.07 -30.64 -15.92
N PHE B 451 -9.59 -31.87 -15.89
CA PHE B 451 -11.02 -32.09 -15.66
C PHE B 451 -11.41 -31.68 -14.25
N ASP B 452 -10.69 -32.21 -13.24
CA ASP B 452 -11.13 -32.05 -11.86
C ASP B 452 -11.08 -30.59 -11.42
N MET B 453 -10.21 -29.80 -12.06
CA MET B 453 -10.06 -28.39 -11.75
C MET B 453 -11.02 -27.50 -12.53
N GLY B 454 -11.90 -28.08 -13.35
CA GLY B 454 -12.92 -27.31 -14.03
C GLY B 454 -12.50 -26.67 -15.34
N LEU B 455 -11.33 -27.02 -15.86
CA LEU B 455 -10.78 -26.30 -16.99
C LEU B 455 -11.45 -26.65 -18.30
N PHE B 456 -11.99 -27.87 -18.42
CA PHE B 456 -12.77 -28.20 -19.61
C PHE B 456 -14.06 -27.40 -19.69
N GLU B 457 -14.59 -26.94 -18.55
CA GLU B 457 -15.78 -26.08 -18.52
C GLU B 457 -15.43 -24.61 -18.77
N ASN B 458 -14.40 -24.10 -18.09
CA ASN B 458 -14.00 -22.70 -18.20
C ASN B 458 -12.52 -22.58 -17.84
N PRO B 459 -11.64 -22.40 -18.83
CA PRO B 459 -10.22 -22.18 -18.54
C PRO B 459 -9.75 -20.73 -18.60
N TYR B 460 -10.67 -19.77 -18.72
CA TYR B 460 -10.30 -18.36 -18.85
C TYR B 460 -10.45 -17.64 -17.52
N VAL B 461 -9.84 -16.45 -17.47
CA VAL B 461 -9.85 -15.59 -16.31
C VAL B 461 -10.15 -14.19 -16.80
N ASP B 462 -10.51 -13.32 -15.87
CA ASP B 462 -10.83 -11.95 -16.19
C ASP B 462 -9.62 -11.06 -15.93
N PRO B 463 -9.06 -10.39 -16.95
CA PRO B 463 -7.86 -9.56 -16.73
C PRO B 463 -8.06 -8.41 -15.75
N ASP B 464 -9.26 -7.85 -15.67
CA ASP B 464 -9.51 -6.75 -14.75
C ASP B 464 -9.63 -7.22 -13.31
N VAL B 465 -10.15 -8.43 -13.10
CA VAL B 465 -10.14 -9.00 -11.76
C VAL B 465 -8.71 -9.29 -11.31
N ALA B 466 -7.82 -9.62 -12.26
CA ALA B 466 -6.41 -9.81 -11.91
C ALA B 466 -5.78 -8.51 -11.43
N THR B 467 -6.06 -7.40 -12.12
CA THR B 467 -5.58 -6.09 -11.64
C THR B 467 -6.09 -5.82 -10.24
N ALA B 468 -7.33 -6.23 -9.94
CA ALA B 468 -7.89 -5.92 -8.64
C ALA B 468 -7.44 -6.87 -7.55
N THR B 469 -6.82 -8.01 -7.90
CA THR B 469 -6.46 -9.06 -6.96
C THR B 469 -4.97 -9.12 -6.65
N VAL B 470 -4.11 -8.95 -7.66
CA VAL B 470 -2.67 -9.14 -7.51
C VAL B 470 -2.11 -7.91 -6.80
N GLY B 471 -1.67 -8.08 -5.54
CA GLY B 471 -1.12 -6.97 -4.78
C GLY B 471 -2.13 -6.14 -4.03
N ALA B 472 -3.34 -6.69 -3.79
CA ALA B 472 -4.36 -5.98 -3.03
C ALA B 472 -3.81 -5.53 -1.67
N ASP B 473 -4.37 -4.43 -1.15
CA ASP B 473 -3.87 -3.86 0.12
C ASP B 473 -3.83 -4.90 1.22
N ASP B 474 -4.93 -5.65 1.39
CA ASP B 474 -4.97 -6.65 2.46
C ASP B 474 -3.96 -7.76 2.21
N HIS B 475 -3.69 -8.09 0.94
CA HIS B 475 -2.70 -9.13 0.65
C HIS B 475 -1.32 -8.66 1.04
N ARG B 476 -0.97 -7.43 0.65
CA ARG B 476 0.34 -6.87 0.97
C ARG B 476 0.55 -6.75 2.47
N ALA B 477 -0.53 -6.51 3.23
CA ALA B 477 -0.42 -6.43 4.68
C ALA B 477 -0.03 -7.78 5.28
N VAL B 478 -0.59 -8.88 4.77
CA VAL B 478 -0.21 -10.20 5.26
C VAL B 478 1.28 -10.43 5.05
N GLY B 479 1.78 -10.06 3.87
CA GLY B 479 3.20 -10.21 3.59
C GLY B 479 4.05 -9.36 4.51
N LEU B 480 3.63 -8.13 4.78
CA LEU B 480 4.36 -7.27 5.71
C LEU B 480 4.42 -7.88 7.11
N ASP B 481 3.30 -8.43 7.58
CA ASP B 481 3.28 -9.07 8.90
C ASP B 481 4.25 -10.25 8.96
N LEU B 482 4.30 -11.09 7.92
CA LEU B 482 5.21 -12.22 7.96
C LEU B 482 6.65 -11.76 7.77
N GLN B 483 6.86 -10.65 7.07
CA GLN B 483 8.19 -10.08 6.99
C GLN B 483 8.76 -9.83 8.39
N ARG B 484 7.98 -9.17 9.23
CA ARG B 484 8.43 -8.83 10.57
C ARG B 484 8.64 -10.07 11.42
N LYS B 485 7.74 -11.06 11.29
CA LYS B 485 7.84 -12.26 12.11
C LYS B 485 8.88 -13.23 11.60
N SER B 486 9.43 -12.98 10.43
CA SER B 486 10.53 -13.79 9.90
C SER B 486 11.87 -13.43 10.55
N LEU B 487 12.06 -12.18 10.95
CA LEU B 487 13.35 -11.72 11.43
C LEU B 487 13.78 -12.49 12.69
N VAL B 488 15.02 -12.98 12.69
CA VAL B 488 15.55 -13.77 13.79
C VAL B 488 16.63 -12.97 14.52
N LEU B 489 16.43 -12.73 15.82
CA LEU B 489 17.41 -12.03 16.66
C LEU B 489 18.37 -13.08 17.22
N LEU B 490 19.63 -13.02 16.78
CA LEU B 490 20.63 -14.01 17.14
C LEU B 490 21.56 -13.54 18.24
N GLN B 491 21.66 -12.24 18.45
CA GLN B 491 22.54 -11.68 19.46
C GLN B 491 22.07 -10.27 19.76
N ASN B 492 21.93 -9.94 21.05
CA ASN B 492 21.51 -8.60 21.45
C ASN B 492 22.14 -8.35 22.83
N GLU B 493 23.42 -7.96 22.82
CA GLU B 493 24.19 -7.94 24.05
C GLU B 493 23.80 -6.73 24.89
N GLU B 494 23.82 -6.92 26.21
CA GLU B 494 23.44 -5.85 27.14
C GLU B 494 24.66 -5.00 27.49
N THR B 495 24.47 -3.69 27.44
CA THR B 495 25.52 -2.72 27.76
C THR B 495 25.21 -2.05 29.10
N ASP B 496 26.08 -1.11 29.48
CA ASP B 496 25.83 -0.34 30.69
C ASP B 496 24.56 0.50 30.59
N GLU B 497 24.22 0.95 29.38
CA GLU B 497 23.01 1.73 29.14
C GLU B 497 21.82 0.87 28.72
N GLY B 498 21.92 -0.45 28.83
CA GLY B 498 20.82 -1.34 28.51
C GLY B 498 21.07 -2.19 27.28
N PRO B 499 20.04 -2.89 26.80
CA PRO B 499 20.21 -3.74 25.61
C PRO B 499 20.41 -2.90 24.35
N VAL B 500 21.25 -3.40 23.45
CA VAL B 500 21.54 -2.65 22.21
C VAL B 500 20.26 -2.44 21.40
N LEU B 501 19.41 -3.46 21.33
CA LEU B 501 18.12 -3.34 20.66
C LEU B 501 16.99 -3.51 21.67
N PRO B 502 15.91 -2.74 21.54
CA PRO B 502 15.66 -1.83 20.41
C PRO B 502 16.52 -0.57 20.40
N LEU B 503 16.59 0.08 19.24
CA LEU B 503 17.32 1.33 19.13
C LEU B 503 16.68 2.42 19.95
N LYS B 504 17.51 3.27 20.54
CA LYS B 504 16.98 4.46 21.17
C LYS B 504 16.59 5.47 20.11
N GLU B 505 15.78 6.41 20.54
CA GLU B 505 15.03 7.23 19.64
C GLU B 505 16.00 8.35 19.25
N GLY B 506 16.19 8.60 17.94
CA GLY B 506 17.14 9.64 17.60
C GLY B 506 18.62 9.27 17.75
N GLY B 507 19.52 10.03 17.09
CA GLY B 507 20.97 9.77 17.13
C GLY B 507 21.67 9.88 15.78
N ASP B 508 23.00 9.78 15.75
CA ASP B 508 23.76 9.75 14.50
C ASP B 508 23.97 8.28 14.11
N VAL B 509 23.52 7.91 12.91
CA VAL B 509 23.53 6.52 12.46
C VAL B 509 24.46 6.43 11.24
N TYR B 510 25.39 5.47 11.30
CA TYR B 510 26.20 5.08 10.14
C TYR B 510 25.52 3.87 9.47
N ILE B 511 25.37 3.91 8.15
CA ILE B 511 24.75 2.80 7.42
C ILE B 511 25.72 2.24 6.40
N LEU B 512 25.71 0.91 6.25
CA LEU B 512 26.53 0.23 5.27
C LEU B 512 25.77 -0.95 4.71
N GLY B 513 25.82 -1.13 3.40
CA GLY B 513 25.01 -2.17 2.80
C GLY B 513 23.67 -1.61 2.37
N ASP B 514 22.70 -2.52 2.18
CA ASP B 514 21.42 -2.21 1.54
C ASP B 514 20.42 -1.56 2.50
N PHE B 515 20.79 -0.40 3.03
CA PHE B 515 19.90 0.47 3.78
C PHE B 515 19.60 1.71 2.95
N THR B 516 18.33 2.11 2.86
CA THR B 516 17.93 3.33 2.17
C THR B 516 18.04 4.51 3.13
N GLU B 517 18.88 5.50 2.77
CA GLU B 517 19.23 6.56 3.71
C GLU B 517 18.00 7.33 4.19
N GLU B 518 17.16 7.80 3.25
CA GLU B 518 16.07 8.69 3.64
C GLU B 518 15.01 7.98 4.48
N THR B 519 14.78 6.68 4.27
CA THR B 519 13.81 6.03 5.15
C THR B 519 14.37 5.86 6.56
N VAL B 520 15.68 5.63 6.71
CA VAL B 520 16.28 5.61 8.05
C VAL B 520 16.26 7.01 8.67
N GLU B 521 16.55 8.04 7.87
CA GLU B 521 16.38 9.41 8.32
C GLU B 521 14.96 9.66 8.81
N SER B 522 13.96 9.05 8.13
CA SER B 522 12.55 9.27 8.44
C SER B 522 12.20 8.85 9.86
N TYR B 523 12.94 7.88 10.42
CA TYR B 523 12.67 7.49 11.80
C TYR B 523 13.32 8.42 12.81
N GLY B 524 13.84 9.57 12.38
CA GLY B 524 14.35 10.54 13.32
C GLY B 524 15.82 10.44 13.65
N TYR B 525 16.64 9.93 12.72
CA TYR B 525 18.08 9.86 12.89
C TYR B 525 18.76 10.75 11.86
N GLU B 526 19.94 11.22 12.20
CA GLU B 526 20.84 11.84 11.25
C GLU B 526 21.79 10.75 10.79
N VAL B 527 21.84 10.52 9.49
CA VAL B 527 22.44 9.31 8.93
C VAL B 527 23.71 9.68 8.19
N THR B 528 24.77 8.89 8.39
CA THR B 528 25.97 8.97 7.59
C THR B 528 26.02 7.76 6.68
N ASN B 529 26.21 7.98 5.37
CA ASN B 529 26.12 6.92 4.37
C ASN B 529 27.52 6.44 4.00
N GLY B 530 27.86 5.26 4.49
CA GLY B 530 29.11 4.62 4.13
C GLY B 530 29.15 3.98 2.76
N ASN B 531 28.03 3.87 2.06
CA ASN B 531 28.07 3.27 0.73
C ASN B 531 28.52 4.32 -0.29
N VAL B 532 29.80 4.33 -0.61
CA VAL B 532 30.32 5.21 -1.65
C VAL B 532 30.83 4.35 -2.79
N ALA B 533 30.93 4.94 -3.97
CA ALA B 533 31.45 4.17 -5.09
C ALA B 533 32.99 4.12 -4.98
N GLU B 534 33.57 3.21 -5.77
CA GLU B 534 35.01 3.03 -6.01
C GLU B 534 35.55 4.46 -6.16
N GLY B 535 36.63 4.84 -5.44
CA GLY B 535 37.31 6.09 -5.79
C GLY B 535 36.86 7.37 -5.09
N GLU B 536 35.91 7.29 -4.15
CA GLU B 536 35.54 8.42 -3.31
C GLU B 536 35.85 7.97 -1.88
N GLU B 537 36.24 8.86 -0.94
CA GLU B 537 36.36 8.35 0.42
C GLU B 537 35.20 7.44 0.72
N ARG B 538 35.41 6.60 1.63
CA ARG B 538 34.27 6.32 2.50
C ARG B 538 34.36 7.16 3.78
N PRO B 539 33.30 7.90 4.19
CA PRO B 539 33.38 8.69 5.44
C PRO B 539 33.53 7.80 6.65
N SER B 540 34.31 8.25 7.63
CA SER B 540 34.54 7.44 8.81
C SER B 540 33.28 7.31 9.65
N ALA B 541 33.16 6.15 10.31
CA ALA B 541 32.09 5.86 11.25
C ALA B 541 32.38 6.33 12.67
N ALA B 542 33.52 6.99 12.91
CA ALA B 542 33.86 7.45 14.26
C ALA B 542 32.84 8.47 14.75
N GLY B 543 32.37 8.30 15.98
CA GLY B 543 31.39 9.21 16.52
C GLY B 543 29.95 8.80 16.32
N SER B 544 29.70 7.68 15.66
CA SER B 544 28.35 7.21 15.44
C SER B 544 27.78 6.62 16.73
N ASP B 545 26.50 6.92 17.01
CA ASP B 545 25.81 6.23 18.09
C ASP B 545 25.39 4.82 17.70
N TYR B 546 25.21 4.56 16.41
CA TYR B 546 24.77 3.28 15.88
C TYR B 546 25.38 3.08 14.50
N VAL B 547 25.74 1.84 14.21
CA VAL B 547 26.18 1.46 12.88
C VAL B 547 25.29 0.33 12.42
N LEU B 548 24.56 0.54 11.34
CA LEU B 548 23.65 -0.45 10.77
C LEU B 548 24.33 -1.03 9.54
N ILE B 549 24.70 -2.31 9.62
CA ILE B 549 25.32 -3.03 8.52
C ILE B 549 24.34 -4.11 8.09
N SER B 550 23.98 -4.11 6.79
CA SER B 550 23.22 -5.20 6.21
C SER B 550 24.13 -5.89 5.20
N MET B 551 24.38 -7.19 5.41
CA MET B 551 25.42 -7.87 4.66
C MET B 551 24.96 -9.26 4.27
N THR B 552 25.68 -9.84 3.31
CA THR B 552 25.48 -11.21 2.88
C THR B 552 26.74 -11.63 2.13
N ALA B 553 26.73 -12.83 1.56
CA ALA B 553 27.76 -13.25 0.63
C ALA B 553 27.09 -13.83 -0.61
N LYS B 554 27.72 -13.61 -1.76
CA LYS B 554 27.19 -14.07 -3.04
C LYS B 554 28.32 -14.72 -3.84
N THR B 555 27.96 -15.63 -4.74
CA THR B 555 28.94 -16.28 -5.59
C THR B 555 29.25 -15.40 -6.78
N ASN B 556 30.47 -15.59 -7.32
CA ASN B 556 30.95 -14.85 -8.46
C ASN B 556 31.65 -15.81 -9.41
N ALA B 557 30.92 -16.81 -9.93
CA ALA B 557 31.55 -17.92 -10.62
C ALA B 557 31.31 -17.90 -12.13
N GLY B 558 30.92 -16.76 -12.70
CA GLY B 558 30.52 -16.72 -14.09
C GLY B 558 31.63 -16.99 -15.08
N ASP B 559 32.88 -16.96 -14.65
CA ASP B 559 34.02 -17.25 -15.51
C ASP B 559 34.35 -18.74 -15.62
N TYR B 560 33.70 -19.60 -14.83
CA TYR B 560 34.02 -21.02 -14.87
C TYR B 560 33.86 -21.59 -16.28
N VAL B 561 34.86 -22.32 -16.73
CA VAL B 561 34.82 -23.04 -18.00
C VAL B 561 35.38 -24.44 -17.76
N SER B 562 34.65 -25.47 -18.20
CA SER B 562 34.99 -26.84 -17.81
C SER B 562 36.26 -27.31 -18.51
N ASP B 563 36.39 -27.04 -19.80
CA ASP B 563 37.53 -27.51 -20.59
C ASP B 563 38.65 -26.48 -20.69
N ASP B 564 38.75 -25.59 -19.71
CA ASP B 564 39.78 -24.57 -19.70
C ASP B 564 40.91 -25.01 -18.80
N PRO B 565 42.15 -25.08 -19.29
CA PRO B 565 43.25 -25.50 -18.42
C PRO B 565 43.49 -24.57 -17.24
N SER B 566 43.11 -23.28 -17.34
CA SER B 566 43.22 -22.36 -16.21
C SER B 566 42.20 -22.64 -15.11
N LEU B 567 41.09 -23.34 -15.43
CA LEU B 567 40.00 -23.49 -14.47
C LEU B 567 39.54 -24.93 -14.28
N GLY B 568 38.64 -25.41 -15.15
CA GLY B 568 38.08 -26.74 -14.97
C GLY B 568 39.11 -27.86 -15.11
N LEU B 569 40.12 -27.67 -15.96
CA LEU B 569 41.17 -28.65 -16.18
C LEU B 569 42.50 -28.24 -15.53
N ASN B 570 42.45 -27.45 -14.46
CA ASN B 570 43.66 -26.95 -13.80
C ASN B 570 44.03 -27.86 -12.64
N PRO B 571 45.15 -28.59 -12.71
CA PRO B 571 45.47 -29.50 -11.60
C PRO B 571 45.63 -28.77 -10.27
N ASP B 572 45.96 -27.47 -10.31
CA ASP B 572 46.06 -26.69 -9.08
C ASP B 572 44.72 -26.52 -8.38
N HIS B 573 43.60 -26.74 -9.06
CA HIS B 573 42.30 -26.69 -8.41
C HIS B 573 41.91 -28.02 -7.80
N GLY B 574 42.81 -29.00 -7.79
CA GLY B 574 42.60 -30.24 -7.09
C GLY B 574 41.86 -31.24 -7.96
N THR B 575 41.27 -32.24 -7.31
CA THR B 575 40.49 -33.24 -8.01
C THR B 575 39.12 -33.40 -7.36
N ASN B 576 38.19 -33.91 -8.14
CA ASN B 576 36.85 -34.19 -7.66
C ASN B 576 36.84 -35.46 -6.81
N PRO B 577 36.58 -35.35 -5.50
CA PRO B 577 36.57 -36.55 -4.65
C PRO B 577 35.38 -37.46 -4.90
N SER B 578 34.40 -37.03 -5.68
CA SER B 578 33.16 -37.77 -5.79
C SER B 578 33.36 -38.94 -6.74
N VAL B 579 32.86 -40.11 -6.35
CA VAL B 579 32.94 -41.33 -7.15
C VAL B 579 31.54 -41.84 -7.39
N ILE B 580 31.20 -42.14 -8.65
CA ILE B 580 29.99 -42.92 -8.95
C ILE B 580 30.39 -44.00 -9.92
N ILE B 581 30.33 -45.24 -9.45
CA ILE B 581 30.58 -46.38 -10.29
C ILE B 581 29.28 -46.68 -10.99
N GLY B 582 29.29 -46.57 -12.30
CA GLY B 582 28.09 -46.92 -13.04
C GLY B 582 27.72 -48.37 -12.81
N ASP B 583 26.48 -48.65 -12.99
CA ASP B 583 26.25 -50.05 -12.93
C ASP B 583 26.88 -50.81 -14.18
N ASP B 584 27.69 -50.16 -15.04
CA ASP B 584 28.50 -50.85 -16.05
C ASP B 584 29.42 -51.82 -15.34
N GLY B 585 29.68 -51.47 -14.07
CA GLY B 585 30.82 -51.88 -13.31
C GLY B 585 31.97 -50.89 -13.23
N GLU B 586 32.06 -49.74 -14.25
CA GLU B 586 33.06 -48.67 -14.43
C GLU B 586 32.59 -47.28 -13.98
N PRO B 587 33.48 -46.42 -13.51
CA PRO B 587 33.04 -45.12 -12.98
C PRO B 587 32.40 -44.24 -14.05
N LEU B 588 31.45 -43.42 -13.62
CA LEU B 588 30.98 -42.37 -14.51
C LEU B 588 32.14 -41.42 -14.83
N PRO B 589 32.15 -40.84 -16.03
CA PRO B 589 33.33 -40.08 -16.47
C PRO B 589 33.68 -38.93 -15.51
N GLY B 590 34.97 -38.78 -15.24
CA GLY B 590 35.41 -37.71 -14.38
C GLY B 590 34.88 -37.82 -12.97
N LEU B 591 34.29 -38.96 -12.63
CA LEU B 591 33.76 -39.17 -11.29
C LEU B 591 34.33 -40.47 -10.71
N ASP B 592 35.64 -40.65 -10.88
CA ASP B 592 36.40 -41.74 -10.27
C ASP B 592 37.08 -41.32 -8.99
N GLY B 593 36.87 -40.09 -8.53
CA GLY B 593 37.49 -39.64 -7.31
C GLY B 593 38.89 -39.12 -7.46
N GLN B 594 39.37 -38.99 -8.70
CA GLN B 594 40.74 -38.57 -8.96
C GLN B 594 40.85 -37.85 -10.31
N SER B 595 39.75 -37.32 -10.82
CA SER B 595 39.73 -36.58 -12.07
C SER B 595 39.71 -35.08 -11.78
N LEU B 596 40.12 -34.31 -12.77
CA LEU B 596 40.00 -32.86 -12.71
C LEU B 596 38.52 -32.47 -12.70
N TRP B 597 38.22 -31.31 -12.12
CA TRP B 597 36.83 -30.95 -11.88
C TRP B 597 36.05 -30.91 -13.19
N GLY B 598 36.63 -30.35 -14.24
CA GLY B 598 35.94 -30.24 -15.50
C GLY B 598 35.79 -31.54 -16.26
N ALA B 599 36.42 -32.63 -15.79
CA ALA B 599 36.48 -33.87 -16.57
C ALA B 599 35.14 -34.59 -16.66
N ALA B 600 34.18 -34.23 -15.83
CA ALA B 600 32.86 -34.83 -15.89
C ALA B 600 31.99 -34.18 -16.97
N ASP B 601 32.35 -32.99 -17.42
CA ASP B 601 31.55 -32.30 -18.42
C ASP B 601 31.76 -32.95 -19.77
N VAL B 602 30.66 -33.13 -20.51
CA VAL B 602 30.69 -33.86 -21.77
C VAL B 602 31.53 -33.17 -22.83
N CYS B 603 31.65 -31.84 -22.79
CA CYS B 603 32.62 -31.19 -23.68
C CYS B 603 33.99 -31.81 -23.54
N VAL B 604 34.32 -32.33 -22.35
CA VAL B 604 35.62 -32.97 -22.12
C VAL B 604 35.56 -34.46 -22.44
N HIS B 605 34.72 -35.23 -21.74
CA HIS B 605 34.75 -36.68 -21.92
C HIS B 605 34.16 -37.13 -23.24
N LYS B 606 33.18 -36.39 -23.77
CA LYS B 606 32.61 -36.61 -25.11
C LYS B 606 31.94 -37.97 -25.26
N GLU B 607 31.46 -38.56 -24.17
CA GLU B 607 30.73 -39.81 -24.25
C GLU B 607 29.29 -39.50 -24.70
N GLY B 608 28.88 -40.12 -25.77
CA GLY B 608 27.60 -39.89 -26.40
C GLY B 608 27.80 -39.77 -27.89
N HIS B 609 26.76 -39.38 -28.60
CA HIS B 609 26.81 -39.42 -30.04
C HIS B 609 26.96 -38.03 -30.63
N GLU B 610 27.37 -37.09 -29.81
CA GLU B 610 27.55 -35.70 -30.21
C GLU B 610 29.04 -35.55 -30.54
N GLU B 611 29.33 -34.96 -31.70
CA GLU B 611 30.72 -34.98 -32.17
C GLU B 611 31.57 -34.00 -31.36
N ASN B 612 31.16 -32.73 -31.33
CA ASN B 612 31.78 -31.71 -30.47
C ASN B 612 30.73 -31.18 -29.50
N PRO B 613 30.42 -31.90 -28.43
CA PRO B 613 29.42 -31.41 -27.47
C PRO B 613 29.86 -30.12 -26.78
N SER B 614 28.89 -29.24 -26.55
CA SER B 614 29.07 -28.08 -25.66
C SER B 614 29.21 -28.52 -24.21
N CYS B 615 29.87 -27.68 -23.44
CA CYS B 615 29.93 -27.85 -21.99
C CYS B 615 28.57 -27.54 -21.39
N THR B 616 28.18 -28.33 -20.38
CA THR B 616 26.98 -28.04 -19.60
C THR B 616 27.23 -27.11 -18.43
N ASP B 617 28.45 -27.05 -17.91
CA ASP B 617 28.71 -26.37 -16.64
C ASP B 617 29.25 -24.95 -16.79
N ASN B 618 29.62 -24.53 -18.01
CA ASN B 618 30.24 -23.22 -18.20
C ASN B 618 29.38 -22.12 -17.60
N ARG B 619 30.04 -21.18 -16.91
CA ARG B 619 29.44 -20.01 -16.29
C ARG B 619 28.62 -20.37 -15.07
N LEU B 620 28.41 -21.64 -14.76
CA LEU B 620 27.64 -22.03 -13.57
C LEU B 620 26.37 -21.16 -13.43
N ARG B 621 25.58 -21.09 -14.52
CA ARG B 621 24.48 -20.13 -14.67
C ARG B 621 23.37 -20.30 -13.64
N PHE B 622 23.28 -21.44 -12.98
CA PHE B 622 22.19 -21.58 -12.05
C PHE B 622 22.52 -21.12 -10.64
N GLY B 623 23.79 -20.85 -10.34
CA GLY B 623 24.23 -20.61 -9.00
C GLY B 623 25.33 -21.58 -8.59
N GLY B 624 25.91 -21.28 -7.44
CA GLY B 624 26.96 -22.09 -6.83
C GLY B 624 28.34 -21.49 -7.06
N ALA B 625 29.25 -21.84 -6.17
CA ALA B 625 30.63 -21.36 -6.28
C ALA B 625 31.43 -22.31 -7.18
N TYR B 626 32.67 -21.90 -7.49
CA TYR B 626 33.61 -22.85 -8.05
C TYR B 626 33.56 -24.12 -7.22
N PRO B 627 33.57 -25.31 -7.83
CA PRO B 627 33.43 -26.54 -7.03
C PRO B 627 34.53 -26.71 -6.00
N TRP B 628 35.77 -26.38 -6.37
CA TRP B 628 36.85 -26.47 -5.39
C TRP B 628 36.69 -25.49 -4.23
N GLU B 629 35.75 -24.55 -4.30
CA GLU B 629 35.59 -23.55 -3.25
C GLU B 629 34.27 -23.69 -2.49
N SER B 630 33.52 -24.78 -2.71
CA SER B 630 32.17 -24.90 -2.22
C SER B 630 32.07 -25.05 -0.70
N SER B 631 33.17 -25.40 -0.01
CA SER B 631 33.12 -25.51 1.44
C SER B 631 33.58 -24.23 2.14
N ILE B 632 33.87 -23.17 1.39
CA ILE B 632 34.29 -21.91 1.98
C ILE B 632 33.02 -21.11 2.27
N LEU B 633 32.41 -21.35 3.43
CA LEU B 633 31.21 -20.65 3.85
C LEU B 633 31.45 -19.67 4.98
N ASP B 634 32.69 -19.52 5.44
CA ASP B 634 33.03 -18.58 6.48
C ASP B 634 33.39 -17.24 5.87
N PHE B 635 33.00 -16.15 6.55
CA PHE B 635 33.19 -14.83 5.94
C PHE B 635 34.66 -14.51 5.67
N THR B 636 35.59 -14.96 6.53
CA THR B 636 37.01 -14.70 6.22
C THR B 636 37.43 -15.44 4.95
N GLY B 637 37.17 -16.74 4.91
CA GLY B 637 37.47 -17.52 3.71
C GLY B 637 36.80 -16.98 2.46
N MET B 638 35.55 -16.52 2.59
CA MET B 638 34.82 -16.04 1.40
C MET B 638 35.44 -14.74 0.88
N GLU B 639 35.92 -13.88 1.79
CA GLU B 639 36.61 -12.67 1.34
C GLU B 639 37.81 -13.00 0.48
N ALA B 640 38.55 -14.05 0.85
CA ALA B 640 39.75 -14.45 0.12
C ALA B 640 39.48 -15.32 -1.12
N ALA B 641 38.32 -15.98 -1.19
CA ALA B 641 38.06 -16.94 -2.25
C ALA B 641 37.91 -16.27 -3.62
N GLU B 642 38.23 -17.03 -4.68
CA GLU B 642 38.12 -16.53 -6.04
C GLU B 642 36.67 -16.25 -6.43
N SER B 643 35.75 -17.11 -6.02
CA SER B 643 34.39 -17.09 -6.55
C SER B 643 33.35 -16.77 -5.49
N TRP B 644 33.76 -16.33 -4.31
CA TRP B 644 32.84 -15.82 -3.32
C TRP B 644 33.08 -14.33 -3.15
N GLU B 645 32.02 -13.61 -2.78
CA GLU B 645 32.11 -12.19 -2.53
C GLU B 645 31.26 -11.82 -1.33
N VAL B 646 31.88 -11.16 -0.36
CA VAL B 646 31.17 -10.60 0.80
C VAL B 646 30.73 -9.20 0.43
N VAL B 647 29.47 -8.86 0.73
CA VAL B 647 28.88 -7.59 0.36
C VAL B 647 28.16 -6.99 1.57
N PRO B 648 28.57 -5.81 2.06
CA PRO B 648 29.79 -5.12 1.64
C PRO B 648 31.02 -5.95 2.00
N SER B 649 32.14 -5.71 1.32
CA SER B 649 33.39 -6.40 1.58
C SER B 649 33.64 -6.54 3.09
N LEU B 650 34.19 -7.69 3.46
CA LEU B 650 34.53 -7.90 4.86
C LEU B 650 35.61 -6.92 5.33
N GLU B 651 36.45 -6.45 4.42
CA GLU B 651 37.47 -5.48 4.82
C GLU B 651 36.83 -4.16 5.22
N THR B 652 35.88 -3.68 4.42
CA THR B 652 35.19 -2.43 4.75
C THR B 652 34.44 -2.56 6.06
N ILE B 653 33.73 -3.68 6.24
CA ILE B 653 33.04 -3.94 7.51
C ILE B 653 34.03 -3.83 8.66
N GLN B 654 35.24 -4.39 8.48
CA GLN B 654 36.20 -4.43 9.57
C GLN B 654 36.77 -3.04 9.85
N GLU B 655 37.11 -2.29 8.79
CA GLU B 655 37.47 -0.90 8.95
C GLU B 655 36.40 -0.14 9.71
N VAL B 656 35.13 -0.30 9.31
CA VAL B 656 34.02 0.42 9.92
C VAL B 656 33.88 0.05 11.39
N MET B 657 34.04 -1.24 11.72
CA MET B 657 33.85 -1.67 13.11
C MET B 657 34.98 -1.16 14.02
N ALA B 658 36.18 -0.95 13.47
CA ALA B 658 37.26 -0.36 14.27
C ALA B 658 37.06 1.14 14.46
N GLU B 659 36.57 1.83 13.42
CA GLU B 659 36.41 3.28 13.49
C GLU B 659 35.41 3.69 14.57
N VAL B 660 34.33 2.94 14.74
CA VAL B 660 33.39 3.23 15.82
C VAL B 660 34.00 2.91 17.19
N GLU B 661 35.09 2.14 17.20
CA GLU B 661 35.84 1.74 18.39
C GLU B 661 35.05 0.75 19.23
N ASP B 662 33.88 1.13 19.74
CA ASP B 662 33.08 0.22 20.55
C ASP B 662 32.20 -0.64 19.63
N PRO B 663 32.54 -1.93 19.43
CA PRO B 663 31.78 -2.75 18.47
C PRO B 663 30.35 -3.01 18.89
N SER B 664 30.00 -2.79 20.17
CA SER B 664 28.64 -3.02 20.61
C SER B 664 27.64 -2.04 20.01
N LYS B 665 28.12 -0.99 19.34
CA LYS B 665 27.24 -0.08 18.62
C LYS B 665 26.92 -0.57 17.21
N VAL B 666 27.41 -1.74 16.83
CA VAL B 666 27.20 -2.30 15.49
C VAL B 666 26.04 -3.27 15.54
N ILE B 667 25.07 -3.06 14.65
CA ILE B 667 23.97 -3.99 14.45
C ILE B 667 24.16 -4.60 13.07
N LEU B 668 24.34 -5.93 13.02
CA LEU B 668 24.52 -6.68 11.79
C LEU B 668 23.20 -7.32 11.36
N HIS B 669 22.72 -6.96 10.18
CA HIS B 669 21.61 -7.66 9.54
C HIS B 669 22.23 -8.52 8.45
N VAL B 670 22.15 -9.83 8.63
CA VAL B 670 22.80 -10.79 7.75
C VAL B 670 21.76 -11.57 6.99
N TYR B 671 21.92 -11.64 5.67
CA TYR B 671 21.11 -12.53 4.84
C TYR B 671 21.91 -13.81 4.63
N PHE B 672 21.55 -14.84 5.40
CA PHE B 672 22.17 -16.17 5.28
C PHE B 672 21.58 -16.93 4.08
N ARG B 673 21.99 -16.51 2.88
CA ARG B 673 21.57 -17.19 1.65
C ARG B 673 21.88 -18.68 1.69
N GLN B 674 23.07 -19.03 2.15
CA GLN B 674 23.41 -20.35 2.63
C GLN B 674 23.73 -20.24 4.13
N PRO B 675 23.84 -21.35 4.84
CA PRO B 675 24.15 -21.25 6.28
C PRO B 675 25.58 -20.75 6.56
N TYR B 676 25.78 -19.46 6.33
CA TYR B 676 27.11 -18.87 6.45
C TYR B 676 27.62 -18.94 7.87
N VAL B 677 28.95 -18.98 7.99
CA VAL B 677 29.64 -19.16 9.27
C VAL B 677 30.30 -17.84 9.68
N LEU B 678 29.89 -17.33 10.84
CA LEU B 678 30.51 -16.15 11.48
C LEU B 678 31.77 -16.60 12.20
N ASP B 679 32.88 -16.67 11.48
CA ASP B 679 34.14 -17.17 12.04
C ASP B 679 34.74 -16.14 12.99
N GLU B 680 35.46 -16.62 14.01
CA GLU B 680 36.03 -15.73 15.04
C GLU B 680 37.04 -14.76 14.43
N GLU B 681 37.80 -15.21 13.42
CA GLU B 681 38.79 -14.34 12.80
C GLU B 681 38.15 -13.10 12.18
N SER B 682 36.86 -13.14 11.85
CA SER B 682 36.24 -12.03 11.14
C SER B 682 35.92 -10.84 12.04
N GLY B 683 35.65 -11.06 13.32
CA GLY B 683 35.26 -9.99 14.22
C GLY B 683 33.78 -9.67 14.21
N LEU B 684 33.02 -10.23 13.27
CA LEU B 684 31.58 -9.93 13.17
C LEU B 684 30.88 -10.35 14.44
N ARG B 685 31.44 -11.35 15.09
CA ARG B 685 30.80 -11.98 16.22
C ARG B 685 30.85 -11.10 17.47
N ASP B 686 31.63 -10.01 17.42
CA ASP B 686 31.68 -8.99 18.47
C ASP B 686 30.66 -7.86 18.28
N ALA B 687 29.90 -7.87 17.20
CA ALA B 687 28.88 -6.86 16.99
C ALA B 687 27.87 -6.87 18.14
N GLY B 688 27.34 -5.69 18.45
CA GLY B 688 26.38 -5.58 19.54
C GLY B 688 25.10 -6.36 19.31
N ALA B 689 24.60 -6.37 18.08
CA ALA B 689 23.41 -7.14 17.72
C ALA B 689 23.59 -7.76 16.35
N ILE B 690 23.12 -9.00 16.21
CA ILE B 690 23.16 -9.71 14.94
C ILE B 690 21.79 -10.32 14.69
N LEU B 691 21.26 -10.11 13.47
CA LEU B 691 19.99 -10.68 13.07
C LEU B 691 20.17 -11.44 11.77
N ALA B 692 19.35 -12.47 11.60
CA ALA B 692 19.20 -13.16 10.33
C ALA B 692 17.88 -12.69 9.73
N GLY B 693 17.97 -12.07 8.55
CA GLY B 693 16.80 -11.57 7.86
C GLY B 693 16.61 -12.37 6.58
N PHE B 694 15.35 -12.53 6.19
CA PHE B 694 15.02 -13.39 5.04
C PHE B 694 14.28 -12.61 3.96
N GLY B 695 14.51 -11.31 3.91
CA GLY B 695 13.89 -10.48 2.91
C GLY B 695 12.75 -9.70 3.50
N MET B 696 12.92 -8.39 3.65
CA MET B 696 11.88 -7.53 4.20
C MET B 696 12.09 -6.13 3.63
N THR B 697 11.02 -5.33 3.65
CA THR B 697 11.18 -3.93 3.23
C THR B 697 12.01 -3.15 4.25
N ASP B 698 12.48 -1.98 3.83
CA ASP B 698 13.29 -1.16 4.71
C ASP B 698 12.49 -0.67 5.90
N THR B 699 11.20 -0.34 5.70
CA THR B 699 10.39 0.09 6.83
C THR B 699 9.98 -1.08 7.71
N ALA B 700 9.87 -2.28 7.16
CA ALA B 700 9.58 -3.44 8.01
C ALA B 700 10.75 -3.72 8.95
N LEU B 701 11.98 -3.62 8.45
CA LEU B 701 13.12 -3.86 9.33
C LEU B 701 13.28 -2.74 10.35
N MET B 702 13.18 -1.47 9.93
CA MET B 702 13.29 -0.35 10.87
C MET B 702 12.19 -0.40 11.93
N ASP B 703 11.02 -0.95 11.59
CA ASP B 703 9.93 -1.07 12.55
C ASP B 703 10.27 -2.04 13.68
N VAL B 704 11.03 -3.09 13.39
CA VAL B 704 11.48 -4.01 14.44
C VAL B 704 12.72 -3.44 15.14
N LEU B 705 13.58 -2.74 14.40
CA LEU B 705 14.82 -2.21 14.97
C LEU B 705 14.53 -1.10 15.98
N THR B 706 13.52 -0.28 15.73
CA THR B 706 13.18 0.82 16.61
C THR B 706 12.17 0.42 17.67
N GLY B 707 11.82 -0.85 17.77
CA GLY B 707 10.99 -1.32 18.86
C GLY B 707 9.49 -1.25 18.64
N ALA B 708 9.04 -0.74 17.48
CA ALA B 708 7.60 -0.79 17.18
C ALA B 708 7.09 -2.21 17.16
N TYR B 709 7.92 -3.18 16.78
CA TYR B 709 7.62 -4.59 16.91
C TYR B 709 8.84 -5.30 17.48
N ALA B 710 8.58 -6.33 18.28
CA ALA B 710 9.63 -7.18 18.81
C ALA B 710 9.86 -8.37 17.90
N PRO B 711 11.09 -8.82 17.75
CA PRO B 711 11.34 -10.02 16.94
C PRO B 711 10.82 -11.29 17.61
N GLN B 712 10.37 -12.22 16.78
CA GLN B 712 9.95 -13.53 17.27
C GLN B 712 10.41 -14.68 16.40
N GLY B 713 11.00 -14.44 15.24
CA GLY B 713 11.41 -15.54 14.41
C GLY B 713 12.45 -16.40 15.10
N LYS B 714 12.45 -17.68 14.76
CA LYS B 714 13.42 -18.62 15.28
C LYS B 714 13.99 -19.43 14.12
N LEU B 715 15.25 -19.84 14.27
CA LEU B 715 15.99 -20.44 13.16
C LEU B 715 15.40 -21.77 12.72
N PRO B 716 15.10 -21.94 11.42
CA PRO B 716 14.70 -23.24 10.88
C PRO B 716 15.86 -24.11 10.41
N PHE B 717 17.10 -23.71 10.73
CA PHE B 717 18.30 -24.50 10.47
C PHE B 717 19.36 -24.04 11.47
N ALA B 718 20.27 -24.96 11.79
CA ALA B 718 21.40 -24.63 12.63
C ALA B 718 22.43 -23.81 11.87
N LEU B 719 23.18 -22.99 12.61
CA LEU B 719 24.31 -22.25 12.07
C LEU B 719 25.58 -22.76 12.73
N ALA B 720 26.66 -22.88 11.95
CA ALA B 720 27.94 -23.36 12.48
C ALA B 720 28.89 -22.20 12.76
N GLY B 721 29.87 -22.46 13.63
CA GLY B 721 30.85 -21.46 14.01
C GLY B 721 32.22 -21.61 13.37
N THR B 722 32.47 -22.75 12.73
CA THR B 722 33.78 -23.03 12.16
C THR B 722 33.61 -23.63 10.77
N ARG B 723 34.61 -23.42 9.92
CA ARG B 723 34.64 -24.13 8.64
C ARG B 723 34.81 -25.64 8.83
N GLU B 724 35.48 -26.06 9.91
CA GLU B 724 35.65 -27.49 10.16
C GLU B 724 34.29 -28.19 10.31
N ALA B 725 33.37 -27.60 11.07
CA ALA B 725 32.03 -28.15 11.19
C ALA B 725 31.35 -28.25 9.83
N ILE B 726 31.57 -27.26 8.96
CA ILE B 726 31.03 -27.32 7.61
C ILE B 726 31.58 -28.55 6.89
N ILE B 727 32.89 -28.78 7.02
CA ILE B 727 33.53 -29.86 6.27
C ILE B 727 33.24 -31.24 6.88
N GLU B 728 32.93 -31.29 8.17
CA GLU B 728 32.79 -32.57 8.86
C GLU B 728 31.36 -33.08 8.90
N GLN B 729 30.36 -32.19 8.82
CA GLN B 729 28.96 -32.58 8.95
C GLN B 729 28.54 -33.55 7.85
N ASP B 730 27.49 -34.30 8.13
CA ASP B 730 26.92 -35.28 7.20
C ASP B 730 25.93 -34.61 6.27
N SER B 731 26.12 -34.81 4.96
CA SER B 731 25.35 -34.06 3.97
C SER B 731 23.86 -34.33 4.04
N ASP B 732 23.44 -35.39 4.75
CA ASP B 732 22.03 -35.76 4.85
C ASP B 732 21.46 -35.57 6.24
N ARG B 733 22.23 -35.06 7.16
CA ARG B 733 21.85 -34.94 8.55
C ARG B 733 21.67 -33.47 8.92
N PRO B 734 20.67 -33.12 9.72
CA PRO B 734 20.54 -31.73 10.15
C PRO B 734 21.47 -31.37 11.29
N GLY B 735 21.87 -30.10 11.30
CA GLY B 735 22.62 -29.56 12.42
C GLY B 735 24.10 -29.88 12.31
N TYR B 736 24.80 -29.66 13.42
CA TYR B 736 26.23 -29.92 13.52
C TYR B 736 26.57 -30.63 14.83
N ASP B 737 25.60 -31.31 15.43
CA ASP B 737 25.75 -31.90 16.76
C ASP B 737 26.73 -33.07 16.78
N GLU B 738 27.07 -33.64 15.62
CA GLU B 738 28.03 -34.72 15.52
C GLU B 738 29.42 -34.24 15.12
N THR B 739 29.62 -32.93 15.06
CA THR B 739 30.90 -32.33 14.71
C THR B 739 31.74 -32.08 15.96
N GLU B 740 33.04 -31.85 15.74
CA GLU B 740 33.92 -31.52 16.85
C GLU B 740 33.59 -30.13 17.42
N ASP B 741 33.34 -29.17 16.54
CA ASP B 741 33.10 -27.80 16.96
C ASP B 741 31.63 -27.52 17.27
N GLY B 742 30.71 -28.31 16.73
CA GLY B 742 29.30 -28.18 17.07
C GLY B 742 28.64 -26.98 16.39
N ALA B 743 27.51 -26.57 16.93
CA ALA B 743 26.71 -25.49 16.36
C ALA B 743 26.99 -24.18 17.09
N LEU B 744 27.12 -23.10 16.32
CA LEU B 744 27.12 -21.77 16.89
C LEU B 744 25.73 -21.37 17.36
N TYR B 745 24.72 -21.58 16.51
CA TYR B 745 23.34 -21.34 16.83
C TYR B 745 22.56 -22.58 16.43
N PRO B 746 21.70 -23.11 17.30
CA PRO B 746 20.96 -24.33 16.97
C PRO B 746 19.66 -24.02 16.24
N PHE B 747 19.11 -25.06 15.64
CA PHE B 747 17.73 -25.01 15.19
C PHE B 747 16.84 -24.53 16.34
N GLY B 748 15.85 -23.71 16.01
CA GLY B 748 14.88 -23.24 16.98
C GLY B 748 15.33 -22.07 17.84
N TYR B 749 16.52 -21.52 17.58
CA TYR B 749 17.05 -20.43 18.41
C TYR B 749 16.59 -19.08 17.90
N GLY B 750 16.36 -18.17 18.84
CA GLY B 750 15.96 -16.82 18.50
C GLY B 750 15.56 -16.02 19.72
N LEU B 751 16.11 -14.81 19.86
CA LEU B 751 15.90 -13.95 21.00
C LEU B 751 14.71 -13.03 20.77
N THR B 752 14.40 -12.21 21.77
CA THR B 752 13.37 -11.18 21.65
C THR B 752 13.79 -9.98 22.47
N TYR B 753 12.89 -9.01 22.58
CA TYR B 753 13.03 -7.89 23.50
C TYR B 753 12.42 -8.29 24.83
N GLU B 754 13.02 -7.80 25.92
CA GLU B 754 12.44 -8.15 27.21
C GLU B 754 11.86 -6.91 27.84
N ASP B 755 10.82 -6.37 27.19
CA ASP B 755 10.02 -5.29 27.73
C ASP B 755 9.27 -5.72 28.98
N ASP B 756 9.12 -7.03 29.19
CA ASP B 756 8.56 -7.60 30.40
C ASP B 756 9.37 -7.17 31.61
#